data_3A23
#
_entry.id   3A23
#
_cell.length_a   68.256
_cell.length_b   99.081
_cell.length_c   181.630
_cell.angle_alpha   90.00
_cell.angle_beta   90.00
_cell.angle_gamma   90.00
#
_symmetry.space_group_name_H-M   'P 21 21 21'
#
loop_
_entity.id
_entity.type
_entity.pdbx_description
1 polymer 'Putative secreted alpha-galactosidase'
2 non-polymer beta-D-galactopyranose
3 non-polymer GLYCEROL
4 non-polymer 2-(2-{2-[2-(2-METHOXY-ETHOXY)-ETHOXY]-ETHOXY}-ETHOXY)-ETHANOL
5 non-polymer 'SULFATE ION'
6 non-polymer '4-(2-HYDROXYETHYL)-1-PIPERAZINE ETHANESULFONIC ACID'
7 water water
#
_entity_poly.entity_id   1
_entity_poly.type   'polypeptide(L)'
_entity_poly.pdbx_seq_one_letter_code
;AVTTRQITVPSAPMGWASWNSFAAKIDYSVIKKQVDAFVAAGLPAAGYTYINIDEGWWQGTRDSAGNITVDTAEWPGGMS
AITAYIHSKGLKAGIYTDAGKDGCGYYYPTGRPAAPGSGSEGHYDQDMLQFSTWGFDFVKVDWCGGDAEGLDAATTYKSI
SDAVGRAAATTGRPLTLSICNWGYQNPWNWAAGQAPLWRTSTDIIYYGNQPSMTSLLSNFDQTLHPTAQHTGYYNDPDML
MVGMDGFTAAQNRTHMNLWAISGAPLLAGNDLTTMTSETAGILKNPEVIAVDQDSRGLQGVKVAEDTTGLQAYGKVLSGT
GNRAVVLLNRTSAAHDITVRWSDLGLTNASATVRDLWARQNVGTSATGYTASVPAGGSVMLTVTGGTEAAGGAYAATSTG
RYTGVTAASTGLNVVDVAYTNNTSSARTATLQVNGQTATTVSFPPTGASAGTVSVEVSLSKGSANTLALSGGPATEGITV
RPLPGTNGALVTGKQSGRCADIYNNTITNGTQAELWDCNGGPNQSWTYTSRKELVLYGNKCLDAYNLGTTNGTKVVIWDC
NGQANQKWNINSDGTITNVNAGLCLDAYNAATANGTSLVLWSCGTGDNQKWTVT
;
_entity_poly.pdbx_strand_id   A,B
#
loop_
_chem_comp.id
_chem_comp.type
_chem_comp.name
_chem_comp.formula
1PG non-polymer 2-(2-{2-[2-(2-METHOXY-ETHOXY)-ETHOXY]-ETHOXY}-ETHOXY)-ETHANOL 'C11 H24 O6'
EPE non-polymer '4-(2-HYDROXYETHYL)-1-PIPERAZINE ETHANESULFONIC ACID' 'C8 H18 N2 O4 S'
GAL D-saccharide, beta linking beta-D-galactopyranose 'C6 H12 O6'
GOL non-polymer GLYCEROL 'C3 H8 O3'
SO4 non-polymer 'SULFATE ION' 'O4 S -2'
#
# COMPACT_ATOMS: atom_id res chain seq x y z
N ALA A 1 35.06 27.15 -21.28
CA ALA A 1 36.17 27.41 -20.32
C ALA A 1 35.66 27.80 -18.93
N VAL A 2 36.51 27.61 -17.93
CA VAL A 2 36.25 28.06 -16.56
C VAL A 2 36.71 29.52 -16.46
N THR A 3 35.77 30.45 -16.23
CA THR A 3 36.07 31.90 -16.25
C THR A 3 35.70 32.66 -14.96
N THR A 4 34.75 32.12 -14.19
CA THR A 4 34.48 32.60 -12.84
C THR A 4 34.63 31.43 -11.87
N ARG A 5 35.38 31.64 -10.78
CA ARG A 5 35.66 30.52 -9.88
C ARG A 5 34.42 30.11 -9.07
N GLN A 6 34.31 28.81 -8.83
CA GLN A 6 33.30 28.28 -7.93
C GLN A 6 33.76 28.43 -6.50
N ILE A 7 32.90 29.05 -5.68
CA ILE A 7 33.15 29.25 -4.26
C ILE A 7 32.73 28.00 -3.49
N THR A 8 33.63 27.50 -2.65
CA THR A 8 33.35 26.34 -1.82
C THR A 8 32.29 26.67 -0.78
N VAL A 9 31.32 25.78 -0.64
CA VAL A 9 30.29 25.93 0.38
C VAL A 9 30.49 24.90 1.50
N PRO A 10 29.95 25.18 2.70
CA PRO A 10 30.16 24.24 3.81
C PRO A 10 29.62 22.84 3.50
N SER A 11 30.35 21.81 3.95
CA SER A 11 29.97 20.40 3.81
C SER A 11 29.05 19.96 4.96
N ALA A 12 28.38 18.82 4.77
CA ALA A 12 27.59 18.24 5.87
C ALA A 12 28.51 17.74 6.99
N PRO A 13 28.00 17.72 8.25
CA PRO A 13 28.81 17.22 9.36
C PRO A 13 29.28 15.78 9.15
N MET A 14 30.49 15.50 9.62
CA MET A 14 31.02 14.14 9.72
C MET A 14 31.39 13.92 11.18
N GLY A 15 31.12 12.74 11.70
CA GLY A 15 31.47 12.43 13.09
C GLY A 15 30.88 11.12 13.53
N TRP A 16 30.54 11.03 14.81
CA TRP A 16 29.93 9.84 15.40
C TRP A 16 28.90 10.32 16.40
N ALA A 17 27.80 9.56 16.58
CA ALA A 17 26.76 9.90 17.53
C ALA A 17 26.31 8.64 18.32
N SER A 18 25.88 8.85 19.56
CA SER A 18 25.74 7.75 20.53
C SER A 18 24.46 6.90 20.42
N TRP A 19 23.49 7.37 19.64
CA TRP A 19 22.15 6.77 19.66
C TRP A 19 22.05 5.34 19.11
N ASN A 20 22.52 5.12 17.88
CA ASN A 20 22.27 3.86 17.17
C ASN A 20 22.76 2.63 17.94
N SER A 21 23.90 2.74 18.61
CA SER A 21 24.48 1.61 19.34
C SER A 21 24.21 1.58 20.84
N PHE A 22 23.90 2.72 21.46
CA PHE A 22 23.77 2.76 22.92
C PHE A 22 22.39 3.16 23.44
N ALA A 23 21.54 3.63 22.54
CA ALA A 23 20.26 4.21 22.92
C ALA A 23 20.51 5.19 24.08
N ALA A 24 19.65 5.21 25.10
CA ALA A 24 19.84 6.17 26.20
C ALA A 24 20.88 5.74 27.25
N LYS A 25 21.46 4.55 27.07
CA LYS A 25 22.45 4.01 28.00
C LYS A 25 23.84 4.60 27.78
N ILE A 26 23.97 5.89 28.07
CA ILE A 26 25.22 6.63 27.91
C ILE A 26 25.57 7.36 29.21
N ASP A 27 26.88 7.53 29.41
CA ASP A 27 27.44 8.34 30.48
C ASP A 27 28.83 8.78 30.02
N TYR A 28 29.53 9.53 30.87
CA TYR A 28 30.88 9.98 30.55
C TYR A 28 31.78 8.84 30.05
N SER A 29 31.79 7.70 30.75
CA SER A 29 32.68 6.60 30.40
C SER A 29 32.40 6.03 29.01
N VAL A 30 31.11 5.90 28.67
CA VAL A 30 30.71 5.42 27.34
C VAL A 30 31.25 6.36 26.25
N ILE A 31 31.04 7.66 26.42
CA ILE A 31 31.49 8.64 25.42
C ILE A 31 33.02 8.66 25.33
N LYS A 32 33.69 8.71 26.49
CA LYS A 32 35.16 8.69 26.51
C LYS A 32 35.75 7.53 25.72
N LYS A 33 35.21 6.33 25.93
CA LYS A 33 35.73 5.14 25.25
C LYS A 33 35.55 5.21 23.74
N GLN A 34 34.42 5.77 23.31
CA GLN A 34 34.15 5.93 21.89
C GLN A 34 35.07 6.96 21.27
N VAL A 35 35.34 8.06 22.00
CA VAL A 35 36.28 9.08 21.56
C VAL A 35 37.65 8.46 21.34
N ASP A 36 38.10 7.66 22.30
CA ASP A 36 39.42 7.03 22.21
C ASP A 36 39.54 6.11 21.00
N ALA A 37 38.49 5.33 20.76
CA ALA A 37 38.46 4.41 19.64
C ALA A 37 38.36 5.13 18.27
N PHE A 38 37.57 6.20 18.24
CA PHE A 38 37.46 7.15 17.10
C PHE A 38 38.85 7.66 16.68
N VAL A 39 39.61 8.14 17.67
CA VAL A 39 40.97 8.63 17.47
C VAL A 39 41.90 7.49 17.01
N ALA A 40 41.82 6.36 17.71
CA ALA A 40 42.69 5.22 17.44
C ALA A 40 42.51 4.66 16.04
N ALA A 41 41.28 4.74 15.54
CA ALA A 41 40.93 4.23 14.21
C ALA A 41 41.31 5.19 13.07
N GLY A 42 41.81 6.37 13.42
CA GLY A 42 42.22 7.36 12.44
C GLY A 42 41.07 8.09 11.77
N LEU A 43 39.90 8.07 12.40
CA LEU A 43 38.74 8.81 11.85
C LEU A 43 38.97 10.33 11.70
N PRO A 44 39.67 10.97 12.67
CA PRO A 44 39.86 12.42 12.50
C PRO A 44 40.56 12.83 11.20
N ALA A 45 41.59 12.07 10.79
CA ALA A 45 42.35 12.39 9.57
C ALA A 45 41.50 12.25 8.30
N ALA A 46 40.49 11.39 8.37
CA ALA A 46 39.59 11.19 7.24
C ALA A 46 38.53 12.30 7.16
N GLY A 47 38.43 13.13 8.22
CA GLY A 47 37.48 14.26 8.20
C GLY A 47 36.38 14.20 9.24
N TYR A 48 36.29 13.08 9.97
CA TYR A 48 35.29 12.93 11.05
C TYR A 48 35.65 13.86 12.21
N THR A 49 34.71 14.71 12.62
CA THR A 49 35.03 15.81 13.54
C THR A 49 34.16 15.85 14.80
N TYR A 50 32.89 15.49 14.66
CA TYR A 50 31.92 15.63 15.76
C TYR A 50 31.80 14.37 16.59
N ILE A 51 31.75 14.55 17.91
CA ILE A 51 31.36 13.48 18.84
C ILE A 51 30.06 13.97 19.46
N ASN A 52 28.96 13.35 19.05
CA ASN A 52 27.63 13.84 19.42
C ASN A 52 26.96 12.97 20.44
N ILE A 53 26.65 13.58 21.58
CA ILE A 53 25.97 12.92 22.68
C ILE A 53 24.47 13.09 22.44
N ASP A 54 23.81 11.98 22.21
CA ASP A 54 22.40 11.97 21.88
C ASP A 54 21.57 11.82 23.16
N GLU A 55 20.36 11.27 23.05
CA GLU A 55 19.43 11.16 24.18
C GLU A 55 20.00 10.33 25.31
N GLY A 56 19.77 10.76 26.55
CA GLY A 56 20.13 9.95 27.72
C GLY A 56 21.06 10.61 28.72
N TRP A 57 21.59 11.78 28.37
CA TRP A 57 22.52 12.52 29.24
C TRP A 57 21.78 13.36 30.30
N TRP A 58 20.49 13.64 30.05
CA TRP A 58 19.72 14.58 30.88
C TRP A 58 18.35 14.02 31.21
N GLN A 59 18.01 13.98 32.51
CA GLN A 59 16.74 13.38 32.93
C GLN A 59 15.62 14.41 33.18
N GLY A 60 15.83 15.63 32.68
CA GLY A 60 14.76 16.65 32.74
C GLY A 60 14.85 17.61 33.91
N THR A 61 15.85 17.39 34.77
CA THR A 61 16.05 18.20 35.96
C THR A 61 16.62 19.58 35.65
N ARG A 62 16.13 20.57 36.41
CA ARG A 62 16.63 21.95 36.37
C ARG A 62 16.72 22.47 37.80
N ASP A 63 17.63 23.42 38.03
CA ASP A 63 17.71 24.10 39.33
C ASP A 63 16.63 25.17 39.44
N SER A 64 16.58 25.89 40.56
CA SER A 64 15.50 26.87 40.78
C SER A 64 15.53 28.06 39.81
N ALA A 65 16.68 28.30 39.19
CA ALA A 65 16.80 29.37 38.20
C ALA A 65 16.53 28.87 36.78
N GLY A 66 16.13 27.60 36.67
CA GLY A 66 15.83 27.01 35.37
C GLY A 66 17.03 26.47 34.60
N ASN A 67 18.22 26.45 35.21
CA ASN A 67 19.41 25.87 34.56
C ASN A 67 19.34 24.35 34.55
N ILE A 68 19.63 23.75 33.41
CA ILE A 68 19.74 22.30 33.30
C ILE A 68 20.76 21.78 34.31
N THR A 69 20.37 20.76 35.06
CA THR A 69 21.27 20.09 36.00
C THR A 69 21.46 18.64 35.52
N VAL A 70 22.66 18.09 35.69
CA VAL A 70 22.92 16.69 35.33
C VAL A 70 23.33 15.85 36.54
N ASP A 71 23.20 14.53 36.41
CA ASP A 71 23.63 13.62 37.45
C ASP A 71 25.15 13.42 37.32
N THR A 72 25.92 14.00 38.24
CA THR A 72 27.39 13.91 38.13
C THR A 72 27.97 12.52 38.44
N ALA A 73 27.15 11.60 38.98
CA ALA A 73 27.57 10.20 39.05
C ALA A 73 27.77 9.64 37.64
N GLU A 74 26.96 10.10 36.70
CA GLU A 74 27.11 9.66 35.30
C GLU A 74 28.00 10.62 34.52
N TRP A 75 27.99 11.88 34.92
CA TRP A 75 28.76 12.93 34.24
C TRP A 75 29.65 13.68 35.23
N PRO A 76 30.72 13.02 35.69
CA PRO A 76 31.59 13.68 36.69
C PRO A 76 32.19 14.96 36.12
N GLY A 77 32.18 16.01 36.93
CA GLY A 77 32.65 17.33 36.52
C GLY A 77 31.62 18.11 35.72
N GLY A 78 30.44 17.52 35.51
CA GLY A 78 29.41 18.15 34.71
C GLY A 78 29.70 18.03 33.21
N MET A 79 28.83 18.60 32.39
CA MET A 79 28.96 18.45 30.93
C MET A 79 30.21 19.10 30.35
N SER A 80 30.75 20.13 31.01
CA SER A 80 31.97 20.77 30.50
C SER A 80 33.18 19.84 30.55
N ALA A 81 33.10 18.77 31.36
CA ALA A 81 34.20 17.80 31.45
C ALA A 81 34.27 16.89 30.21
N ILE A 82 33.11 16.51 29.69
CA ILE A 82 33.11 15.70 28.47
C ILE A 82 33.44 16.53 27.22
N THR A 83 33.00 17.79 27.16
CA THR A 83 33.41 18.66 26.03
C THR A 83 34.92 18.94 26.06
N ALA A 84 35.47 19.08 27.27
CA ALA A 84 36.90 19.32 27.41
C ALA A 84 37.67 18.11 26.90
N TYR A 85 37.21 16.91 27.23
CA TYR A 85 37.83 15.68 26.75
C TYR A 85 37.79 15.58 25.23
N ILE A 86 36.61 15.81 24.66
CA ILE A 86 36.42 15.78 23.20
C ILE A 86 37.34 16.81 22.52
N HIS A 87 37.32 18.05 23.01
CA HIS A 87 38.19 19.12 22.48
C HIS A 87 39.68 18.82 22.63
N SER A 88 40.04 18.08 23.67
CA SER A 88 41.44 17.74 23.93
C SER A 88 42.00 16.87 22.79
N LYS A 89 41.10 16.24 22.03
CA LYS A 89 41.48 15.41 20.90
C LYS A 89 41.33 16.14 19.56
N GLY A 90 41.14 17.46 19.63
CA GLY A 90 40.95 18.28 18.44
C GLY A 90 39.62 18.05 17.74
N LEU A 91 38.63 17.57 18.49
CA LEU A 91 37.32 17.26 17.94
C LEU A 91 36.25 18.24 18.44
N LYS A 92 35.07 18.17 17.83
CA LYS A 92 33.92 18.99 18.20
C LYS A 92 32.90 18.14 18.98
N ALA A 93 32.17 18.78 19.89
CA ALA A 93 31.26 18.06 20.78
C ALA A 93 29.82 18.43 20.46
N GLY A 94 28.95 17.42 20.44
CA GLY A 94 27.52 17.64 20.20
C GLY A 94 26.64 17.25 21.38
N ILE A 95 25.51 17.94 21.50
CA ILE A 95 24.53 17.67 22.55
C ILE A 95 23.12 17.58 21.94
N TYR A 96 22.14 17.27 22.78
CA TYR A 96 20.83 16.84 22.31
C TYR A 96 19.75 17.37 23.24
N THR A 97 18.70 17.93 22.65
CA THR A 97 17.53 18.38 23.42
C THR A 97 16.27 18.27 22.54
N ASP A 98 15.13 18.73 23.07
CA ASP A 98 13.85 18.74 22.37
C ASP A 98 13.33 20.16 22.21
N ALA A 99 12.54 20.35 21.17
CA ALA A 99 11.87 21.62 20.90
C ALA A 99 10.73 21.87 21.90
N GLY A 100 10.15 20.78 22.42
CA GLY A 100 9.02 20.90 23.35
C GLY A 100 9.44 20.95 24.82
N LYS A 101 8.45 20.83 25.71
CA LYS A 101 8.69 20.92 27.15
C LYS A 101 9.29 19.65 27.74
N ASP A 102 9.08 18.53 27.05
CA ASP A 102 9.55 17.21 27.46
C ASP A 102 10.10 16.54 26.21
N GLY A 103 11.10 15.68 26.39
CA GLY A 103 11.80 15.10 25.26
C GLY A 103 11.43 13.68 24.92
N CYS A 104 12.15 13.12 23.96
CA CYS A 104 11.92 11.73 23.58
C CYS A 104 12.17 10.77 24.73
N GLY A 105 13.06 11.16 25.65
CA GLY A 105 13.31 10.38 26.89
C GLY A 105 12.12 10.34 27.82
N TYR A 106 11.18 11.26 27.62
CA TYR A 106 9.89 11.21 28.31
C TYR A 106 8.84 10.43 27.51
N TYR A 107 8.60 10.86 26.28
CA TYR A 107 7.52 10.31 25.45
C TYR A 107 7.76 8.87 25.00
N TYR A 108 9.01 8.53 24.73
CA TYR A 108 9.36 7.19 24.24
C TYR A 108 10.59 6.63 24.99
N PRO A 109 10.44 6.31 26.28
CA PRO A 109 11.61 5.86 27.05
C PRO A 109 12.22 4.58 26.45
N THR A 110 13.54 4.55 26.38
CA THR A 110 14.27 3.54 25.61
C THR A 110 15.61 3.29 26.29
N GLY A 111 15.59 2.48 27.35
CA GLY A 111 16.79 2.15 28.12
C GLY A 111 16.85 2.78 29.51
N ARG A 112 15.92 3.69 29.78
CA ARG A 112 15.83 4.43 31.06
C ARG A 112 14.37 4.71 31.38
N PRO A 113 14.05 4.95 32.67
CA PRO A 113 12.70 5.45 33.01
C PRO A 113 12.40 6.79 32.34
N ALA A 114 11.13 7.10 32.17
CA ALA A 114 10.69 8.38 31.58
C ALA A 114 11.32 9.57 32.28
N ALA A 115 11.68 10.58 31.47
CA ALA A 115 12.37 11.76 31.95
C ALA A 115 11.54 13.02 31.69
N PRO A 116 10.55 13.30 32.57
CA PRO A 116 9.75 14.52 32.41
C PRO A 116 10.61 15.78 32.46
N GLY A 117 10.29 16.75 31.61
CA GLY A 117 10.99 18.04 31.58
C GLY A 117 12.21 18.08 30.67
N SER A 118 12.47 16.98 29.97
CA SER A 118 13.66 16.86 29.11
C SER A 118 13.54 17.56 27.74
N GLY A 119 13.05 18.80 27.75
CA GLY A 119 13.00 19.60 26.52
C GLY A 119 13.28 21.06 26.82
N SER A 120 13.60 21.85 25.78
CA SER A 120 14.06 23.22 25.97
C SER A 120 13.00 24.33 25.81
N GLU A 121 11.75 23.95 25.56
CA GLU A 121 10.69 24.94 25.41
C GLU A 121 10.58 25.81 26.66
N GLY A 122 10.41 27.12 26.45
CA GLY A 122 10.43 28.11 27.52
C GLY A 122 11.85 28.44 27.98
N HIS A 123 12.84 27.73 27.43
CA HIS A 123 14.24 27.96 27.81
C HIS A 123 15.16 27.93 26.59
N TYR A 124 14.71 28.37 25.42
CA TYR A 124 15.56 28.24 24.23
C TYR A 124 16.87 29.02 24.38
N ASP A 125 16.78 30.30 24.72
CA ASP A 125 17.99 31.08 24.89
C ASP A 125 18.82 30.61 26.07
N GLN A 126 18.17 30.34 27.20
CA GLN A 126 18.86 29.81 28.37
C GLN A 126 19.65 28.53 28.05
N ASP A 127 18.98 27.57 27.44
CA ASP A 127 19.60 26.28 27.15
C ASP A 127 20.67 26.34 26.06
N MET A 128 20.41 27.07 24.99
CA MET A 128 21.41 27.23 23.92
C MET A 128 22.66 27.90 24.47
N LEU A 129 22.47 28.94 25.28
CA LEU A 129 23.61 29.58 25.93
C LEU A 129 24.35 28.58 26.80
N GLN A 130 23.60 27.79 27.59
CA GLN A 130 24.20 26.79 28.46
C GLN A 130 25.03 25.79 27.69
N PHE A 131 24.49 25.28 26.59
CA PHE A 131 25.22 24.30 25.79
C PHE A 131 26.51 24.92 25.26
N SER A 132 26.43 26.15 24.78
CA SER A 132 27.60 26.80 24.20
C SER A 132 28.65 27.10 25.28
N THR A 133 28.17 27.52 26.45
CA THR A 133 29.07 27.82 27.60
C THR A 133 29.79 26.57 28.08
N TRP A 134 29.08 25.43 28.09
CA TRP A 134 29.67 24.14 28.41
C TRP A 134 30.74 23.73 27.40
N GLY A 135 30.69 24.30 26.19
CA GLY A 135 31.68 23.96 25.16
C GLY A 135 31.17 23.16 23.97
N PHE A 136 29.86 22.95 23.89
CA PHE A 136 29.29 22.25 22.73
C PHE A 136 29.34 23.06 21.44
N ASP A 137 29.65 22.34 20.36
CA ASP A 137 29.79 22.89 19.01
C ASP A 137 28.64 22.53 18.09
N PHE A 138 27.76 21.65 18.58
CA PHE A 138 26.69 21.04 17.77
C PHE A 138 25.51 20.78 18.69
N VAL A 139 24.29 20.97 18.20
CA VAL A 139 23.11 20.63 18.99
C VAL A 139 22.05 20.05 18.08
N LYS A 140 21.57 18.87 18.46
CA LYS A 140 20.49 18.19 17.76
C LYS A 140 19.21 18.47 18.53
N VAL A 141 18.21 19.05 17.85
CA VAL A 141 16.99 19.45 18.53
C VAL A 141 15.82 18.64 18.01
N ASP A 142 15.36 17.73 18.86
CA ASP A 142 14.34 16.76 18.49
C ASP A 142 12.92 17.33 18.62
N TRP A 143 11.93 16.50 18.30
CA TRP A 143 10.55 16.94 18.05
C TRP A 143 9.50 16.15 18.85
N CYS A 144 9.91 15.33 19.80
CA CYS A 144 8.92 14.54 20.54
C CYS A 144 7.90 15.42 21.28
N GLY A 145 8.38 16.46 21.94
CA GLY A 145 7.50 17.42 22.61
C GLY A 145 6.77 18.35 21.65
N GLY A 146 7.41 18.68 20.52
CA GLY A 146 6.75 19.48 19.49
C GLY A 146 5.56 18.73 18.92
N ASP A 147 5.77 17.44 18.60
CA ASP A 147 4.72 16.60 18.02
C ASP A 147 3.59 16.40 19.03
N ALA A 148 3.97 16.13 20.28
CA ALA A 148 3.00 15.87 21.33
C ALA A 148 2.12 17.09 21.60
N GLU A 149 2.74 18.27 21.58
CA GLU A 149 2.07 19.51 21.93
C GLU A 149 1.27 20.13 20.79
N GLY A 150 1.54 19.72 19.56
CA GLY A 150 0.89 20.31 18.38
C GLY A 150 1.57 21.56 17.86
N LEU A 151 2.86 21.70 18.12
CA LEU A 151 3.62 22.88 17.68
C LEU A 151 3.75 22.91 16.15
N ASP A 152 3.82 24.13 15.61
CA ASP A 152 4.17 24.34 14.21
C ASP A 152 5.69 24.26 14.08
N ALA A 153 6.17 23.33 13.26
CA ALA A 153 7.61 23.10 13.14
C ALA A 153 8.41 24.27 12.56
N ALA A 154 7.92 24.88 11.48
CA ALA A 154 8.67 25.93 10.80
C ALA A 154 8.94 27.14 11.71
N THR A 155 7.91 27.60 12.41
CA THR A 155 8.09 28.76 13.27
C THR A 155 8.86 28.39 14.55
N THR A 156 8.64 27.18 15.05
CA THR A 156 9.34 26.72 16.27
C THR A 156 10.85 26.60 16.03
N TYR A 157 11.24 25.96 14.92
CA TYR A 157 12.65 25.85 14.62
C TYR A 157 13.30 27.17 14.19
N LYS A 158 12.50 28.11 13.67
CA LYS A 158 13.02 29.46 13.45
C LYS A 158 13.42 30.11 14.79
N SER A 159 12.55 29.99 15.79
CA SER A 159 12.83 30.50 17.13
C SER A 159 14.10 29.86 17.71
N ILE A 160 14.18 28.54 17.59
CA ILE A 160 15.35 27.77 18.03
C ILE A 160 16.61 28.23 17.30
N SER A 161 16.54 28.34 15.99
CA SER A 161 17.65 28.84 15.15
C SER A 161 18.12 30.21 15.61
N ASP A 162 17.18 31.09 15.95
CA ASP A 162 17.55 32.44 16.41
C ASP A 162 18.34 32.34 17.72
N ALA A 163 17.89 31.46 18.61
CA ALA A 163 18.53 31.29 19.91
C ALA A 163 19.91 30.68 19.77
N VAL A 164 20.04 29.73 18.84
CA VAL A 164 21.34 29.14 18.50
C VAL A 164 22.32 30.23 18.06
N GLY A 165 21.86 31.11 17.17
CA GLY A 165 22.67 32.21 16.67
C GLY A 165 23.14 33.15 17.77
N ARG A 166 22.23 33.48 18.70
CA ARG A 166 22.58 34.38 19.83
C ARG A 166 23.56 33.75 20.80
N ALA A 167 23.40 32.45 21.03
CA ALA A 167 24.30 31.73 21.93
C ALA A 167 25.72 31.70 21.36
N ALA A 168 25.86 31.34 20.09
CA ALA A 168 27.17 31.32 19.43
C ALA A 168 27.79 32.72 19.41
N ALA A 169 26.96 33.74 19.20
CA ALA A 169 27.42 35.13 19.20
C ALA A 169 27.92 35.60 20.57
N THR A 170 27.27 35.12 21.63
CA THR A 170 27.64 35.47 22.99
C THR A 170 28.97 34.84 23.41
N THR A 171 29.13 33.55 23.15
CA THR A 171 30.31 32.83 23.61
C THR A 171 31.48 32.94 22.64
N GLY A 172 31.20 33.20 21.37
CA GLY A 172 32.23 33.16 20.33
C GLY A 172 32.47 31.76 19.80
N ARG A 173 31.70 30.77 20.25
CA ARG A 173 31.84 29.38 19.77
C ARG A 173 30.72 29.02 18.79
N PRO A 174 31.05 28.76 17.50
CA PRO A 174 30.00 28.37 16.54
C PRO A 174 29.16 27.20 17.03
N LEU A 175 27.87 27.22 16.72
CA LEU A 175 26.98 26.16 17.16
C LEU A 175 26.20 25.63 15.96
N THR A 176 26.48 24.37 15.60
CA THR A 176 25.86 23.72 14.46
C THR A 176 24.53 23.10 14.87
N LEU A 177 23.44 23.59 14.28
CA LEU A 177 22.10 23.11 14.59
C LEU A 177 21.68 21.97 13.66
N SER A 178 21.33 20.85 14.28
CA SER A 178 20.70 19.74 13.57
C SER A 178 19.21 19.74 13.92
N ILE A 179 18.36 20.01 12.92
CA ILE A 179 16.91 19.93 13.11
C ILE A 179 16.48 18.46 12.99
N CYS A 180 15.80 17.95 14.02
CA CYS A 180 15.41 16.54 14.04
C CYS A 180 13.90 16.43 14.24
N ASN A 181 13.16 16.57 13.14
CA ASN A 181 11.71 16.48 13.21
C ASN A 181 11.11 15.48 12.23
N TRP A 182 11.97 14.61 11.68
CA TRP A 182 11.53 13.32 11.10
C TRP A 182 10.77 13.47 9.78
N GLY A 183 10.93 14.63 9.14
CA GLY A 183 10.20 14.93 7.89
C GLY A 183 8.77 15.37 8.10
N TYR A 184 8.36 15.57 9.34
CA TYR A 184 7.01 16.03 9.65
C TYR A 184 6.87 17.50 9.25
N GLN A 185 5.74 17.83 8.62
CA GLN A 185 5.48 19.17 8.11
C GLN A 185 6.55 19.63 7.08
N ASN A 186 7.13 18.67 6.37
CA ASN A 186 7.91 18.94 5.16
C ASN A 186 9.06 19.94 5.38
N PRO A 187 10.06 19.55 6.21
CA PRO A 187 11.14 20.47 6.54
C PRO A 187 11.97 20.92 5.33
N TRP A 188 11.97 20.13 4.26
CA TRP A 188 12.62 20.58 3.03
C TRP A 188 12.09 21.93 2.54
N ASN A 189 10.86 22.29 2.91
CA ASN A 189 10.29 23.58 2.49
C ASN A 189 10.86 24.80 3.22
N TRP A 190 11.35 24.61 4.44
CA TRP A 190 11.65 25.76 5.32
C TRP A 190 12.95 25.69 6.12
N ALA A 191 13.59 24.53 6.16
CA ALA A 191 14.75 24.38 7.07
C ALA A 191 16.03 25.03 6.55
N ALA A 192 16.20 25.10 5.23
CA ALA A 192 17.38 25.78 4.68
C ALA A 192 17.38 27.24 5.14
N GLY A 193 18.51 27.70 5.64
CA GLY A 193 18.58 29.05 6.22
C GLY A 193 18.43 29.04 7.73
N GLN A 194 17.64 28.10 8.25
CA GLN A 194 17.49 27.92 9.71
C GLN A 194 18.60 27.07 10.30
N ALA A 195 19.03 26.06 9.55
CA ALA A 195 20.01 25.07 10.03
C ALA A 195 20.75 24.41 8.87
N PRO A 196 21.99 23.95 9.14
CA PRO A 196 22.72 23.23 8.10
C PRO A 196 22.22 21.82 7.78
N LEU A 197 21.39 21.24 8.65
CA LEU A 197 20.83 19.91 8.39
C LEU A 197 19.47 19.72 9.05
N TRP A 198 18.59 18.96 8.38
CA TRP A 198 17.24 18.63 8.88
C TRP A 198 16.92 17.19 8.51
N ARG A 199 16.40 16.44 9.48
CA ARG A 199 15.98 15.07 9.26
C ARG A 199 14.77 15.03 8.32
N THR A 200 14.81 14.10 7.36
CA THR A 200 13.79 14.04 6.31
C THR A 200 12.80 12.89 6.49
N SER A 201 13.04 12.03 7.48
CA SER A 201 12.18 10.87 7.74
C SER A 201 12.30 10.39 9.18
N THR A 202 11.49 9.38 9.53
CA THR A 202 11.61 8.70 10.81
C THR A 202 12.93 7.91 10.86
N ASP A 203 13.21 7.30 12.01
CA ASP A 203 14.54 6.75 12.33
C ASP A 203 14.95 5.59 11.43
N ILE A 204 16.23 5.57 11.05
CA ILE A 204 16.76 4.50 10.21
C ILE A 204 16.72 3.14 10.93
N ILE A 205 16.87 3.17 12.25
CA ILE A 205 16.81 1.94 13.06
C ILE A 205 16.20 2.23 14.44
N TYR A 206 15.38 1.30 14.90
CA TYR A 206 14.73 1.41 16.20
C TYR A 206 15.33 0.45 17.22
N TYR A 207 15.33 0.91 18.47
CA TYR A 207 15.81 0.18 19.64
C TYR A 207 15.45 -1.30 19.60
N GLY A 208 16.45 -2.15 19.57
CA GLY A 208 16.22 -3.60 19.61
C GLY A 208 16.06 -4.27 18.27
N ASN A 209 15.95 -3.50 17.19
CA ASN A 209 15.87 -4.08 15.84
C ASN A 209 17.25 -4.25 15.21
N GLN A 210 17.33 -5.10 14.18
CA GLN A 210 18.57 -5.30 13.43
C GLN A 210 18.60 -4.32 12.25
N PRO A 211 19.80 -3.88 11.82
CA PRO A 211 19.93 -2.99 10.66
C PRO A 211 19.25 -3.58 9.42
N SER A 212 18.52 -2.74 8.69
CA SER A 212 17.73 -3.19 7.55
C SER A 212 18.05 -2.39 6.31
N MET A 213 18.40 -3.07 5.22
CA MET A 213 18.61 -2.40 3.94
C MET A 213 17.32 -1.74 3.43
N THR A 214 16.18 -2.38 3.71
CA THR A 214 14.89 -1.82 3.34
C THR A 214 14.68 -0.46 4.02
N SER A 215 14.96 -0.39 5.33
CA SER A 215 14.85 0.85 6.09
C SER A 215 15.81 1.90 5.54
N LEU A 216 17.05 1.49 5.29
CA LEU A 216 18.08 2.36 4.73
C LEU A 216 17.61 3.00 3.42
N LEU A 217 17.09 2.17 2.51
CA LEU A 217 16.60 2.66 1.22
C LEU A 217 15.40 3.59 1.37
N SER A 218 14.51 3.28 2.31
CA SER A 218 13.38 4.16 2.58
C SER A 218 13.87 5.54 3.02
N ASN A 219 14.83 5.58 3.92
CA ASN A 219 15.37 6.86 4.38
C ASN A 219 16.07 7.61 3.27
N PHE A 220 16.80 6.87 2.43
CA PHE A 220 17.46 7.47 1.28
C PHE A 220 16.42 8.08 0.34
N ASP A 221 15.39 7.31 -0.03
CA ASP A 221 14.34 7.83 -0.95
C ASP A 221 13.70 9.11 -0.42
N GLN A 222 13.44 9.13 0.89
CA GLN A 222 12.74 10.26 1.51
C GLN A 222 13.59 11.51 1.69
N THR A 223 14.90 11.38 1.50
CA THR A 223 15.83 12.50 1.73
C THR A 223 16.09 13.32 0.46
N LEU A 224 15.63 12.78 -0.66
CA LEU A 224 15.91 13.38 -1.97
C LEU A 224 14.98 14.54 -2.22
N HIS A 225 15.49 15.75 -1.95
CA HIS A 225 14.77 17.00 -2.16
C HIS A 225 15.81 17.98 -2.66
N PRO A 226 16.17 17.88 -3.96
CA PRO A 226 17.36 18.56 -4.45
C PRO A 226 17.23 20.09 -4.51
N THR A 227 15.99 20.62 -4.53
CA THR A 227 15.84 22.08 -4.55
C THR A 227 16.04 22.71 -3.18
N ALA A 228 15.96 21.88 -2.13
CA ALA A 228 16.05 22.33 -0.75
C ALA A 228 17.49 22.33 -0.25
N GLN A 229 18.33 21.49 -0.83
CA GLN A 229 19.74 21.36 -0.42
C GLN A 229 20.68 22.18 -1.31
N HIS A 230 21.51 23.02 -0.69
CA HIS A 230 22.50 23.83 -1.42
C HIS A 230 23.21 24.73 -0.41
N THR A 231 24.38 25.21 -0.81
CA THR A 231 25.14 26.23 -0.05
C THR A 231 25.25 25.96 1.45
N GLY A 232 25.56 24.72 1.81
CA GLY A 232 25.78 24.33 3.21
C GLY A 232 24.55 23.89 4.00
N TYR A 233 23.40 23.81 3.32
CA TYR A 233 22.15 23.33 3.91
C TYR A 233 21.82 21.95 3.35
N TYR A 234 21.63 20.95 4.22
CA TYR A 234 21.57 19.54 3.79
C TYR A 234 20.36 18.78 4.26
N ASN A 235 19.79 17.98 3.36
CA ASN A 235 18.84 16.93 3.76
C ASN A 235 19.58 15.86 4.55
N ASP A 236 18.93 15.35 5.60
CA ASP A 236 19.56 14.41 6.54
C ASP A 236 18.79 13.08 6.60
N PRO A 237 19.32 12.06 5.92
CA PRO A 237 18.67 10.75 5.88
C PRO A 237 18.91 9.88 7.14
N ASP A 238 19.56 10.47 8.15
CA ASP A 238 19.78 9.89 9.49
C ASP A 238 21.18 9.29 9.64
N MET A 239 21.50 8.92 10.88
CA MET A 239 22.81 8.44 11.31
C MET A 239 23.16 7.09 10.68
N LEU A 240 24.43 6.90 10.38
CA LEU A 240 24.88 5.69 9.69
C LEU A 240 24.70 4.42 10.50
N MET A 241 24.33 3.34 9.82
CA MET A 241 24.31 2.01 10.40
C MET A 241 25.56 1.23 9.98
N VAL A 242 26.47 1.90 9.26
CA VAL A 242 27.72 1.29 8.81
C VAL A 242 28.41 0.62 10.00
N GLY A 243 28.77 -0.66 9.84
CA GLY A 243 29.54 -1.39 10.86
C GLY A 243 28.69 -2.00 11.97
N MET A 244 27.38 -1.77 11.91
CA MET A 244 26.49 -2.37 12.91
C MET A 244 26.24 -3.84 12.60
N ASP A 245 25.99 -4.62 13.65
CA ASP A 245 25.86 -6.08 13.52
C ASP A 245 24.80 -6.50 12.51
N GLY A 246 25.20 -7.38 11.58
CA GLY A 246 24.30 -7.85 10.55
C GLY A 246 24.57 -7.29 9.15
N PHE A 247 25.11 -6.08 9.10
CA PHE A 247 25.51 -5.50 7.80
C PHE A 247 26.85 -6.06 7.32
N THR A 248 26.88 -6.54 6.08
CA THR A 248 28.09 -7.07 5.43
C THR A 248 28.94 -5.89 4.94
N ALA A 249 30.19 -6.15 4.52
CA ALA A 249 31.02 -5.09 3.96
C ALA A 249 30.37 -4.44 2.75
N ALA A 250 29.75 -5.24 1.89
CA ALA A 250 29.08 -4.70 0.69
C ALA A 250 27.89 -3.79 1.07
N GLN A 251 27.10 -4.20 2.05
CA GLN A 251 25.99 -3.33 2.53
C GLN A 251 26.53 -2.05 3.18
N ASN A 252 27.65 -2.16 3.91
CA ASN A 252 28.35 -0.98 4.43
C ASN A 252 28.80 -0.02 3.33
N ARG A 253 29.42 -0.55 2.27
CA ARG A 253 29.81 0.31 1.13
C ARG A 253 28.60 0.97 0.48
N THR A 254 27.55 0.19 0.21
CA THR A 254 26.32 0.72 -0.39
C THR A 254 25.74 1.84 0.48
N HIS A 255 25.78 1.66 1.80
CA HIS A 255 25.33 2.68 2.75
C HIS A 255 26.12 3.97 2.55
N MET A 256 27.45 3.84 2.46
CA MET A 256 28.31 5.01 2.23
C MET A 256 28.01 5.63 0.87
N ASN A 257 27.82 4.78 -0.14
CA ASN A 257 27.60 5.26 -1.52
C ASN A 257 26.38 6.17 -1.61
N LEU A 258 25.30 5.70 -1.02
CA LEU A 258 24.04 6.42 -1.11
C LEU A 258 24.06 7.71 -0.28
N TRP A 259 24.66 7.65 0.90
CA TRP A 259 24.80 8.88 1.71
C TRP A 259 25.70 9.89 0.96
N ALA A 260 26.80 9.40 0.39
CA ALA A 260 27.71 10.25 -0.40
C ALA A 260 27.07 10.87 -1.64
N ILE A 261 26.24 10.11 -2.35
CA ILE A 261 25.62 10.68 -3.56
C ILE A 261 24.59 11.76 -3.18
N SER A 262 24.02 11.65 -1.99
CA SER A 262 23.12 12.69 -1.46
C SER A 262 23.92 13.89 -0.96
N GLY A 263 25.16 13.64 -0.52
CA GLY A 263 25.94 14.64 0.21
C GLY A 263 25.49 14.72 1.66
N ALA A 264 24.93 13.62 2.15
CA ALA A 264 24.41 13.55 3.51
C ALA A 264 25.49 13.67 4.60
N PRO A 265 25.10 14.07 5.82
CA PRO A 265 26.01 13.98 6.94
C PRO A 265 26.52 12.54 7.06
N LEU A 266 27.77 12.38 7.47
CA LEU A 266 28.29 11.04 7.77
C LEU A 266 28.52 10.97 9.27
N LEU A 267 27.47 10.61 9.99
CA LEU A 267 27.52 10.50 11.45
C LEU A 267 27.48 9.02 11.79
N ALA A 268 28.67 8.46 12.03
CA ALA A 268 28.83 7.04 12.36
C ALA A 268 28.01 6.70 13.59
N GLY A 269 27.48 5.49 13.65
CA GLY A 269 26.63 5.09 14.76
C GLY A 269 26.98 3.75 15.35
N ASN A 270 28.04 3.12 14.83
CA ASN A 270 28.47 1.80 15.32
C ASN A 270 29.28 1.92 16.61
N ASP A 271 29.53 0.79 17.26
CA ASP A 271 30.38 0.77 18.45
C ASP A 271 31.82 0.77 17.96
N LEU A 272 32.51 1.88 18.17
CA LEU A 272 33.85 2.09 17.60
C LEU A 272 34.91 1.22 18.26
N THR A 273 34.64 0.73 19.48
CA THR A 273 35.59 -0.07 20.23
C THR A 273 35.79 -1.48 19.68
N THR A 274 34.79 -1.98 18.95
CA THR A 274 34.83 -3.32 18.36
C THR A 274 34.75 -3.29 16.83
N MET A 275 35.01 -2.12 16.25
CA MET A 275 34.97 -1.93 14.80
C MET A 275 36.09 -2.70 14.10
N THR A 276 35.74 -3.42 13.04
CA THR A 276 36.74 -4.17 12.27
C THR A 276 37.61 -3.22 11.46
N SER A 277 38.77 -3.73 11.03
CA SER A 277 39.64 -2.98 10.15
C SER A 277 38.94 -2.66 8.83
N GLU A 278 38.21 -3.63 8.28
CA GLU A 278 37.49 -3.45 7.03
C GLU A 278 36.43 -2.34 7.15
N THR A 279 35.68 -2.36 8.25
CA THR A 279 34.67 -1.31 8.49
C THR A 279 35.31 0.07 8.58
N ALA A 280 36.42 0.18 9.32
CA ALA A 280 37.13 1.45 9.43
C ALA A 280 37.55 1.95 8.06
N GLY A 281 38.05 1.04 7.22
CA GLY A 281 38.46 1.40 5.85
C GLY A 281 37.30 1.89 5.00
N ILE A 282 36.11 1.35 5.23
CA ILE A 282 34.92 1.75 4.47
C ILE A 282 34.47 3.16 4.90
N LEU A 283 34.48 3.42 6.20
CA LEU A 283 34.19 4.77 6.71
C LEU A 283 35.21 5.79 6.22
N LYS A 284 36.45 5.34 6.04
CA LYS A 284 37.56 6.25 5.74
C LYS A 284 37.90 6.40 4.27
N ASN A 285 37.16 5.74 3.36
CA ASN A 285 37.51 5.81 1.93
C ASN A 285 37.53 7.28 1.50
N PRO A 286 38.72 7.81 1.15
CA PRO A 286 38.80 9.25 0.92
C PRO A 286 38.12 9.70 -0.38
N GLU A 287 37.99 8.79 -1.34
CA GLU A 287 37.38 9.16 -2.62
C GLU A 287 35.85 9.27 -2.44
N VAL A 288 35.29 8.34 -1.65
CA VAL A 288 33.85 8.37 -1.33
C VAL A 288 33.55 9.56 -0.42
N ILE A 289 34.39 9.79 0.59
CA ILE A 289 34.26 10.97 1.43
C ILE A 289 34.31 12.27 0.60
N ALA A 290 35.24 12.36 -0.35
CA ALA A 290 35.35 13.57 -1.18
C ALA A 290 34.07 13.84 -1.98
N VAL A 291 33.40 12.78 -2.42
CA VAL A 291 32.11 12.93 -3.11
C VAL A 291 31.05 13.44 -2.14
N ASP A 292 30.98 12.83 -0.95
CA ASP A 292 30.02 13.26 0.06
C ASP A 292 30.20 14.73 0.43
N GLN A 293 31.46 15.14 0.58
CA GLN A 293 31.85 16.47 1.05
C GLN A 293 32.16 17.43 -0.11
N ASP A 294 31.68 17.10 -1.31
CA ASP A 294 31.97 17.91 -2.49
C ASP A 294 31.75 19.41 -2.24
N SER A 295 32.68 20.22 -2.71
CA SER A 295 32.71 21.66 -2.42
C SER A 295 31.52 22.44 -2.99
N ARG A 296 30.82 21.83 -3.95
CA ARG A 296 29.71 22.50 -4.63
C ARG A 296 28.39 22.38 -3.87
N GLY A 297 28.32 21.40 -2.96
CA GLY A 297 27.20 21.31 -2.00
C GLY A 297 25.88 20.77 -2.53
N LEU A 298 25.87 20.26 -3.76
CA LEU A 298 24.61 19.84 -4.39
C LEU A 298 24.19 18.43 -4.01
N GLN A 299 22.89 18.15 -4.15
CA GLN A 299 22.39 16.79 -3.91
C GLN A 299 22.30 15.98 -5.20
N GLY A 300 22.75 14.73 -5.12
CA GLY A 300 22.57 13.79 -6.22
C GLY A 300 21.10 13.46 -6.42
N VAL A 301 20.78 13.00 -7.63
CA VAL A 301 19.40 12.77 -8.07
C VAL A 301 19.36 11.50 -8.91
N LYS A 302 18.19 10.86 -9.00
CA LYS A 302 18.03 9.73 -9.92
C LYS A 302 18.06 10.25 -11.36
N VAL A 303 18.90 9.67 -12.20
CA VAL A 303 18.95 10.09 -13.60
C VAL A 303 18.47 9.04 -14.58
N ALA A 304 18.29 7.80 -14.13
CA ALA A 304 17.79 6.74 -15.01
C ALA A 304 17.25 5.58 -14.19
N GLU A 305 16.18 4.99 -14.72
CA GLU A 305 15.67 3.71 -14.26
C GLU A 305 14.92 3.09 -15.45
N ASP A 306 15.68 2.62 -16.44
CA ASP A 306 15.07 2.06 -17.67
C ASP A 306 14.37 0.75 -17.35
N THR A 307 14.91 0.02 -16.39
CA THR A 307 14.32 -1.23 -15.90
C THR A 307 14.05 -1.09 -14.41
N THR A 308 12.87 -1.51 -13.96
CA THR A 308 12.47 -1.36 -12.55
C THR A 308 13.53 -1.95 -11.63
N GLY A 309 13.92 -1.16 -10.64
CA GLY A 309 14.86 -1.58 -9.62
C GLY A 309 16.33 -1.49 -10.01
N LEU A 310 16.60 -1.10 -11.25
CA LEU A 310 17.98 -0.89 -11.72
C LEU A 310 18.15 0.60 -11.97
N GLN A 311 18.88 1.26 -11.08
CA GLN A 311 18.86 2.72 -11.02
C GLN A 311 20.23 3.33 -11.15
N ALA A 312 20.29 4.51 -11.77
CA ALA A 312 21.50 5.31 -11.81
C ALA A 312 21.22 6.65 -11.16
N TYR A 313 22.03 6.99 -10.16
CA TYR A 313 21.98 8.29 -9.49
C TYR A 313 23.19 9.09 -9.90
N GLY A 314 23.00 10.37 -10.21
CA GLY A 314 24.12 11.22 -10.58
C GLY A 314 24.22 12.43 -9.67
N LYS A 315 25.44 12.87 -9.40
CA LYS A 315 25.65 14.07 -8.62
C LYS A 315 26.59 15.00 -9.37
N VAL A 316 26.19 16.27 -9.48
CA VAL A 316 27.02 17.30 -10.09
C VAL A 316 28.07 17.74 -9.06
N LEU A 317 29.34 17.50 -9.41
CA LEU A 317 30.47 17.78 -8.53
C LEU A 317 31.09 19.15 -8.84
N SER A 318 31.98 19.61 -7.97
CA SER A 318 32.76 20.82 -8.19
C SER A 318 33.53 20.74 -9.52
N GLY A 319 33.85 21.91 -10.06
CA GLY A 319 34.49 22.00 -11.36
C GLY A 319 33.47 21.85 -12.46
N THR A 320 33.95 21.56 -13.66
CA THR A 320 33.06 21.41 -14.80
C THR A 320 33.31 20.06 -15.47
N GLY A 321 32.25 19.42 -15.92
CA GLY A 321 32.36 18.09 -16.55
C GLY A 321 32.64 16.94 -15.58
N ASN A 322 32.29 17.12 -14.31
CA ASN A 322 32.56 16.11 -13.28
C ASN A 322 31.29 15.65 -12.61
N ARG A 323 31.13 14.32 -12.50
CA ARG A 323 29.95 13.71 -11.89
C ARG A 323 30.36 12.56 -11.01
N ALA A 324 29.59 12.32 -9.95
CA ALA A 324 29.66 11.05 -9.26
C ALA A 324 28.41 10.30 -9.63
N VAL A 325 28.50 8.97 -9.65
CA VAL A 325 27.38 8.12 -10.05
C VAL A 325 27.29 6.95 -9.09
N VAL A 326 26.09 6.63 -8.66
CA VAL A 326 25.84 5.34 -8.01
C VAL A 326 24.89 4.51 -8.89
N LEU A 327 25.32 3.30 -9.20
CA LEU A 327 24.46 2.33 -9.88
C LEU A 327 23.92 1.42 -8.79
N LEU A 328 22.59 1.37 -8.66
CA LEU A 328 21.97 0.67 -7.53
C LEU A 328 21.02 -0.42 -8.03
N ASN A 329 21.19 -1.63 -7.52
CA ASN A 329 20.35 -2.78 -7.91
C ASN A 329 19.45 -3.19 -6.77
N ARG A 330 18.16 -2.86 -6.87
CA ARG A 330 17.20 -3.19 -5.81
C ARG A 330 16.49 -4.53 -6.08
N THR A 331 16.90 -5.22 -7.15
CA THR A 331 16.29 -6.50 -7.54
C THR A 331 16.96 -7.67 -6.83
N SER A 332 16.38 -8.86 -7.00
CA SER A 332 16.91 -10.08 -6.39
C SER A 332 17.96 -10.80 -7.25
N ALA A 333 18.35 -10.21 -8.37
CA ALA A 333 19.35 -10.81 -9.26
C ALA A 333 20.39 -9.78 -9.69
N ALA A 334 21.61 -10.25 -9.91
CA ALA A 334 22.66 -9.44 -10.53
C ALA A 334 22.23 -9.01 -11.94
N HIS A 335 22.43 -7.73 -12.26
CA HIS A 335 22.08 -7.21 -13.58
C HIS A 335 23.06 -6.11 -13.98
N ASP A 336 23.22 -5.91 -15.28
CA ASP A 336 23.94 -4.75 -15.80
C ASP A 336 23.12 -3.48 -15.58
N ILE A 337 23.81 -2.39 -15.25
CA ILE A 337 23.18 -1.07 -15.12
C ILE A 337 24.03 -0.06 -15.88
N THR A 338 23.38 0.75 -16.69
CA THR A 338 24.03 1.71 -17.56
C THR A 338 23.70 3.13 -17.08
N VAL A 339 24.70 4.00 -17.13
CA VAL A 339 24.46 5.45 -17.00
C VAL A 339 24.88 6.11 -18.31
N ARG A 340 24.03 6.99 -18.82
CA ARG A 340 24.34 7.70 -20.07
C ARG A 340 24.81 9.11 -19.79
N TRP A 341 25.77 9.60 -20.59
CA TRP A 341 26.24 10.99 -20.43
C TRP A 341 25.07 11.99 -20.59
N SER A 342 24.16 11.71 -21.53
CA SER A 342 23.05 12.62 -21.81
C SER A 342 22.21 12.85 -20.54
N ASP A 343 21.96 11.77 -19.80
CA ASP A 343 21.17 11.86 -18.57
C ASP A 343 21.88 12.66 -17.47
N LEU A 344 23.21 12.63 -17.49
CA LEU A 344 24.03 13.38 -16.54
C LEU A 344 24.19 14.86 -16.89
N GLY A 345 23.66 15.27 -18.03
CA GLY A 345 23.82 16.65 -18.47
C GLY A 345 25.19 16.93 -19.07
N LEU A 346 25.84 15.88 -19.57
CA LEU A 346 27.08 15.99 -20.36
C LEU A 346 26.77 15.74 -21.84
N THR A 347 27.62 16.26 -22.72
CA THR A 347 27.47 15.96 -24.15
C THR A 347 28.12 14.60 -24.44
N ASN A 348 27.92 14.12 -25.67
CA ASN A 348 28.54 12.85 -26.05
C ASN A 348 29.99 13.09 -26.46
N ALA A 349 30.81 13.40 -25.45
CA ALA A 349 32.24 13.60 -25.61
C ALA A 349 32.96 12.73 -24.58
N SER A 350 34.20 12.36 -24.88
CA SER A 350 34.99 11.50 -24.00
C SER A 350 35.02 11.98 -22.54
N ALA A 351 34.90 11.01 -21.64
CA ALA A 351 35.05 11.23 -20.21
C ALA A 351 35.61 9.97 -19.58
N THR A 352 36.31 10.14 -18.47
CA THR A 352 36.96 9.01 -17.79
C THR A 352 36.12 8.52 -16.61
N VAL A 353 35.96 7.20 -16.54
CA VAL A 353 35.19 6.56 -15.48
C VAL A 353 36.13 5.94 -14.46
N ARG A 354 35.84 6.18 -13.18
CA ARG A 354 36.63 5.64 -12.09
C ARG A 354 35.72 4.94 -11.09
N ASP A 355 36.17 3.79 -10.61
CA ASP A 355 35.48 3.03 -9.57
C ASP A 355 36.12 3.42 -8.24
N LEU A 356 35.29 3.90 -7.30
CA LEU A 356 35.80 4.53 -6.10
C LEU A 356 36.10 3.54 -5.00
N TRP A 357 35.60 2.33 -5.14
CA TRP A 357 35.95 1.22 -4.23
C TRP A 357 37.19 0.44 -4.71
N ALA A 358 37.28 0.23 -6.02
CA ALA A 358 38.50 -0.34 -6.61
C ALA A 358 39.65 0.67 -6.57
N ARG A 359 39.32 1.95 -6.44
CA ARG A 359 40.25 3.09 -6.54
C ARG A 359 41.10 3.00 -7.81
N GLN A 360 40.43 2.82 -8.95
CA GLN A 360 41.13 2.67 -10.24
C GLN A 360 40.23 3.20 -11.36
N ASN A 361 40.84 3.86 -12.34
CA ASN A 361 40.15 4.20 -13.57
C ASN A 361 39.76 2.93 -14.32
N VAL A 362 38.53 2.89 -14.83
CA VAL A 362 38.00 1.66 -15.39
C VAL A 362 37.57 1.78 -16.84
N GLY A 363 37.86 2.93 -17.47
CA GLY A 363 37.56 3.08 -18.89
C GLY A 363 37.23 4.51 -19.30
N THR A 364 37.07 4.72 -20.61
CA THR A 364 36.59 6.00 -21.13
C THR A 364 35.43 5.76 -22.08
N SER A 365 34.56 6.75 -22.24
CA SER A 365 33.48 6.67 -23.21
C SER A 365 33.01 8.05 -23.60
N ALA A 366 32.51 8.14 -24.83
CA ALA A 366 31.88 9.37 -25.28
C ALA A 366 30.36 9.31 -25.11
N THR A 367 29.82 8.22 -24.57
CA THR A 367 28.35 8.08 -24.45
C THR A 367 27.83 7.57 -23.10
N GLY A 368 28.58 6.71 -22.43
CA GLY A 368 28.06 6.10 -21.19
C GLY A 368 28.90 5.00 -20.61
N TYR A 369 28.37 4.36 -19.57
CA TYR A 369 29.09 3.31 -18.86
C TYR A 369 28.13 2.27 -18.28
N THR A 370 28.52 1.00 -18.41
CA THR A 370 27.73 -0.13 -17.94
C THR A 370 28.57 -1.00 -17.01
N ALA A 371 28.00 -1.33 -15.85
CA ALA A 371 28.66 -2.23 -14.91
C ALA A 371 27.69 -3.31 -14.47
N SER A 372 28.23 -4.47 -14.14
CA SER A 372 27.43 -5.52 -13.51
C SER A 372 27.27 -5.18 -12.02
N VAL A 373 26.05 -5.23 -11.52
CA VAL A 373 25.78 -4.84 -10.13
C VAL A 373 25.05 -5.98 -9.43
N PRO A 374 25.57 -6.43 -8.28
CA PRO A 374 24.97 -7.55 -7.56
C PRO A 374 23.56 -7.23 -7.08
N ALA A 375 22.74 -8.27 -6.91
CA ALA A 375 21.42 -8.10 -6.26
C ALA A 375 21.56 -7.37 -4.92
N GLY A 376 20.82 -6.29 -4.74
CA GLY A 376 20.85 -5.51 -3.49
C GLY A 376 22.10 -4.65 -3.35
N GLY A 377 22.98 -4.73 -4.35
CA GLY A 377 24.29 -4.04 -4.32
C GLY A 377 24.35 -2.74 -5.10
N SER A 378 25.56 -2.17 -5.16
CA SER A 378 25.78 -0.87 -5.80
C SER A 378 27.22 -0.74 -6.26
N VAL A 379 27.42 0.14 -7.26
CA VAL A 379 28.75 0.49 -7.73
C VAL A 379 28.85 2.00 -7.67
N MET A 380 29.99 2.48 -7.16
CA MET A 380 30.25 3.90 -6.94
C MET A 380 31.31 4.41 -7.92
N LEU A 381 30.94 5.38 -8.77
CA LEU A 381 31.83 5.86 -9.84
C LEU A 381 31.97 7.36 -9.82
N THR A 382 33.02 7.86 -10.47
CA THR A 382 33.00 9.23 -10.96
C THR A 382 33.16 9.19 -12.46
N VAL A 383 32.62 10.21 -13.11
CA VAL A 383 32.78 10.43 -14.54
C VAL A 383 33.36 11.82 -14.61
N THR A 384 34.61 11.94 -15.09
CA THR A 384 35.29 13.23 -15.01
C THR A 384 35.92 13.60 -16.35
N GLY A 385 36.28 14.86 -16.51
CA GLY A 385 36.83 15.33 -17.79
C GLY A 385 35.81 15.36 -18.92
N GLY A 386 34.53 15.33 -18.57
CA GLY A 386 33.46 15.41 -19.55
C GLY A 386 33.27 16.81 -20.09
N THR A 387 32.39 16.96 -21.07
CA THR A 387 31.97 18.25 -21.58
C THR A 387 30.53 18.52 -21.13
N GLU A 388 30.32 19.68 -20.50
CA GLU A 388 29.00 20.08 -19.99
C GLU A 388 28.05 20.37 -21.16
N ALA A 389 26.77 20.03 -20.97
CA ALA A 389 25.73 20.46 -21.91
C ALA A 389 25.77 21.98 -22.02
N ALA A 390 25.34 22.52 -23.16
CA ALA A 390 25.31 23.96 -23.36
C ALA A 390 24.46 24.62 -22.27
N GLY A 391 24.97 25.67 -21.64
CA GLY A 391 24.18 26.36 -20.61
C GLY A 391 23.54 27.60 -21.20
N GLY A 392 22.52 28.12 -20.54
CA GLY A 392 22.06 29.48 -20.85
C GLY A 392 22.77 30.41 -19.86
N ALA A 393 23.07 31.64 -20.30
CA ALA A 393 23.56 32.69 -19.40
C ALA A 393 22.60 33.86 -19.40
N TYR A 394 22.34 34.42 -18.23
CA TYR A 394 21.35 35.49 -18.10
C TYR A 394 21.86 36.65 -17.28
N ALA A 395 21.50 37.87 -17.72
CA ALA A 395 21.71 39.07 -16.92
C ALA A 395 20.38 39.50 -16.33
N ALA A 396 20.39 39.96 -15.08
CA ALA A 396 19.17 40.39 -14.42
C ALA A 396 18.47 41.50 -15.20
N THR A 397 17.15 41.39 -15.33
CA THR A 397 16.34 42.36 -16.08
C THR A 397 15.79 43.47 -15.16
N SER A 398 15.84 43.21 -13.86
CA SER A 398 15.61 44.20 -12.82
C SER A 398 16.35 43.74 -11.56
N THR A 399 16.34 44.56 -10.50
CA THR A 399 17.08 44.23 -9.28
C THR A 399 16.73 42.83 -8.75
N GLY A 400 17.74 41.96 -8.73
CA GLY A 400 17.62 40.62 -8.17
C GLY A 400 16.69 39.68 -8.92
N ARG A 401 16.34 40.05 -10.15
CA ARG A 401 15.34 39.30 -10.91
C ARG A 401 15.85 38.85 -12.28
N TYR A 402 15.85 37.54 -12.50
CA TYR A 402 16.26 36.95 -13.77
C TYR A 402 15.03 36.42 -14.48
N THR A 403 14.79 36.90 -15.69
CA THR A 403 13.57 36.53 -16.41
C THR A 403 13.88 35.90 -17.77
N GLY A 404 12.87 35.28 -18.37
CA GLY A 404 13.04 34.62 -19.65
C GLY A 404 13.93 33.39 -19.57
N VAL A 405 14.03 32.80 -18.38
CA VAL A 405 14.95 31.66 -18.20
C VAL A 405 14.34 30.43 -18.88
N THR A 406 15.16 29.73 -19.67
CA THR A 406 14.66 28.77 -20.65
C THR A 406 15.06 27.34 -20.31
N ALA A 407 14.12 26.41 -20.48
CA ALA A 407 14.39 24.99 -20.32
C ALA A 407 13.80 24.22 -21.49
N ALA A 408 14.58 23.30 -22.07
CA ALA A 408 14.10 22.45 -23.19
C ALA A 408 13.02 21.48 -22.71
N SER A 409 13.07 21.17 -21.43
CA SER A 409 12.12 20.26 -20.80
C SER A 409 11.83 20.75 -19.39
N THR A 410 10.65 20.40 -18.89
CA THR A 410 10.38 20.57 -17.47
C THR A 410 11.34 19.63 -16.72
N GLY A 411 11.96 20.13 -15.65
CA GLY A 411 12.84 19.30 -14.83
C GLY A 411 13.91 20.07 -14.12
N LEU A 412 14.88 19.31 -13.57
CA LEU A 412 15.91 19.88 -12.71
C LEU A 412 17.09 20.47 -13.49
N ASN A 413 17.54 21.63 -13.03
CA ASN A 413 18.64 22.37 -13.65
C ASN A 413 19.64 22.76 -12.57
N VAL A 414 20.90 22.94 -12.95
CA VAL A 414 21.89 23.50 -12.05
C VAL A 414 22.05 24.96 -12.42
N VAL A 415 21.92 25.84 -11.43
CA VAL A 415 22.11 27.27 -11.64
C VAL A 415 23.35 27.76 -10.87
N ASP A 416 24.26 28.44 -11.56
CA ASP A 416 25.44 29.01 -10.93
C ASP A 416 25.19 30.52 -10.85
N VAL A 417 25.22 31.04 -9.63
CA VAL A 417 24.87 32.45 -9.40
C VAL A 417 26.17 33.20 -9.13
N ALA A 418 26.51 34.15 -10.00
CA ALA A 418 27.73 34.94 -9.83
C ALA A 418 27.49 36.10 -8.88
N TYR A 419 28.49 36.40 -8.06
CA TYR A 419 28.35 37.46 -7.05
C TYR A 419 29.71 37.82 -6.49
N THR A 420 29.76 38.93 -5.78
CA THR A 420 30.95 39.30 -5.01
C THR A 420 30.52 39.50 -3.57
N ASN A 421 31.27 38.90 -2.64
CA ASN A 421 31.10 39.14 -1.21
C ASN A 421 32.47 39.34 -0.60
N ASN A 422 32.96 40.57 -0.72
CA ASN A 422 34.29 40.94 -0.24
C ASN A 422 34.24 41.34 1.24
N THR A 423 33.68 40.46 2.05
CA THR A 423 33.68 40.60 3.51
C THR A 423 34.11 39.28 4.16
N SER A 424 34.21 39.27 5.49
CA SER A 424 34.64 38.07 6.21
C SER A 424 33.49 37.14 6.60
N SER A 425 32.25 37.51 6.25
CA SER A 425 31.09 36.71 6.62
C SER A 425 30.19 36.37 5.43
N ALA A 426 29.63 35.18 5.44
CA ALA A 426 28.62 34.79 4.47
C ALA A 426 27.38 35.66 4.59
N ARG A 427 26.74 35.91 3.45
CA ARG A 427 25.46 36.62 3.46
C ARG A 427 24.40 35.70 2.88
N THR A 428 23.14 35.91 3.26
CA THR A 428 22.05 35.10 2.72
C THR A 428 21.06 35.90 1.87
N ALA A 429 20.40 35.19 0.96
CA ALA A 429 19.29 35.74 0.20
C ALA A 429 18.15 34.74 0.17
N THR A 430 16.95 35.24 -0.07
CA THR A 430 15.82 34.38 -0.36
C THR A 430 15.77 34.23 -1.87
N LEU A 431 15.61 32.98 -2.33
CA LEU A 431 15.46 32.70 -3.77
C LEU A 431 14.07 32.14 -4.02
N GLN A 432 13.36 32.70 -4.99
CA GLN A 432 12.11 32.08 -5.42
C GLN A 432 12.10 31.84 -6.93
N VAL A 433 11.80 30.60 -7.30
CA VAL A 433 11.70 30.20 -8.71
C VAL A 433 10.22 30.19 -9.08
N ASN A 434 9.85 30.97 -10.09
CA ASN A 434 8.43 31.08 -10.47
C ASN A 434 7.57 31.35 -9.24
N GLY A 435 6.45 30.67 -9.12
CA GLY A 435 5.62 30.77 -7.92
C GLY A 435 5.85 29.64 -6.94
N GLN A 436 7.02 29.02 -6.99
CA GLN A 436 7.31 27.88 -6.11
C GLN A 436 7.58 28.34 -4.68
N THR A 437 7.59 27.38 -3.76
CA THR A 437 8.05 27.63 -2.39
C THR A 437 9.46 28.21 -2.46
N ALA A 438 9.70 29.28 -1.71
CA ALA A 438 11.00 29.95 -1.71
C ALA A 438 12.05 29.14 -0.92
N THR A 439 13.32 29.50 -1.07
CA THR A 439 14.39 28.83 -0.34
C THR A 439 15.41 29.89 0.08
N THR A 440 16.39 29.50 0.89
CA THR A 440 17.43 30.43 1.32
C THR A 440 18.73 29.96 0.71
N VAL A 441 19.53 30.92 0.24
CA VAL A 441 20.83 30.65 -0.36
C VAL A 441 21.90 31.41 0.42
N SER A 442 22.99 30.71 0.73
CA SER A 442 24.12 31.34 1.43
C SER A 442 25.25 31.68 0.47
N PHE A 443 25.85 32.85 0.66
CA PHE A 443 26.92 33.33 -0.21
C PHE A 443 28.19 33.56 0.59
N PRO A 444 29.12 32.59 0.56
CA PRO A 444 30.37 32.73 1.32
C PRO A 444 31.25 33.88 0.79
N PRO A 445 32.21 34.35 1.61
CA PRO A 445 33.23 35.32 1.17
C PRO A 445 33.89 34.90 -0.15
N THR A 446 34.14 35.88 -1.03
CA THR A 446 34.77 35.64 -2.33
C THR A 446 36.14 36.31 -2.51
N GLY A 447 36.47 37.23 -1.60
CA GLY A 447 37.55 38.18 -1.86
C GLY A 447 37.05 39.24 -2.83
N ALA A 448 37.99 39.95 -3.46
CA ALA A 448 37.65 41.08 -4.32
C ALA A 448 37.04 40.67 -5.65
N SER A 449 37.36 39.46 -6.10
CA SER A 449 36.89 38.95 -7.38
C SER A 449 35.60 38.16 -7.19
N ALA A 450 34.78 38.15 -8.23
CA ALA A 450 33.50 37.45 -8.21
C ALA A 450 33.69 35.93 -8.16
N GLY A 451 32.67 35.23 -7.66
CA GLY A 451 32.67 33.77 -7.65
C GLY A 451 31.25 33.31 -7.87
N THR A 452 31.05 32.00 -7.96
CA THR A 452 29.69 31.47 -8.01
C THR A 452 29.41 30.53 -6.87
N VAL A 453 28.14 30.47 -6.47
CA VAL A 453 27.61 29.32 -5.77
C VAL A 453 26.55 28.69 -6.66
N SER A 454 26.26 27.41 -6.41
CA SER A 454 25.32 26.67 -7.23
C SER A 454 24.08 26.22 -6.45
N VAL A 455 22.96 26.18 -7.15
CA VAL A 455 21.72 25.64 -6.59
C VAL A 455 21.10 24.73 -7.64
N GLU A 456 20.37 23.72 -7.20
CA GLU A 456 19.50 23.00 -8.13
C GLU A 456 18.09 23.54 -8.03
N VAL A 457 17.47 23.76 -9.18
CA VAL A 457 16.10 24.26 -9.26
C VAL A 457 15.31 23.44 -10.26
N SER A 458 13.99 23.41 -10.07
CA SER A 458 13.08 22.77 -11.00
C SER A 458 12.46 23.87 -11.86
N LEU A 459 12.51 23.69 -13.18
CA LEU A 459 11.98 24.68 -14.11
C LEU A 459 10.88 24.08 -14.99
N SER A 460 10.03 24.97 -15.51
CA SER A 460 9.03 24.59 -16.51
C SER A 460 9.57 24.69 -17.91
N LYS A 461 9.17 23.76 -18.77
CA LYS A 461 9.51 23.83 -20.18
C LYS A 461 9.13 25.21 -20.74
N GLY A 462 10.04 25.79 -21.50
CA GLY A 462 9.81 27.09 -22.13
C GLY A 462 10.71 28.18 -21.60
N SER A 463 10.35 29.43 -21.87
CA SER A 463 11.19 30.58 -21.56
C SER A 463 10.51 31.56 -20.62
N ALA A 464 9.57 31.05 -19.82
CA ALA A 464 8.79 31.88 -18.92
C ALA A 464 9.24 31.76 -17.46
N ASN A 465 10.38 31.12 -17.21
CA ASN A 465 10.86 30.93 -15.85
C ASN A 465 11.51 32.20 -15.29
N THR A 466 11.31 32.45 -14.00
CA THR A 466 11.89 33.59 -13.28
C THR A 466 12.60 33.10 -12.05
N LEU A 467 13.79 33.64 -11.78
CA LEU A 467 14.47 33.42 -10.51
C LEU A 467 14.62 34.78 -9.85
N ALA A 468 14.03 34.91 -8.67
CA ALA A 468 14.02 36.20 -7.96
C ALA A 468 14.75 36.04 -6.64
N LEU A 469 15.70 36.94 -6.40
CA LEU A 469 16.44 36.98 -5.14
C LEU A 469 16.06 38.22 -4.35
N SER A 470 15.95 38.03 -3.03
CA SER A 470 15.69 39.12 -2.11
C SER A 470 16.72 39.11 -1.01
N GLY A 471 17.36 40.24 -0.81
CA GLY A 471 18.42 40.35 0.21
C GLY A 471 19.74 39.79 -0.32
N GLY A 472 20.78 39.84 0.49
CA GLY A 472 22.09 39.32 0.10
C GLY A 472 22.84 40.19 -0.89
N PRO A 473 23.99 39.70 -1.39
CA PRO A 473 24.84 40.48 -2.28
C PRO A 473 24.22 40.68 -3.66
N ALA A 474 24.58 41.79 -4.31
CA ALA A 474 24.24 41.98 -5.72
C ALA A 474 24.84 40.82 -6.53
N THR A 475 24.01 40.21 -7.36
CA THR A 475 24.50 39.12 -8.20
C THR A 475 24.88 39.67 -9.55
N GLU A 476 25.71 38.93 -10.28
CA GLU A 476 26.33 39.45 -11.49
C GLU A 476 26.08 38.57 -12.71
N GLY A 477 25.00 37.80 -12.67
CA GLY A 477 24.65 36.92 -13.77
C GLY A 477 24.39 35.51 -13.26
N ILE A 478 23.59 34.76 -14.01
CA ILE A 478 23.42 33.34 -13.74
C ILE A 478 23.69 32.48 -14.98
N THR A 479 24.12 31.24 -14.71
CA THR A 479 24.29 30.21 -15.72
C THR A 479 23.33 29.07 -15.37
N VAL A 480 22.61 28.56 -16.37
CA VAL A 480 21.61 27.51 -16.19
C VAL A 480 21.89 26.31 -17.10
N ARG A 481 22.09 25.12 -16.51
CA ARG A 481 22.29 23.88 -17.27
C ARG A 481 21.32 22.80 -16.82
N PRO A 482 20.69 22.07 -17.77
CA PRO A 482 19.73 21.01 -17.42
C PRO A 482 20.39 19.70 -17.02
N LEU A 483 19.67 18.92 -16.22
CA LEU A 483 20.03 17.53 -15.96
C LEU A 483 18.95 16.65 -16.60
N PRO A 484 19.19 16.23 -17.85
CA PRO A 484 18.09 15.60 -18.61
C PRO A 484 17.55 14.31 -18.01
N GLY A 485 18.37 13.62 -17.21
CA GLY A 485 17.91 12.40 -16.53
C GLY A 485 16.70 12.67 -15.63
N THR A 486 16.55 13.92 -15.22
CA THR A 486 15.46 14.32 -14.33
C THR A 486 14.24 14.87 -15.08
N ASN A 487 14.29 14.84 -16.42
CA ASN A 487 13.22 15.43 -17.24
C ASN A 487 11.85 14.86 -16.86
N GLY A 488 10.87 15.75 -16.82
CA GLY A 488 9.46 15.37 -16.66
C GLY A 488 8.64 16.29 -17.51
N ALA A 489 7.36 16.41 -17.15
CA ALA A 489 6.41 17.25 -17.86
C ALA A 489 5.37 17.76 -16.89
N LEU A 490 4.94 18.99 -17.09
CA LEU A 490 3.74 19.46 -16.40
C LEU A 490 2.57 18.73 -17.00
N VAL A 491 1.61 18.36 -16.16
CA VAL A 491 0.39 17.77 -16.64
C VAL A 491 -0.66 18.86 -16.47
N THR A 492 -0.96 19.57 -17.56
CA THR A 492 -1.77 20.80 -17.50
C THR A 492 -3.18 20.56 -17.99
N GLY A 493 -4.16 20.92 -17.15
CA GLY A 493 -5.57 20.71 -17.51
C GLY A 493 -6.03 21.70 -18.58
N LYS A 494 -6.73 21.19 -19.59
CA LYS A 494 -7.16 22.04 -20.71
C LYS A 494 -8.14 23.11 -20.24
N GLN A 495 -9.14 22.71 -19.46
CA GLN A 495 -10.15 23.66 -19.01
C GLN A 495 -9.57 24.71 -18.06
N SER A 496 -8.75 24.27 -17.11
CA SER A 496 -8.31 25.14 -16.01
C SER A 496 -7.03 25.94 -16.31
N GLY A 497 -6.19 25.40 -17.17
CA GLY A 497 -4.83 25.93 -17.36
C GLY A 497 -3.95 25.71 -16.15
N ARG A 498 -4.39 24.83 -15.24
CA ARG A 498 -3.65 24.55 -14.01
C ARG A 498 -3.00 23.16 -14.08
N CYS A 499 -2.03 22.93 -13.19
CA CYS A 499 -1.16 21.76 -13.27
C CYS A 499 -1.49 20.71 -12.22
N ALA A 500 -1.35 19.43 -12.57
CA ALA A 500 -1.46 18.35 -11.58
C ALA A 500 -0.35 18.53 -10.55
N ASP A 501 -0.73 18.58 -9.27
CA ASP A 501 0.14 19.14 -8.23
C ASP A 501 -0.04 18.32 -6.94
N ILE A 502 1.05 18.08 -6.21
CA ILE A 502 0.93 17.46 -4.88
C ILE A 502 1.24 18.54 -3.87
N TYR A 503 0.24 18.84 -3.04
CA TYR A 503 0.26 20.03 -2.17
C TYR A 503 1.55 20.18 -1.37
N ASN A 504 2.21 21.34 -1.53
CA ASN A 504 3.26 21.74 -0.61
C ASN A 504 4.46 20.77 -0.59
N ASN A 505 4.71 20.08 -1.71
CA ASN A 505 5.86 19.16 -1.81
C ASN A 505 5.82 17.98 -0.82
N THR A 506 4.59 17.57 -0.48
CA THR A 506 4.34 16.42 0.38
C THR A 506 4.69 15.12 -0.33
N ILE A 507 5.27 14.16 0.39
CA ILE A 507 5.67 12.89 -0.22
C ILE A 507 4.87 11.69 0.32
N THR A 508 4.04 11.93 1.33
CA THR A 508 3.31 10.87 2.04
C THR A 508 2.40 10.05 1.10
N ASN A 509 2.56 8.72 1.15
CA ASN A 509 1.64 7.81 0.47
C ASN A 509 0.19 8.20 0.74
N GLY A 510 -0.63 8.27 -0.31
CA GLY A 510 -2.05 8.55 -0.19
C GLY A 510 -2.46 10.01 -0.32
N THR A 511 -1.48 10.89 -0.48
CA THR A 511 -1.78 12.32 -0.70
C THR A 511 -2.46 12.49 -2.06
N GLN A 512 -3.63 13.13 -2.08
CA GLN A 512 -4.40 13.25 -3.31
C GLN A 512 -3.89 14.36 -4.20
N ALA A 513 -3.81 14.09 -5.50
CA ALA A 513 -3.40 15.11 -6.47
C ALA A 513 -4.48 16.20 -6.60
N GLU A 514 -4.05 17.41 -6.97
CA GLU A 514 -4.95 18.57 -7.11
C GLU A 514 -4.55 19.39 -8.32
N LEU A 515 -5.42 20.30 -8.75
CA LEU A 515 -5.00 21.37 -9.66
C LEU A 515 -4.30 22.45 -8.84
N TRP A 516 -3.24 23.03 -9.42
CA TRP A 516 -2.61 24.20 -8.84
C TRP A 516 -1.99 25.05 -9.94
N ASP A 517 -1.91 26.36 -9.71
CA ASP A 517 -1.18 27.26 -10.59
C ASP A 517 0.16 26.60 -10.96
N CYS A 518 0.43 26.52 -12.26
CA CYS A 518 1.67 25.91 -12.74
C CYS A 518 2.87 26.74 -12.32
N ASN A 519 3.84 26.06 -11.72
CA ASN A 519 5.05 26.74 -11.26
C ASN A 519 6.33 25.97 -11.56
N GLY A 520 6.18 24.74 -12.06
CA GLY A 520 7.34 23.92 -12.45
C GLY A 520 8.13 23.34 -11.29
N GLY A 521 7.55 23.34 -10.09
CA GLY A 521 8.20 22.73 -8.93
C GLY A 521 8.34 21.22 -9.05
N PRO A 522 9.13 20.60 -8.16
CA PRO A 522 9.28 19.14 -8.17
C PRO A 522 7.96 18.40 -7.97
N ASN A 523 7.01 19.05 -7.28
CA ASN A 523 5.70 18.48 -7.00
C ASN A 523 4.73 18.62 -8.19
N GLN A 524 5.25 19.07 -9.32
CA GLN A 524 4.45 19.23 -10.56
C GLN A 524 5.14 18.62 -11.77
N SER A 525 6.33 18.04 -11.57
CA SER A 525 7.11 17.51 -12.71
C SER A 525 6.98 15.99 -12.78
N TRP A 526 6.12 15.53 -13.68
CA TRP A 526 5.79 14.10 -13.88
C TRP A 526 6.61 13.48 -15.00
N THR A 527 7.29 12.39 -14.66
CA THR A 527 8.07 11.62 -15.64
C THR A 527 7.26 10.41 -16.06
N TYR A 528 6.96 10.31 -17.35
CA TYR A 528 6.22 9.18 -17.90
C TYR A 528 7.21 8.10 -18.28
N THR A 529 7.07 6.90 -17.72
CA THR A 529 8.04 5.83 -17.95
C THR A 529 7.56 4.84 -19.01
N SER A 530 8.48 3.95 -19.45
CA SER A 530 8.15 2.91 -20.42
C SER A 530 7.17 1.90 -19.82
N ARG A 531 7.01 1.95 -18.49
CA ARG A 531 6.06 1.10 -17.77
C ARG A 531 4.69 1.79 -17.60
N LYS A 532 4.54 2.95 -18.21
CA LYS A 532 3.31 3.77 -18.20
C LYS A 532 3.00 4.39 -16.84
N GLU A 533 4.04 4.55 -16.02
CA GLU A 533 3.90 5.25 -14.74
C GLU A 533 4.03 6.74 -14.98
N LEU A 534 3.39 7.51 -14.11
CA LEU A 534 3.64 8.94 -14.03
C LEU A 534 4.31 9.19 -12.68
N VAL A 535 5.61 9.47 -12.72
CA VAL A 535 6.44 9.42 -11.52
C VAL A 535 6.77 10.81 -11.01
N LEU A 536 6.61 11.03 -9.71
CA LEU A 536 6.92 12.31 -9.08
C LEU A 536 8.09 12.12 -8.09
N TYR A 537 8.96 13.13 -8.02
CA TYR A 537 10.11 13.12 -7.12
C TYR A 537 11.10 11.99 -7.41
N GLY A 538 10.97 11.38 -8.58
CA GLY A 538 11.75 10.20 -8.95
C GLY A 538 11.31 8.87 -8.34
N ASN A 539 10.35 8.90 -7.42
CA ASN A 539 10.05 7.71 -6.60
C ASN A 539 8.62 7.55 -6.05
N LYS A 540 7.69 8.38 -6.53
CA LYS A 540 6.25 8.25 -6.18
C LYS A 540 5.47 8.12 -7.47
N CYS A 541 4.47 7.26 -7.49
CA CYS A 541 3.68 7.03 -8.69
C CYS A 541 2.26 7.57 -8.58
N LEU A 542 1.78 8.24 -9.63
CA LEU A 542 0.37 8.61 -9.71
C LEU A 542 -0.46 7.31 -9.66
N ASP A 543 -1.47 7.27 -8.79
CA ASP A 543 -2.04 6.01 -8.32
C ASP A 543 -3.55 6.15 -8.13
N ALA A 544 -4.33 5.27 -8.76
CA ALA A 544 -5.78 5.20 -8.51
C ALA A 544 -5.98 4.44 -7.20
N TYR A 545 -6.36 5.18 -6.17
CA TYR A 545 -6.31 4.68 -4.79
C TYR A 545 -7.04 3.35 -4.61
N ASN A 546 -6.31 2.39 -4.04
CA ASN A 546 -6.83 1.05 -3.72
C ASN A 546 -7.39 0.32 -4.95
N LEU A 547 -6.83 0.65 -6.11
CA LEU A 547 -7.24 0.05 -7.39
C LEU A 547 -8.72 0.28 -7.70
N GLY A 548 -9.24 1.43 -7.25
CA GLY A 548 -10.63 1.79 -7.46
C GLY A 548 -10.97 1.83 -8.94
N THR A 549 -12.17 1.36 -9.28
CA THR A 549 -12.56 1.24 -10.68
C THR A 549 -13.85 2.00 -10.97
N THR A 550 -14.34 2.79 -10.02
CA THR A 550 -15.56 3.53 -10.24
C THR A 550 -15.39 5.04 -10.12
N ASN A 551 -16.39 5.77 -10.61
CA ASN A 551 -16.43 7.24 -10.56
C ASN A 551 -16.11 7.79 -9.17
N GLY A 552 -15.17 8.73 -9.11
CA GLY A 552 -14.87 9.39 -7.87
C GLY A 552 -13.69 8.80 -7.14
N THR A 553 -13.16 7.68 -7.65
CA THR A 553 -11.92 7.09 -7.12
C THR A 553 -10.84 8.15 -7.04
N LYS A 554 -10.23 8.29 -5.86
CA LYS A 554 -9.20 9.31 -5.63
C LYS A 554 -7.90 8.98 -6.37
N VAL A 555 -7.27 9.99 -6.96
CA VAL A 555 -5.97 9.80 -7.62
C VAL A 555 -4.94 10.42 -6.69
N VAL A 556 -3.98 9.60 -6.26
CA VAL A 556 -3.04 9.97 -5.21
C VAL A 556 -1.62 9.69 -5.68
N ILE A 557 -0.63 9.99 -4.84
CA ILE A 557 0.71 9.45 -5.06
C ILE A 557 0.93 8.29 -4.11
N TRP A 558 1.70 7.30 -4.57
CA TRP A 558 2.03 6.13 -3.75
C TRP A 558 3.37 5.59 -4.21
N ASP A 559 4.13 4.98 -3.30
CA ASP A 559 5.34 4.28 -3.72
C ASP A 559 5.04 3.42 -4.94
N CYS A 560 5.92 3.46 -5.93
CA CYS A 560 5.73 2.72 -7.17
C CYS A 560 5.78 1.23 -6.88
N ASN A 561 4.80 0.49 -7.37
CA ASN A 561 4.67 -0.91 -7.01
C ASN A 561 4.37 -1.85 -8.19
N GLY A 562 4.44 -1.32 -9.41
CA GLY A 562 4.22 -2.12 -10.61
C GLY A 562 2.79 -2.52 -10.93
N GLN A 563 1.84 -2.09 -10.11
CA GLN A 563 0.43 -2.48 -10.29
C GLN A 563 -0.26 -1.70 -11.41
N ALA A 564 -1.33 -2.29 -11.96
CA ALA A 564 -2.07 -1.67 -13.06
C ALA A 564 -2.74 -0.34 -12.70
N ASN A 565 -3.02 -0.13 -11.41
CA ASN A 565 -3.63 1.14 -10.96
C ASN A 565 -2.64 2.31 -10.99
N GLN A 566 -1.35 2.01 -11.24
CA GLN A 566 -0.32 3.06 -11.40
C GLN A 566 0.09 3.21 -12.87
N LYS A 567 -0.67 2.59 -13.77
CA LYS A 567 -0.37 2.69 -15.20
C LYS A 567 -1.38 3.55 -15.92
N TRP A 568 -0.89 4.39 -16.85
CA TRP A 568 -1.69 5.42 -17.49
C TRP A 568 -1.44 5.46 -18.98
N ASN A 569 -2.52 5.59 -19.76
CA ASN A 569 -2.43 5.78 -21.20
C ASN A 569 -2.61 7.25 -21.50
N ILE A 570 -1.68 7.82 -22.26
CA ILE A 570 -1.77 9.21 -22.65
C ILE A 570 -2.31 9.23 -24.08
N ASN A 571 -3.58 9.56 -24.22
CA ASN A 571 -4.31 9.31 -25.46
C ASN A 571 -4.31 10.49 -26.42
N SER A 572 -4.52 10.20 -27.70
CA SER A 572 -4.45 11.24 -28.71
C SER A 572 -5.55 12.30 -28.60
N ASP A 573 -6.68 11.95 -27.96
CA ASP A 573 -7.76 12.90 -27.71
C ASP A 573 -7.54 13.82 -26.50
N GLY A 574 -6.38 13.70 -25.86
CA GLY A 574 -6.06 14.58 -24.74
C GLY A 574 -6.40 14.00 -23.38
N THR A 575 -7.08 12.84 -23.37
CA THR A 575 -7.39 12.16 -22.11
C THR A 575 -6.19 11.40 -21.57
N ILE A 576 -6.21 11.13 -20.28
CA ILE A 576 -5.22 10.26 -19.64
C ILE A 576 -5.99 9.19 -18.88
N THR A 577 -5.92 7.95 -19.34
CA THR A 577 -6.74 6.89 -18.75
C THR A 577 -5.95 5.96 -17.85
N ASN A 578 -6.55 5.58 -16.74
CA ASN A 578 -5.97 4.61 -15.84
C ASN A 578 -6.13 3.24 -16.50
N VAL A 579 -5.05 2.47 -16.59
CA VAL A 579 -5.06 1.19 -17.30
C VAL A 579 -5.98 0.18 -16.60
N ASN A 580 -5.85 0.08 -15.29
CA ASN A 580 -6.60 -0.88 -14.51
C ASN A 580 -8.11 -0.73 -14.69
N ALA A 581 -8.56 0.52 -14.67
CA ALA A 581 -9.96 0.90 -14.61
C ALA A 581 -10.58 1.39 -15.93
N GLY A 582 -9.76 1.88 -16.84
CA GLY A 582 -10.24 2.48 -18.11
C GLY A 582 -10.88 3.84 -17.92
N LEU A 583 -10.81 4.37 -16.69
CA LEU A 583 -11.40 5.67 -16.39
C LEU A 583 -10.42 6.80 -16.63
N CYS A 584 -10.95 8.01 -16.79
CA CYS A 584 -10.18 9.20 -17.14
C CYS A 584 -9.73 9.99 -15.91
N LEU A 585 -8.50 10.51 -15.96
CA LEU A 585 -8.04 11.49 -14.98
C LEU A 585 -8.92 12.73 -15.13
N ASP A 586 -9.47 13.22 -14.03
CA ASP A 586 -10.62 14.13 -14.06
C ASP A 586 -10.50 15.20 -12.97
N ALA A 587 -10.58 16.47 -13.35
CA ALA A 587 -10.65 17.55 -12.38
C ALA A 587 -12.08 17.59 -11.86
N TYR A 588 -12.25 17.29 -10.57
CA TYR A 588 -13.56 16.95 -9.97
C TYR A 588 -14.60 18.06 -10.13
N ASN A 589 -15.77 17.69 -10.67
CA ASN A 589 -16.89 18.59 -10.93
C ASN A 589 -16.58 19.71 -11.91
N ALA A 590 -15.55 19.50 -12.73
CA ALA A 590 -15.07 20.49 -13.70
C ALA A 590 -14.73 21.82 -13.05
N ALA A 591 -14.36 21.78 -11.78
CA ALA A 591 -13.80 22.95 -11.10
C ALA A 591 -12.43 23.27 -11.70
N THR A 592 -12.03 24.54 -11.67
CA THR A 592 -10.78 24.96 -12.29
C THR A 592 -9.81 25.63 -11.29
N ALA A 593 -10.25 25.83 -10.06
CA ALA A 593 -9.46 26.59 -9.08
C ALA A 593 -8.34 25.75 -8.44
N ASN A 594 -7.36 26.44 -7.87
CA ASN A 594 -6.38 25.79 -6.97
C ASN A 594 -7.06 24.91 -5.95
N GLY A 595 -6.52 23.70 -5.76
CA GLY A 595 -7.04 22.78 -4.76
C GLY A 595 -8.14 21.86 -5.25
N THR A 596 -8.53 21.97 -6.52
CA THR A 596 -9.49 21.05 -7.13
C THR A 596 -8.91 19.64 -7.11
N SER A 597 -9.67 18.69 -6.54
CA SER A 597 -9.20 17.31 -6.44
C SER A 597 -9.19 16.60 -7.79
N LEU A 598 -8.18 15.76 -8.01
CA LEU A 598 -8.19 14.89 -9.19
C LEU A 598 -8.74 13.52 -8.81
N VAL A 599 -9.64 13.02 -9.65
CA VAL A 599 -10.28 11.73 -9.42
C VAL A 599 -10.28 10.95 -10.73
N LEU A 600 -10.72 9.71 -10.67
CA LEU A 600 -11.05 8.97 -11.89
C LEU A 600 -12.52 9.16 -12.17
N TRP A 601 -12.86 9.27 -13.45
CA TRP A 601 -14.26 9.37 -13.86
C TRP A 601 -14.42 8.79 -15.25
N SER A 602 -15.60 8.26 -15.52
CA SER A 602 -15.97 7.80 -16.85
C SER A 602 -15.61 8.84 -17.91
N CYS A 603 -14.92 8.40 -18.96
CA CYS A 603 -14.43 9.32 -19.99
C CYS A 603 -15.54 9.92 -20.86
N GLY A 604 -15.47 11.23 -21.05
N GLY A 604 -15.43 11.22 -21.15
CA GLY A 604 -16.36 11.95 -21.95
CA GLY A 604 -16.29 11.86 -22.14
C GLY A 604 -15.55 12.93 -22.76
C GLY A 604 -17.20 12.96 -21.62
N THR A 605 -16.22 13.99 -23.20
N THR A 605 -16.79 13.61 -20.53
CA THR A 605 -15.60 14.97 -24.09
CA THR A 605 -17.63 14.61 -19.89
C THR A 605 -15.28 16.28 -23.37
C THR A 605 -17.22 16.05 -20.18
N GLY A 606 -15.56 16.31 -22.07
N GLY A 606 -15.99 16.28 -20.66
CA GLY A 606 -15.39 17.50 -21.24
CA GLY A 606 -15.53 17.64 -20.96
C GLY A 606 -13.92 17.88 -21.11
C GLY A 606 -14.04 17.91 -20.83
N ASP A 607 -13.66 19.19 -21.05
CA ASP A 607 -12.26 19.65 -21.02
C ASP A 607 -11.59 19.50 -19.65
N ASN A 608 -12.36 19.23 -18.61
CA ASN A 608 -11.78 18.85 -17.30
C ASN A 608 -11.21 17.43 -17.28
N GLN A 609 -11.31 16.73 -18.40
CA GLN A 609 -10.67 15.42 -18.58
C GLN A 609 -9.58 15.49 -19.67
N LYS A 610 -9.26 16.70 -20.11
CA LYS A 610 -8.26 16.86 -21.16
C LYS A 610 -7.01 17.53 -20.60
N TRP A 611 -5.86 17.05 -21.05
CA TRP A 611 -4.58 17.40 -20.45
C TRP A 611 -3.53 17.56 -21.54
N THR A 612 -2.51 18.38 -21.27
CA THR A 612 -1.27 18.39 -22.05
C THR A 612 -0.12 17.85 -21.18
N VAL A 613 0.71 16.97 -21.76
CA VAL A 613 1.77 16.25 -21.02
C VAL A 613 3.13 16.24 -21.72
N THR A 614 3.59 17.41 -22.13
CA THR A 614 4.84 17.52 -22.87
C THR A 614 5.87 18.39 -22.15
N THR B 3 -25.60 -41.19 11.96
CA THR B 3 -25.83 -39.72 11.75
C THR B 3 -26.97 -39.45 10.76
N THR B 4 -27.69 -38.36 11.01
CA THR B 4 -28.84 -37.94 10.21
C THR B 4 -28.43 -37.68 8.75
N ARG B 5 -29.38 -37.87 7.83
CA ARG B 5 -29.13 -37.64 6.41
C ARG B 5 -28.99 -36.14 6.11
N GLN B 6 -28.09 -35.81 5.20
CA GLN B 6 -27.88 -34.43 4.78
C GLN B 6 -28.86 -34.08 3.66
N ILE B 7 -29.50 -32.92 3.75
CA ILE B 7 -30.45 -32.49 2.71
C ILE B 7 -29.70 -31.66 1.67
N THR B 8 -29.85 -32.01 0.39
CA THR B 8 -29.18 -31.29 -0.69
C THR B 8 -29.69 -29.85 -0.79
N VAL B 9 -28.77 -28.90 -0.95
CA VAL B 9 -29.14 -27.50 -1.13
C VAL B 9 -28.77 -27.05 -2.55
N PRO B 10 -29.42 -25.98 -3.06
CA PRO B 10 -29.14 -25.59 -4.45
C PRO B 10 -27.67 -25.22 -4.67
N SER B 11 -27.18 -25.53 -5.86
CA SER B 11 -25.82 -25.18 -6.27
C SER B 11 -25.77 -23.81 -6.94
N ALA B 12 -24.56 -23.28 -7.10
CA ALA B 12 -24.36 -22.00 -7.80
C ALA B 12 -24.60 -22.18 -9.31
N PRO B 13 -25.09 -21.11 -9.99
CA PRO B 13 -25.38 -21.24 -11.43
C PRO B 13 -24.16 -21.61 -12.27
N MET B 14 -24.39 -22.39 -13.32
CA MET B 14 -23.37 -22.68 -14.32
C MET B 14 -23.91 -22.25 -15.68
N GLY B 15 -23.04 -21.66 -16.50
CA GLY B 15 -23.45 -21.20 -17.82
C GLY B 15 -22.37 -20.40 -18.50
N TRP B 16 -22.82 -19.45 -19.33
CA TRP B 16 -21.94 -18.56 -20.07
C TRP B 16 -22.58 -17.17 -20.07
N ALA B 17 -21.76 -16.11 -20.03
CA ALA B 17 -22.29 -14.75 -20.08
C ALA B 17 -21.53 -13.91 -21.10
N SER B 18 -22.23 -12.97 -21.72
CA SER B 18 -21.70 -12.23 -22.89
C SER B 18 -20.67 -11.14 -22.59
N TRP B 19 -20.48 -10.75 -21.34
CA TRP B 19 -19.68 -9.55 -21.03
C TRP B 19 -18.19 -9.65 -21.32
N ASN B 20 -17.52 -10.65 -20.77
CA ASN B 20 -16.05 -10.71 -20.82
C ASN B 20 -15.47 -10.65 -22.24
N SER B 21 -16.13 -11.27 -23.21
CA SER B 21 -15.60 -11.31 -24.58
C SER B 21 -16.25 -10.34 -25.57
N PHE B 22 -17.43 -9.80 -25.25
CA PHE B 22 -18.11 -8.91 -26.21
C PHE B 22 -18.40 -7.50 -25.73
N ALA B 23 -18.21 -7.25 -24.43
CA ALA B 23 -18.67 -6.00 -23.83
C ALA B 23 -20.11 -5.74 -24.31
N ALA B 24 -20.45 -4.50 -24.68
CA ALA B 24 -21.82 -4.16 -25.09
C ALA B 24 -22.13 -4.52 -26.54
N LYS B 25 -21.16 -5.07 -27.26
CA LYS B 25 -21.33 -5.37 -28.70
C LYS B 25 -22.05 -6.70 -28.90
N ILE B 26 -23.30 -6.75 -28.48
CA ILE B 26 -24.10 -7.95 -28.57
C ILE B 26 -25.39 -7.67 -29.32
N ASP B 27 -25.89 -8.72 -29.99
CA ASP B 27 -27.19 -8.72 -30.64
C ASP B 27 -27.67 -10.15 -30.76
N TYR B 28 -28.82 -10.37 -31.40
CA TYR B 28 -29.37 -11.70 -31.56
C TYR B 28 -28.35 -12.64 -32.19
N SER B 29 -27.70 -12.21 -33.28
CA SER B 29 -26.74 -13.09 -33.97
C SER B 29 -25.54 -13.49 -33.09
N VAL B 30 -25.02 -12.54 -32.31
CA VAL B 30 -23.89 -12.82 -31.42
C VAL B 30 -24.28 -13.93 -30.43
N ILE B 31 -25.42 -13.75 -29.76
CA ILE B 31 -25.88 -14.71 -28.75
C ILE B 31 -26.20 -16.06 -29.38
N LYS B 32 -26.87 -16.04 -30.54
CA LYS B 32 -27.19 -17.28 -31.26
C LYS B 32 -25.93 -18.13 -31.54
N LYS B 33 -24.88 -17.48 -32.02
CA LYS B 33 -23.65 -18.18 -32.37
C LYS B 33 -22.97 -18.77 -31.12
N GLN B 34 -23.07 -18.05 -30.00
CA GLN B 34 -22.50 -18.53 -28.75
C GLN B 34 -23.29 -19.72 -28.23
N VAL B 35 -24.62 -19.65 -28.32
CA VAL B 35 -25.48 -20.79 -27.97
C VAL B 35 -25.08 -22.03 -28.78
N ASP B 36 -24.95 -21.87 -30.10
CA ASP B 36 -24.61 -23.01 -30.95
C ASP B 36 -23.26 -23.63 -30.54
N ALA B 37 -22.27 -22.78 -30.25
CA ALA B 37 -20.94 -23.22 -29.84
C ALA B 37 -20.94 -23.92 -28.47
N PHE B 38 -21.71 -23.37 -27.53
CA PHE B 38 -21.97 -23.94 -26.19
C PHE B 38 -22.46 -25.38 -26.32
N VAL B 39 -23.48 -25.57 -27.15
CA VAL B 39 -24.06 -26.89 -27.38
C VAL B 39 -23.04 -27.82 -28.06
N ALA B 40 -22.40 -27.32 -29.12
CA ALA B 40 -21.42 -28.11 -29.87
C ALA B 40 -20.23 -28.54 -29.01
N ALA B 41 -19.90 -27.73 -28.01
CA ALA B 41 -18.78 -28.00 -27.10
C ALA B 41 -19.10 -29.05 -26.03
N GLY B 42 -20.37 -29.44 -25.93
CA GLY B 42 -20.80 -30.42 -24.94
C GLY B 42 -20.90 -29.84 -23.53
N LEU B 43 -20.92 -28.51 -23.43
CA LEU B 43 -21.06 -27.87 -22.12
C LEU B 43 -22.33 -28.29 -21.34
N PRO B 44 -23.49 -28.46 -22.02
CA PRO B 44 -24.70 -28.86 -21.28
C PRO B 44 -24.54 -30.16 -20.45
N ALA B 45 -23.88 -31.17 -21.01
CA ALA B 45 -23.72 -32.47 -20.33
C ALA B 45 -22.80 -32.35 -19.11
N ALA B 46 -21.96 -31.31 -19.11
CA ALA B 46 -21.12 -30.98 -17.95
C ALA B 46 -21.85 -30.22 -16.84
N GLY B 47 -23.05 -29.71 -17.15
CA GLY B 47 -23.86 -29.01 -16.15
C GLY B 47 -24.12 -27.55 -16.48
N TYR B 48 -23.47 -27.05 -17.55
CA TYR B 48 -23.62 -25.64 -17.93
C TYR B 48 -25.02 -25.43 -18.52
N THR B 49 -25.73 -24.44 -17.97
CA THR B 49 -27.18 -24.33 -18.18
C THR B 49 -27.61 -22.95 -18.71
N TYR B 50 -27.03 -21.89 -18.15
CA TYR B 50 -27.47 -20.53 -18.47
C TYR B 50 -26.74 -19.90 -19.65
N ILE B 51 -27.50 -19.22 -20.50
CA ILE B 51 -26.98 -18.31 -21.50
C ILE B 51 -27.41 -16.93 -21.06
N ASN B 52 -26.46 -16.16 -20.53
CA ASN B 52 -26.78 -14.88 -19.92
C ASN B 52 -26.39 -13.69 -20.79
N ILE B 53 -27.40 -12.92 -21.17
CA ILE B 53 -27.22 -11.74 -21.99
C ILE B 53 -26.92 -10.59 -21.04
N ASP B 54 -25.73 -10.03 -21.16
CA ASP B 54 -25.27 -9.00 -20.21
C ASP B 54 -25.57 -7.62 -20.79
N GLU B 55 -24.78 -6.61 -20.43
CA GLU B 55 -25.06 -5.24 -20.89
C GLU B 55 -24.98 -5.11 -22.41
N GLY B 56 -25.86 -4.28 -22.97
CA GLY B 56 -25.82 -3.94 -24.40
C GLY B 56 -27.08 -4.25 -25.21
N TRP B 57 -28.03 -4.98 -24.61
CA TRP B 57 -29.25 -5.39 -25.31
C TRP B 57 -30.31 -4.30 -25.29
N TRP B 58 -30.18 -3.36 -24.37
CA TRP B 58 -31.22 -2.35 -24.13
C TRP B 58 -30.60 -0.97 -24.03
N GLN B 59 -31.08 -0.04 -24.86
CA GLN B 59 -30.53 1.31 -24.86
C GLN B 59 -31.31 2.31 -24.01
N GLY B 60 -32.18 1.80 -23.14
CA GLY B 60 -32.89 2.65 -22.17
C GLY B 60 -34.27 3.15 -22.56
N THR B 61 -34.75 2.74 -23.73
CA THR B 61 -36.02 3.21 -24.26
C THR B 61 -37.19 2.45 -23.64
N ARG B 62 -38.30 3.17 -23.44
CA ARG B 62 -39.54 2.55 -22.97
C ARG B 62 -40.70 3.13 -23.79
N ASP B 63 -41.81 2.40 -23.88
CA ASP B 63 -43.02 2.95 -24.52
C ASP B 63 -43.76 3.87 -23.53
N SER B 64 -44.91 4.37 -23.93
CA SER B 64 -45.65 5.32 -23.12
C SER B 64 -46.22 4.71 -21.83
N ALA B 65 -46.35 3.39 -21.79
CA ALA B 65 -46.83 2.68 -20.60
C ALA B 65 -45.69 2.22 -19.70
N GLY B 66 -44.46 2.57 -20.08
CA GLY B 66 -43.27 2.23 -19.27
C GLY B 66 -42.64 0.88 -19.58
N ASN B 67 -43.18 0.17 -20.56
CA ASN B 67 -42.60 -1.12 -20.96
C ASN B 67 -41.28 -0.93 -21.70
N ILE B 68 -40.28 -1.72 -21.32
CA ILE B 68 -39.00 -1.73 -22.03
C ILE B 68 -39.23 -2.02 -23.53
N THR B 69 -38.60 -1.22 -24.39
CA THR B 69 -38.62 -1.49 -25.82
C THR B 69 -37.19 -1.71 -26.29
N VAL B 70 -37.02 -2.61 -27.25
CA VAL B 70 -35.71 -2.92 -27.81
C VAL B 70 -35.66 -2.60 -29.30
N ASP B 71 -34.45 -2.52 -29.84
CA ASP B 71 -34.26 -2.27 -31.26
C ASP B 71 -34.36 -3.63 -31.96
N THR B 72 -35.44 -3.86 -32.71
CA THR B 72 -35.64 -5.19 -33.35
C THR B 72 -34.71 -5.43 -34.53
N ALA B 73 -34.00 -4.41 -35.01
CA ALA B 73 -32.93 -4.63 -35.96
C ALA B 73 -31.84 -5.52 -35.34
N GLU B 74 -31.52 -5.26 -34.08
CA GLU B 74 -30.55 -6.08 -33.34
C GLU B 74 -31.19 -7.32 -32.70
N TRP B 75 -32.48 -7.20 -32.37
CA TRP B 75 -33.22 -8.26 -31.68
C TRP B 75 -34.51 -8.58 -32.45
N PRO B 76 -34.38 -9.23 -33.63
CA PRO B 76 -35.58 -9.52 -34.42
C PRO B 76 -36.53 -10.45 -33.66
N GLY B 77 -37.83 -10.13 -33.68
CA GLY B 77 -38.86 -10.87 -32.94
C GLY B 77 -38.94 -10.45 -31.49
N GLY B 78 -38.12 -9.47 -31.10
CA GLY B 78 -38.05 -9.00 -29.71
C GLY B 78 -37.27 -9.98 -28.84
N MET B 79 -37.22 -9.71 -27.54
CA MET B 79 -36.41 -10.55 -26.65
C MET B 79 -36.95 -11.97 -26.47
N SER B 80 -38.26 -12.16 -26.68
CA SER B 80 -38.81 -13.52 -26.57
C SER B 80 -38.29 -14.46 -27.67
N ALA B 81 -37.79 -13.89 -28.77
CA ALA B 81 -37.21 -14.68 -29.84
C ALA B 81 -35.89 -15.32 -29.43
N ILE B 82 -35.05 -14.56 -28.69
CA ILE B 82 -33.77 -15.13 -28.26
C ILE B 82 -33.97 -16.11 -27.10
N THR B 83 -34.92 -15.85 -26.20
CA THR B 83 -35.21 -16.83 -25.14
C THR B 83 -35.78 -18.11 -25.76
N ALA B 84 -36.61 -17.95 -26.79
CA ALA B 84 -37.14 -19.12 -27.51
C ALA B 84 -36.00 -19.97 -28.07
N TYR B 85 -35.01 -19.32 -28.68
CA TYR B 85 -33.87 -20.03 -29.25
C TYR B 85 -33.06 -20.77 -28.17
N ILE B 86 -32.73 -20.05 -27.10
CA ILE B 86 -31.99 -20.62 -25.99
C ILE B 86 -32.71 -21.85 -25.43
N HIS B 87 -33.99 -21.69 -25.13
CA HIS B 87 -34.80 -22.80 -24.61
C HIS B 87 -34.86 -23.97 -25.60
N SER B 88 -34.90 -23.66 -26.90
CA SER B 88 -35.03 -24.70 -27.93
C SER B 88 -33.80 -25.59 -27.97
N LYS B 89 -32.66 -25.04 -27.54
CA LYS B 89 -31.39 -25.77 -27.45
C LYS B 89 -31.17 -26.44 -26.10
N GLY B 90 -32.22 -26.44 -25.27
CA GLY B 90 -32.20 -27.14 -23.97
C GLY B 90 -31.64 -26.33 -22.81
N LEU B 91 -31.55 -25.02 -23.00
CA LEU B 91 -30.87 -24.16 -22.04
C LEU B 91 -31.78 -23.13 -21.39
N LYS B 92 -31.24 -22.41 -20.40
CA LYS B 92 -31.98 -21.34 -19.72
C LYS B 92 -31.38 -19.98 -20.10
N ALA B 93 -32.22 -18.94 -20.04
CA ALA B 93 -31.87 -17.62 -20.57
C ALA B 93 -31.75 -16.58 -19.46
N GLY B 94 -30.72 -15.75 -19.53
CA GLY B 94 -30.48 -14.69 -18.54
C GLY B 94 -30.49 -13.32 -19.15
N ILE B 95 -30.89 -12.33 -18.37
CA ILE B 95 -30.97 -10.96 -18.84
C ILE B 95 -30.32 -10.02 -17.79
N TYR B 96 -30.30 -8.72 -18.09
CA TYR B 96 -29.44 -7.80 -17.34
C TYR B 96 -30.08 -6.41 -17.25
N THR B 97 -30.10 -5.86 -16.04
CA THR B 97 -30.59 -4.49 -15.84
C THR B 97 -29.85 -3.82 -14.66
N ASP B 98 -30.29 -2.63 -14.26
CA ASP B 98 -29.66 -1.90 -13.15
C ASP B 98 -30.68 -1.63 -12.04
N ALA B 99 -30.17 -1.51 -10.81
CA ALA B 99 -30.99 -1.06 -9.67
C ALA B 99 -31.42 0.41 -9.77
N GLY B 100 -30.64 1.25 -10.44
CA GLY B 100 -30.93 2.69 -10.51
C GLY B 100 -31.76 3.06 -11.73
N LYS B 101 -31.92 4.36 -11.96
CA LYS B 101 -32.69 4.86 -13.11
C LYS B 101 -31.97 4.71 -14.45
N ASP B 102 -30.64 4.64 -14.41
CA ASP B 102 -29.79 4.46 -15.60
C ASP B 102 -28.74 3.42 -15.28
N GLY B 103 -28.28 2.72 -16.30
CA GLY B 103 -27.42 1.55 -16.12
C GLY B 103 -25.97 1.80 -16.44
N CYS B 104 -25.17 0.74 -16.39
CA CYS B 104 -23.74 0.89 -16.65
C CYS B 104 -23.50 1.29 -18.11
N GLY B 105 -24.46 0.98 -18.98
CA GLY B 105 -24.40 1.41 -20.38
C GLY B 105 -24.59 2.91 -20.52
N TYR B 106 -25.02 3.56 -19.44
CA TYR B 106 -25.09 5.00 -19.41
C TYR B 106 -23.83 5.57 -18.72
N TYR B 107 -23.54 5.08 -17.52
CA TYR B 107 -22.47 5.65 -16.71
C TYR B 107 -21.10 5.31 -17.27
N TYR B 108 -20.95 4.11 -17.83
CA TYR B 108 -19.65 3.68 -18.34
C TYR B 108 -19.75 3.04 -19.74
N PRO B 109 -20.07 3.85 -20.77
CA PRO B 109 -20.27 3.29 -22.10
C PRO B 109 -19.03 2.54 -22.57
N THR B 110 -19.22 1.29 -23.01
CA THR B 110 -18.12 0.39 -23.37
C THR B 110 -18.51 -0.40 -24.62
N GLY B 111 -18.30 0.22 -25.78
CA GLY B 111 -18.64 -0.39 -27.08
C GLY B 111 -19.83 0.24 -27.80
N ARG B 112 -20.60 1.06 -27.08
CA ARG B 112 -21.79 1.75 -27.61
C ARG B 112 -21.89 3.16 -27.05
N PRO B 113 -22.67 4.04 -27.70
CA PRO B 113 -22.99 5.35 -27.13
C PRO B 113 -23.75 5.19 -25.82
N ALA B 114 -23.67 6.22 -24.96
CA ALA B 114 -24.37 6.22 -23.67
C ALA B 114 -25.86 5.91 -23.83
N ALA B 115 -26.40 5.12 -22.91
CA ALA B 115 -27.79 4.67 -22.97
C ALA B 115 -28.58 5.19 -21.78
N PRO B 116 -29.04 6.46 -21.84
CA PRO B 116 -29.84 6.97 -20.72
C PRO B 116 -31.13 6.17 -20.52
N GLY B 117 -31.48 5.94 -19.25
CA GLY B 117 -32.74 5.28 -18.92
C GLY B 117 -32.62 3.76 -18.77
N SER B 118 -31.40 3.25 -18.89
CA SER B 118 -31.16 1.80 -18.91
C SER B 118 -31.09 1.18 -17.51
N GLY B 119 -32.03 1.57 -16.66
CA GLY B 119 -32.17 0.98 -15.34
C GLY B 119 -33.62 0.71 -15.00
N SER B 120 -33.85 -0.09 -13.97
CA SER B 120 -35.19 -0.54 -13.63
C SER B 120 -35.85 0.19 -12.45
N GLU B 121 -35.16 1.17 -11.87
CA GLU B 121 -35.70 1.91 -10.73
C GLU B 121 -37.02 2.56 -11.10
N GLY B 122 -38.02 2.39 -10.24
CA GLY B 122 -39.37 2.91 -10.52
C GLY B 122 -40.17 1.94 -11.37
N HIS B 123 -39.52 0.84 -11.78
CA HIS B 123 -40.16 -0.16 -12.64
C HIS B 123 -39.77 -1.58 -12.23
N TYR B 124 -39.43 -1.81 -10.96
CA TYR B 124 -38.94 -3.13 -10.58
C TYR B 124 -39.96 -4.25 -10.87
N ASP B 125 -41.18 -4.09 -10.37
CA ASP B 125 -42.22 -5.11 -10.63
C ASP B 125 -42.51 -5.25 -12.12
N GLN B 126 -42.62 -4.11 -12.80
CA GLN B 126 -42.92 -4.08 -14.23
C GLN B 126 -41.84 -4.78 -15.04
N ASP B 127 -40.57 -4.42 -14.79
CA ASP B 127 -39.46 -4.99 -15.55
C ASP B 127 -39.23 -6.47 -15.23
N MET B 128 -39.23 -6.84 -13.95
CA MET B 128 -39.05 -8.26 -13.59
C MET B 128 -40.15 -9.12 -14.22
N LEU B 129 -41.38 -8.60 -14.23
CA LEU B 129 -42.50 -9.31 -14.85
C LEU B 129 -42.28 -9.45 -16.36
N GLN B 130 -41.82 -8.38 -16.97
CA GLN B 130 -41.50 -8.40 -18.40
C GLN B 130 -40.43 -9.43 -18.73
N PHE B 131 -39.36 -9.47 -17.93
CA PHE B 131 -38.30 -10.43 -18.17
C PHE B 131 -38.85 -11.85 -18.10
N SER B 132 -39.63 -12.13 -17.05
CA SER B 132 -40.21 -13.46 -16.87
C SER B 132 -41.16 -13.80 -18.02
N THR B 133 -41.99 -12.82 -18.42
CA THR B 133 -42.95 -13.00 -19.52
C THR B 133 -42.24 -13.30 -20.84
N TRP B 134 -41.13 -12.60 -21.08
CA TRP B 134 -40.29 -12.87 -22.26
C TRP B 134 -39.68 -14.27 -22.24
N GLY B 135 -39.63 -14.88 -21.07
CA GLY B 135 -39.06 -16.22 -20.92
C GLY B 135 -37.70 -16.29 -20.25
N PHE B 136 -37.23 -15.19 -19.67
CA PHE B 136 -35.93 -15.25 -18.98
C PHE B 136 -36.04 -15.98 -17.66
N ASP B 137 -34.99 -16.74 -17.36
CA ASP B 137 -34.91 -17.61 -16.18
C ASP B 137 -33.95 -17.05 -15.13
N PHE B 138 -33.25 -15.97 -15.49
CA PHE B 138 -32.14 -15.45 -14.70
C PHE B 138 -32.09 -13.96 -14.96
N VAL B 139 -31.77 -13.18 -13.93
CA VAL B 139 -31.56 -11.75 -14.11
C VAL B 139 -30.43 -11.26 -13.20
N LYS B 140 -29.48 -10.56 -13.82
CA LYS B 140 -28.37 -9.94 -13.12
C LYS B 140 -28.71 -8.46 -12.98
N VAL B 141 -28.69 -7.95 -11.75
CA VAL B 141 -29.07 -6.56 -11.50
C VAL B 141 -27.87 -5.76 -10.98
N ASP B 142 -27.40 -4.86 -11.84
CA ASP B 142 -26.18 -4.10 -11.59
C ASP B 142 -26.46 -2.86 -10.75
N TRP B 143 -25.41 -2.10 -10.46
CA TRP B 143 -25.43 -1.10 -9.39
C TRP B 143 -24.94 0.28 -9.85
N CYS B 144 -24.76 0.49 -11.15
CA CYS B 144 -24.20 1.77 -11.61
C CYS B 144 -25.09 2.95 -11.21
N GLY B 145 -26.38 2.80 -11.39
CA GLY B 145 -27.34 3.85 -11.00
C GLY B 145 -27.50 3.90 -9.49
N GLY B 146 -27.42 2.75 -8.84
CA GLY B 146 -27.41 2.69 -7.38
C GLY B 146 -26.26 3.51 -6.80
N ASP B 147 -25.06 3.27 -7.31
CA ASP B 147 -23.88 4.00 -6.84
C ASP B 147 -24.00 5.49 -7.14
N ALA B 148 -24.47 5.82 -8.33
CA ALA B 148 -24.58 7.22 -8.76
C ALA B 148 -25.58 8.02 -7.92
N GLU B 149 -26.65 7.35 -7.52
CA GLU B 149 -27.76 7.98 -6.79
C GLU B 149 -27.58 7.92 -5.27
N GLY B 150 -26.51 7.30 -4.82
CA GLY B 150 -26.24 7.11 -3.38
C GLY B 150 -27.30 6.25 -2.70
N LEU B 151 -27.76 5.20 -3.37
CA LEU B 151 -28.78 4.32 -2.79
C LEU B 151 -28.20 3.39 -1.74
N ASP B 152 -29.05 2.99 -0.78
CA ASP B 152 -28.68 1.99 0.19
C ASP B 152 -28.84 0.61 -0.47
N ALA B 153 -27.75 -0.14 -0.56
CA ALA B 153 -27.74 -1.41 -1.27
C ALA B 153 -28.64 -2.48 -0.60
N ALA B 154 -28.55 -2.63 0.71
CA ALA B 154 -29.35 -3.68 1.36
C ALA B 154 -30.85 -3.50 1.15
N THR B 155 -31.36 -2.27 1.31
CA THR B 155 -32.79 -2.06 1.15
C THR B 155 -33.22 -2.05 -0.33
N THR B 156 -32.34 -1.55 -1.20
CA THR B 156 -32.64 -1.52 -2.64
C THR B 156 -32.73 -2.95 -3.17
N TYR B 157 -31.76 -3.79 -2.84
CA TYR B 157 -31.81 -5.16 -3.32
C TYR B 157 -32.92 -5.99 -2.65
N LYS B 158 -33.32 -5.62 -1.43
CA LYS B 158 -34.49 -6.27 -0.83
C LYS B 158 -35.72 -6.00 -1.71
N SER B 159 -35.89 -4.74 -2.10
CA SER B 159 -37.01 -4.33 -2.98
C SER B 159 -36.96 -5.08 -4.32
N ILE B 160 -35.76 -5.19 -4.88
CA ILE B 160 -35.56 -5.88 -6.14
C ILE B 160 -35.88 -7.38 -6.00
N SER B 161 -35.38 -7.97 -4.91
CA SER B 161 -35.63 -9.38 -4.61
C SER B 161 -37.14 -9.67 -4.48
N ASP B 162 -37.85 -8.76 -3.80
CA ASP B 162 -39.32 -8.86 -3.70
C ASP B 162 -39.98 -8.84 -5.08
N ALA B 163 -39.55 -7.91 -5.94
CA ALA B 163 -40.08 -7.80 -7.29
C ALA B 163 -39.79 -9.05 -8.12
N VAL B 164 -38.60 -9.62 -7.95
CA VAL B 164 -38.25 -10.89 -8.59
C VAL B 164 -39.22 -12.00 -8.17
N GLY B 165 -39.47 -12.11 -6.86
CA GLY B 165 -40.42 -13.09 -6.33
C GLY B 165 -41.82 -12.91 -6.87
N ARG B 166 -42.27 -11.67 -6.97
CA ARG B 166 -43.61 -11.39 -7.50
C ARG B 166 -43.72 -11.71 -8.99
N ALA B 167 -42.65 -11.45 -9.73
CA ALA B 167 -42.61 -11.81 -11.15
C ALA B 167 -42.74 -13.32 -11.36
N ALA B 168 -41.92 -14.10 -10.66
CA ALA B 168 -41.95 -15.56 -10.77
C ALA B 168 -43.31 -16.11 -10.32
N ALA B 169 -43.87 -15.49 -9.28
CA ALA B 169 -45.17 -15.90 -8.75
C ALA B 169 -46.31 -15.60 -9.73
N THR B 170 -46.15 -14.58 -10.56
CA THR B 170 -47.16 -14.25 -11.58
C THR B 170 -47.12 -15.23 -12.76
N THR B 171 -45.92 -15.53 -13.25
CA THR B 171 -45.78 -16.29 -14.50
C THR B 171 -45.72 -17.80 -14.28
N GLY B 172 -45.28 -18.21 -13.10
CA GLY B 172 -44.96 -19.60 -12.85
C GLY B 172 -43.65 -20.06 -13.46
N ARG B 173 -42.80 -19.11 -13.86
CA ARG B 173 -41.43 -19.43 -14.30
C ARG B 173 -40.42 -18.94 -13.27
N PRO B 174 -39.58 -19.85 -12.72
CA PRO B 174 -38.61 -19.40 -11.73
C PRO B 174 -37.70 -18.30 -12.29
N LEU B 175 -37.27 -17.42 -11.41
CA LEU B 175 -36.37 -16.32 -11.80
C LEU B 175 -35.24 -16.24 -10.80
N THR B 176 -34.04 -16.57 -11.25
CA THR B 176 -32.84 -16.53 -10.42
C THR B 176 -32.23 -15.14 -10.45
N LEU B 177 -32.07 -14.54 -9.26
CA LEU B 177 -31.49 -13.19 -9.15
C LEU B 177 -30.00 -13.27 -8.85
N SER B 178 -29.21 -12.59 -9.68
CA SER B 178 -27.80 -12.33 -9.38
C SER B 178 -27.65 -10.86 -9.00
N ILE B 179 -27.22 -10.60 -7.77
CA ILE B 179 -26.95 -9.24 -7.27
C ILE B 179 -25.53 -8.86 -7.70
N CYS B 180 -25.41 -7.74 -8.40
CA CYS B 180 -24.13 -7.30 -8.92
C CYS B 180 -23.84 -5.89 -8.40
N ASN B 181 -23.29 -5.81 -7.19
CA ASN B 181 -22.97 -4.48 -6.62
C ASN B 181 -21.52 -4.37 -6.13
N TRP B 182 -20.69 -5.31 -6.58
CA TRP B 182 -19.23 -5.16 -6.58
C TRP B 182 -18.59 -5.21 -5.20
N GLY B 183 -19.30 -5.74 -4.21
CA GLY B 183 -18.76 -5.75 -2.86
C GLY B 183 -18.98 -4.45 -2.10
N TYR B 184 -19.67 -3.51 -2.74
CA TYR B 184 -19.94 -2.20 -2.10
C TYR B 184 -20.96 -2.39 -0.98
N GLN B 185 -20.72 -1.76 0.16
CA GLN B 185 -21.59 -1.91 1.34
C GLN B 185 -21.70 -3.37 1.83
N ASN B 186 -20.66 -4.16 1.59
CA ASN B 186 -20.49 -5.47 2.22
C ASN B 186 -21.70 -6.40 2.03
N PRO B 187 -21.99 -6.78 0.78
CA PRO B 187 -23.15 -7.63 0.48
C PRO B 187 -23.15 -8.99 1.19
N TRP B 188 -21.97 -9.49 1.58
CA TRP B 188 -21.92 -10.69 2.45
C TRP B 188 -22.73 -10.56 3.75
N ASN B 189 -22.97 -9.34 4.20
CA ASN B 189 -23.79 -9.09 5.40
C ASN B 189 -25.31 -9.27 5.20
N TRP B 190 -25.79 -9.07 3.97
CA TRP B 190 -27.23 -8.94 3.77
C TRP B 190 -27.82 -9.67 2.53
N ALA B 191 -26.99 -10.10 1.58
CA ALA B 191 -27.51 -10.67 0.35
C ALA B 191 -28.10 -12.08 0.48
N ALA B 192 -27.54 -12.91 1.36
CA ALA B 192 -28.11 -14.23 1.64
C ALA B 192 -29.58 -14.04 2.05
N GLY B 193 -30.48 -14.80 1.44
CA GLY B 193 -31.91 -14.62 1.69
C GLY B 193 -32.56 -13.72 0.65
N GLN B 194 -31.79 -12.79 0.08
CA GLN B 194 -32.30 -11.94 -1.02
C GLN B 194 -32.09 -12.57 -2.40
N ALA B 195 -30.99 -13.29 -2.56
CA ALA B 195 -30.57 -13.83 -3.86
C ALA B 195 -29.61 -14.99 -3.70
N PRO B 196 -29.60 -15.93 -4.69
CA PRO B 196 -28.66 -17.05 -4.65
C PRO B 196 -27.20 -16.67 -4.85
N LEU B 197 -26.93 -15.47 -5.39
CA LEU B 197 -25.54 -15.03 -5.61
C LEU B 197 -25.39 -13.50 -5.55
N TRP B 198 -24.27 -13.05 -5.01
CA TRP B 198 -23.94 -11.61 -4.94
C TRP B 198 -22.45 -11.43 -5.28
N ARG B 199 -22.15 -10.47 -6.15
CA ARG B 199 -20.75 -10.11 -6.44
C ARG B 199 -20.06 -9.54 -5.21
N THR B 200 -18.82 -9.98 -4.98
CA THR B 200 -18.10 -9.60 -3.78
C THR B 200 -16.99 -8.57 -4.05
N SER B 201 -16.73 -8.27 -5.32
CA SER B 201 -15.65 -7.35 -5.68
C SER B 201 -15.93 -6.68 -7.02
N THR B 202 -15.07 -5.74 -7.39
CA THR B 202 -15.13 -5.14 -8.72
C THR B 202 -14.75 -6.18 -9.78
N ASP B 203 -14.85 -5.80 -11.05
CA ASP B 203 -14.76 -6.74 -12.16
C ASP B 203 -13.44 -7.46 -12.27
N ILE B 204 -13.50 -8.74 -12.65
CA ILE B 204 -12.29 -9.56 -12.80
C ILE B 204 -11.43 -9.10 -14.00
N ILE B 205 -12.07 -8.52 -15.01
CA ILE B 205 -11.39 -7.99 -16.20
C ILE B 205 -12.15 -6.81 -16.80
N TYR B 206 -11.41 -5.79 -17.23
CA TYR B 206 -11.97 -4.61 -17.87
C TYR B 206 -11.67 -4.62 -19.37
N TYR B 207 -12.66 -4.24 -20.16
CA TYR B 207 -12.59 -4.42 -21.62
C TYR B 207 -11.37 -3.72 -22.21
N GLY B 208 -10.60 -4.47 -22.98
CA GLY B 208 -9.35 -3.95 -23.56
C GLY B 208 -8.12 -4.53 -22.90
N ASN B 209 -8.27 -5.00 -21.65
CA ASN B 209 -7.16 -5.57 -20.90
C ASN B 209 -6.98 -7.07 -21.09
N GLN B 210 -5.79 -7.56 -20.79
CA GLN B 210 -5.48 -8.98 -20.84
C GLN B 210 -5.86 -9.63 -19.52
N PRO B 211 -6.35 -10.88 -19.54
CA PRO B 211 -6.60 -11.63 -18.31
C PRO B 211 -5.37 -11.61 -17.41
N SER B 212 -5.60 -11.42 -16.11
CA SER B 212 -4.54 -11.28 -15.14
C SER B 212 -4.71 -12.28 -13.98
N MET B 213 -3.66 -13.06 -13.68
CA MET B 213 -3.69 -13.91 -12.49
C MET B 213 -3.77 -13.08 -11.21
N THR B 214 -3.13 -11.91 -11.21
CA THR B 214 -3.21 -11.01 -10.05
C THR B 214 -4.67 -10.60 -9.78
N SER B 215 -5.37 -10.19 -10.83
CA SER B 215 -6.77 -9.79 -10.68
C SER B 215 -7.63 -10.99 -10.25
N LEU B 216 -7.35 -12.15 -10.81
CA LEU B 216 -8.09 -13.35 -10.47
C LEU B 216 -7.95 -13.67 -8.99
N LEU B 217 -6.71 -13.63 -8.48
CA LEU B 217 -6.46 -13.94 -7.08
C LEU B 217 -7.07 -12.90 -6.14
N SER B 218 -7.05 -11.64 -6.54
CA SER B 218 -7.73 -10.57 -5.79
C SER B 218 -9.24 -10.84 -5.67
N ASN B 219 -9.87 -11.18 -6.78
CA ASN B 219 -11.30 -11.54 -6.75
C ASN B 219 -11.57 -12.75 -5.87
N PHE B 220 -10.70 -13.76 -5.99
CA PHE B 220 -10.80 -14.94 -5.13
C PHE B 220 -10.71 -14.57 -3.65
N ASP B 221 -9.67 -13.82 -3.27
CA ASP B 221 -9.50 -13.43 -1.87
C ASP B 221 -10.70 -12.66 -1.33
N GLN B 222 -11.23 -11.75 -2.14
CA GLN B 222 -12.36 -10.92 -1.74
C GLN B 222 -13.69 -11.67 -1.67
N THR B 223 -13.74 -12.88 -2.22
CA THR B 223 -15.00 -13.63 -2.23
C THR B 223 -15.16 -14.54 -1.00
N LEU B 224 -14.09 -14.69 -0.23
CA LEU B 224 -14.05 -15.60 0.94
C LEU B 224 -14.78 -14.99 2.15
N HIS B 225 -16.04 -15.38 2.31
CA HIS B 225 -16.90 -14.94 3.41
C HIS B 225 -17.74 -16.14 3.78
N PRO B 226 -17.14 -17.09 4.53
CA PRO B 226 -17.75 -18.42 4.69
C PRO B 226 -18.99 -18.44 5.58
N THR B 227 -19.20 -17.43 6.41
CA THR B 227 -20.40 -17.40 7.26
C THR B 227 -21.61 -16.92 6.46
N ALA B 228 -21.36 -16.30 5.31
CA ALA B 228 -22.43 -15.73 4.49
C ALA B 228 -22.93 -16.74 3.46
N GLN B 229 -22.08 -17.69 3.09
CA GLN B 229 -22.43 -18.68 2.06
C GLN B 229 -22.91 -19.99 2.68
N HIS B 230 -24.11 -20.42 2.30
CA HIS B 230 -24.70 -21.67 2.78
C HIS B 230 -26.08 -21.79 2.15
N THR B 231 -26.60 -23.01 2.15
CA THR B 231 -27.99 -23.31 1.75
C THR B 231 -28.46 -22.62 0.48
N GLY B 232 -27.64 -22.64 -0.58
CA GLY B 232 -28.03 -22.09 -1.88
C GLY B 232 -27.72 -20.61 -2.08
N TYR B 233 -27.06 -20.01 -1.10
CA TYR B 233 -26.63 -18.60 -1.17
C TYR B 233 -25.11 -18.56 -1.34
N TYR B 234 -24.64 -17.90 -2.40
CA TYR B 234 -23.23 -17.96 -2.81
C TYR B 234 -22.54 -16.62 -2.97
N ASN B 235 -21.31 -16.56 -2.45
CA ASN B 235 -20.38 -15.49 -2.82
C ASN B 235 -19.99 -15.63 -4.32
N ASP B 236 -19.94 -14.51 -5.03
CA ASP B 236 -19.68 -14.50 -6.48
C ASP B 236 -18.39 -13.72 -6.83
N PRO B 237 -17.27 -14.42 -7.10
CA PRO B 237 -16.00 -13.77 -7.43
C PRO B 237 -15.90 -13.30 -8.89
N ASP B 238 -17.01 -13.39 -9.63
CA ASP B 238 -17.17 -12.86 -10.99
C ASP B 238 -17.03 -13.95 -12.06
N MET B 239 -17.33 -13.56 -13.30
CA MET B 239 -17.41 -14.48 -14.43
C MET B 239 -16.03 -15.02 -14.79
N LEU B 240 -15.97 -16.26 -15.25
CA LEU B 240 -14.69 -16.92 -15.61
C LEU B 240 -13.95 -16.22 -16.75
N MET B 241 -12.61 -16.19 -16.62
CA MET B 241 -11.73 -15.77 -17.71
C MET B 241 -11.10 -16.98 -18.39
N VAL B 242 -11.50 -18.17 -17.96
CA VAL B 242 -11.01 -19.42 -18.54
C VAL B 242 -11.10 -19.40 -20.07
N GLY B 243 -10.00 -19.70 -20.74
CA GLY B 243 -9.98 -19.72 -22.20
C GLY B 243 -9.76 -18.39 -22.88
N MET B 244 -9.73 -17.30 -22.13
CA MET B 244 -9.47 -15.99 -22.73
C MET B 244 -7.99 -15.85 -23.11
N ASP B 245 -7.73 -15.05 -24.15
CA ASP B 245 -6.39 -14.94 -24.73
C ASP B 245 -5.37 -14.54 -23.68
N GLY B 246 -4.30 -15.33 -23.58
CA GLY B 246 -3.20 -15.05 -22.66
C GLY B 246 -3.04 -16.05 -21.53
N PHE B 247 -4.15 -16.64 -21.09
CA PHE B 247 -4.08 -17.64 -20.02
C PHE B 247 -3.65 -18.98 -20.58
N THR B 248 -2.66 -19.59 -19.94
CA THR B 248 -2.20 -20.93 -20.32
C THR B 248 -3.19 -21.96 -19.85
N ALA B 249 -3.06 -23.19 -20.37
CA ALA B 249 -3.85 -24.32 -19.87
C ALA B 249 -3.78 -24.42 -18.35
N ALA B 250 -2.57 -24.31 -17.79
CA ALA B 250 -2.36 -24.46 -16.35
C ALA B 250 -3.07 -23.37 -15.54
N GLN B 251 -3.04 -22.14 -16.07
CA GLN B 251 -3.75 -21.03 -15.44
C GLN B 251 -5.26 -21.21 -15.50
N ASN B 252 -5.75 -21.73 -16.64
CA ASN B 252 -7.17 -22.07 -16.75
C ASN B 252 -7.61 -23.10 -15.71
N ARG B 253 -6.78 -24.12 -15.48
CA ARG B 253 -7.06 -25.14 -14.45
C ARG B 253 -7.09 -24.51 -13.05
N THR B 254 -6.09 -23.71 -12.74
CA THR B 254 -6.02 -23.01 -11.46
C THR B 254 -7.28 -22.15 -11.25
N HIS B 255 -7.70 -21.46 -12.31
CA HIS B 255 -8.94 -20.67 -12.28
C HIS B 255 -10.14 -21.52 -11.87
N MET B 256 -10.28 -22.69 -12.50
CA MET B 256 -11.37 -23.61 -12.17
C MET B 256 -11.25 -24.11 -10.75
N ASN B 257 -10.01 -24.44 -10.35
CA ASN B 257 -9.74 -24.94 -9.00
C ASN B 257 -10.22 -23.98 -7.90
N LEU B 258 -9.86 -22.72 -8.04
CA LEU B 258 -10.17 -21.72 -7.02
C LEU B 258 -11.66 -21.38 -6.99
N TRP B 259 -12.28 -21.28 -8.17
CA TRP B 259 -13.73 -21.09 -8.21
C TRP B 259 -14.43 -22.31 -7.60
N ALA B 260 -13.95 -23.51 -7.93
CA ALA B 260 -14.56 -24.73 -7.40
C ALA B 260 -14.42 -24.86 -5.89
N ILE B 261 -13.25 -24.53 -5.35
CA ILE B 261 -13.06 -24.61 -3.88
C ILE B 261 -13.95 -23.59 -3.14
N SER B 262 -14.25 -22.47 -3.78
CA SER B 262 -15.23 -21.50 -3.23
C SER B 262 -16.68 -21.99 -3.30
N GLY B 263 -16.98 -22.84 -4.30
CA GLY B 263 -18.36 -23.16 -4.67
C GLY B 263 -18.99 -22.09 -5.53
N ALA B 264 -18.12 -21.29 -6.18
CA ALA B 264 -18.52 -20.14 -6.98
C ALA B 264 -19.37 -20.53 -8.18
N PRO B 265 -20.21 -19.60 -8.67
CA PRO B 265 -20.85 -19.79 -9.97
C PRO B 265 -19.78 -20.02 -11.02
N LEU B 266 -20.08 -20.88 -12.00
CA LEU B 266 -19.16 -21.12 -13.11
C LEU B 266 -19.80 -20.56 -14.37
N LEU B 267 -19.63 -19.25 -14.56
CA LEU B 267 -20.18 -18.57 -15.72
C LEU B 267 -19.04 -18.25 -16.67
N ALA B 268 -18.94 -19.07 -17.72
CA ALA B 268 -17.89 -18.92 -18.75
C ALA B 268 -18.04 -17.55 -19.42
N GLY B 269 -16.90 -16.98 -19.82
CA GLY B 269 -16.91 -15.66 -20.44
C GLY B 269 -16.00 -15.58 -21.67
N ASN B 270 -15.43 -16.71 -22.09
CA ASN B 270 -14.63 -16.76 -23.32
C ASN B 270 -15.51 -16.78 -24.56
N ASP B 271 -14.90 -16.60 -25.72
CA ASP B 271 -15.59 -16.74 -27.01
C ASP B 271 -15.71 -18.23 -27.36
N LEU B 272 -16.91 -18.77 -27.23
CA LEU B 272 -17.12 -20.21 -27.39
C LEU B 272 -16.90 -20.70 -28.82
N THR B 273 -17.08 -19.80 -29.79
CA THR B 273 -16.94 -20.16 -31.21
C THR B 273 -15.48 -20.42 -31.61
N THR B 274 -14.53 -19.87 -30.85
CA THR B 274 -13.12 -20.10 -31.14
C THR B 274 -12.43 -20.89 -30.04
N MET B 275 -13.22 -21.41 -29.10
CA MET B 275 -12.69 -22.18 -27.98
C MET B 275 -12.06 -23.48 -28.48
N THR B 276 -10.90 -23.84 -27.95
CA THR B 276 -10.23 -25.09 -28.32
C THR B 276 -10.83 -26.25 -27.52
N SER B 277 -10.60 -27.47 -27.99
CA SER B 277 -10.97 -28.67 -27.23
C SER B 277 -10.23 -28.73 -25.89
N GLU B 278 -8.96 -28.31 -25.87
CA GLU B 278 -8.20 -28.23 -24.61
C GLU B 278 -8.93 -27.38 -23.57
N THR B 279 -9.34 -26.18 -23.97
CA THR B 279 -10.05 -25.27 -23.07
C THR B 279 -11.39 -25.86 -22.62
N ALA B 280 -12.12 -26.44 -23.58
CA ALA B 280 -13.41 -27.06 -23.27
C ALA B 280 -13.25 -28.18 -22.23
N GLY B 281 -12.21 -29.00 -22.36
CA GLY B 281 -11.94 -30.06 -21.40
C GLY B 281 -11.72 -29.52 -19.99
N ILE B 282 -11.10 -28.35 -19.91
CA ILE B 282 -10.81 -27.73 -18.63
C ILE B 282 -12.10 -27.22 -17.97
N LEU B 283 -12.94 -26.55 -18.76
CA LEU B 283 -14.29 -26.17 -18.31
C LEU B 283 -15.15 -27.35 -17.87
N LYS B 284 -14.95 -28.51 -18.52
CA LYS B 284 -15.85 -29.64 -18.32
C LYS B 284 -15.39 -30.73 -17.36
N ASN B 285 -14.23 -30.57 -16.72
CA ASN B 285 -13.73 -31.59 -15.79
C ASN B 285 -14.82 -31.92 -14.76
N PRO B 286 -15.42 -33.14 -14.85
CA PRO B 286 -16.58 -33.44 -14.01
C PRO B 286 -16.24 -33.55 -12.52
N GLU B 287 -14.99 -33.85 -12.18
CA GLU B 287 -14.59 -34.02 -10.79
C GLU B 287 -14.45 -32.67 -10.13
N VAL B 288 -13.85 -31.72 -10.86
CA VAL B 288 -13.74 -30.34 -10.39
C VAL B 288 -15.13 -29.68 -10.30
N ILE B 289 -15.96 -29.91 -11.31
CA ILE B 289 -17.36 -29.43 -11.27
C ILE B 289 -18.14 -30.00 -10.06
N ALA B 290 -17.95 -31.28 -9.75
CA ALA B 290 -18.64 -31.91 -8.62
C ALA B 290 -18.27 -31.25 -7.28
N VAL B 291 -17.01 -30.87 -7.13
CA VAL B 291 -16.59 -30.10 -5.95
C VAL B 291 -17.26 -28.73 -5.93
N ASP B 292 -17.25 -28.03 -7.08
CA ASP B 292 -17.90 -26.72 -7.18
C ASP B 292 -19.38 -26.78 -6.79
N GLN B 293 -20.04 -27.82 -7.30
CA GLN B 293 -21.49 -28.01 -7.17
C GLN B 293 -21.88 -28.87 -5.99
N ASP B 294 -20.95 -29.08 -5.05
CA ASP B 294 -21.20 -29.96 -3.92
C ASP B 294 -22.56 -29.68 -3.24
N SER B 295 -23.29 -30.76 -2.95
CA SER B 295 -24.64 -30.70 -2.38
C SER B 295 -24.77 -30.07 -1.01
N ARG B 296 -23.67 -29.97 -0.28
CA ARG B 296 -23.66 -29.39 1.07
C ARG B 296 -23.62 -27.84 1.03
N GLY B 297 -23.18 -27.27 -0.10
CA GLY B 297 -23.29 -25.82 -0.30
C GLY B 297 -22.29 -24.93 0.44
N LEU B 298 -21.27 -25.53 1.05
CA LEU B 298 -20.34 -24.76 1.90
C LEU B 298 -19.20 -24.10 1.12
N GLN B 299 -18.67 -22.99 1.66
CA GLN B 299 -17.51 -22.35 1.03
C GLN B 299 -16.19 -22.89 1.56
N GLY B 300 -15.24 -23.13 0.66
CA GLY B 300 -13.88 -23.49 1.05
C GLY B 300 -13.22 -22.34 1.79
N VAL B 301 -12.23 -22.68 2.61
CA VAL B 301 -11.54 -21.70 3.48
C VAL B 301 -10.04 -22.03 3.49
N LYS B 302 -9.20 -21.02 3.75
CA LYS B 302 -7.78 -21.30 3.95
C LYS B 302 -7.59 -22.08 5.25
N VAL B 303 -6.84 -23.18 5.18
CA VAL B 303 -6.58 -24.01 6.37
C VAL B 303 -5.10 -24.06 6.77
N ALA B 304 -4.22 -23.59 5.88
CA ALA B 304 -2.80 -23.49 6.21
C ALA B 304 -2.02 -22.55 5.30
N GLU B 305 -1.03 -21.89 5.89
CA GLU B 305 -0.03 -21.12 5.15
C GLU B 305 1.21 -21.02 6.06
N ASP B 306 1.83 -22.17 6.33
CA ASP B 306 3.02 -22.23 7.18
C ASP B 306 4.14 -21.40 6.59
N THR B 307 4.25 -21.43 5.27
CA THR B 307 5.19 -20.62 4.52
C THR B 307 4.41 -19.63 3.65
N THR B 308 4.80 -18.35 3.70
CA THR B 308 4.17 -17.29 2.90
C THR B 308 4.03 -17.66 1.43
N GLY B 309 2.83 -17.52 0.90
CA GLY B 309 2.54 -17.76 -0.49
C GLY B 309 2.29 -19.23 -0.81
N LEU B 310 2.44 -20.12 0.18
CA LEU B 310 2.18 -21.55 -0.05
C LEU B 310 0.97 -21.94 0.80
N GLN B 311 -0.15 -22.18 0.13
CA GLN B 311 -1.44 -22.23 0.84
C GLN B 311 -2.20 -23.51 0.58
N ALA B 312 -2.90 -23.98 1.62
CA ALA B 312 -3.90 -25.03 1.49
C ALA B 312 -5.29 -24.47 1.80
N TYR B 313 -6.21 -24.67 0.86
CA TYR B 313 -7.62 -24.35 1.06
C TYR B 313 -8.41 -25.66 1.16
N GLY B 314 -9.32 -25.72 2.12
CA GLY B 314 -10.13 -26.93 2.31
C GLY B 314 -11.61 -26.63 2.21
N LYS B 315 -12.35 -27.56 1.60
CA LYS B 315 -13.78 -27.44 1.50
C LYS B 315 -14.42 -28.68 2.09
N VAL B 316 -15.37 -28.47 2.98
CA VAL B 316 -16.13 -29.58 3.57
C VAL B 316 -17.20 -30.01 2.59
N LEU B 317 -17.11 -31.27 2.15
CA LEU B 317 -18.01 -31.83 1.14
C LEU B 317 -19.14 -32.63 1.76
N SER B 318 -20.13 -32.99 0.93
CA SER B 318 -21.27 -33.81 1.33
C SER B 318 -20.77 -35.16 1.86
N GLY B 319 -21.62 -35.81 2.66
CA GLY B 319 -21.23 -37.06 3.32
C GLY B 319 -20.37 -36.77 4.53
N THR B 320 -19.68 -37.81 4.99
CA THR B 320 -18.91 -37.76 6.23
C THR B 320 -17.44 -38.05 5.92
N GLY B 321 -16.54 -37.22 6.46
CA GLY B 321 -15.09 -37.43 6.28
C GLY B 321 -14.56 -37.12 4.89
N ASN B 322 -15.24 -36.23 4.18
CA ASN B 322 -14.91 -35.90 2.78
C ASN B 322 -14.55 -34.42 2.64
N ARG B 323 -13.43 -34.16 1.97
CA ARG B 323 -12.93 -32.80 1.78
C ARG B 323 -12.44 -32.64 0.37
N ALA B 324 -12.48 -31.41 -0.14
CA ALA B 324 -11.69 -31.04 -1.32
C ALA B 324 -10.59 -30.11 -0.83
N VAL B 325 -9.46 -30.12 -1.53
CA VAL B 325 -8.29 -29.31 -1.14
C VAL B 325 -7.68 -28.68 -2.39
N VAL B 326 -7.37 -27.38 -2.31
CA VAL B 326 -6.55 -26.77 -3.33
C VAL B 326 -5.24 -26.34 -2.67
N LEU B 327 -4.12 -26.83 -3.22
CA LEU B 327 -2.79 -26.38 -2.83
C LEU B 327 -2.40 -25.30 -3.83
N LEU B 328 -2.16 -24.08 -3.34
CA LEU B 328 -1.90 -22.93 -4.20
C LEU B 328 -0.54 -22.30 -3.90
N ASN B 329 0.24 -22.09 -4.96
CA ASN B 329 1.59 -21.55 -4.84
C ASN B 329 1.65 -20.17 -5.47
N ARG B 330 1.61 -19.13 -4.63
CA ARG B 330 1.65 -17.74 -5.12
C ARG B 330 3.07 -17.20 -5.28
N THR B 331 4.08 -18.04 -5.05
CA THR B 331 5.49 -17.60 -5.12
C THR B 331 6.03 -17.80 -6.53
N SER B 332 7.28 -17.38 -6.74
CA SER B 332 7.89 -17.43 -8.07
C SER B 332 8.73 -18.70 -8.30
N ALA B 333 8.65 -19.65 -7.37
CA ALA B 333 9.37 -20.92 -7.48
C ALA B 333 8.48 -22.11 -7.11
N ALA B 334 8.74 -23.26 -7.73
CA ALA B 334 8.03 -24.49 -7.38
C ALA B 334 8.38 -24.90 -5.95
N HIS B 335 7.40 -25.37 -5.20
CA HIS B 335 7.62 -25.77 -3.80
C HIS B 335 6.64 -26.86 -3.39
N ASP B 336 7.02 -27.68 -2.42
CA ASP B 336 6.11 -28.62 -1.80
C ASP B 336 5.09 -27.87 -0.94
N ILE B 337 3.85 -28.32 -0.99
CA ILE B 337 2.81 -27.79 -0.13
C ILE B 337 2.13 -28.95 0.57
N THR B 338 1.96 -28.84 1.88
CA THR B 338 1.34 -29.87 2.70
C THR B 338 -0.02 -29.44 3.24
N VAL B 339 -0.97 -30.37 3.25
CA VAL B 339 -2.22 -30.19 4.00
C VAL B 339 -2.32 -31.26 5.08
N ARG B 340 -2.71 -30.86 6.30
CA ARG B 340 -2.86 -31.80 7.43
C ARG B 340 -4.32 -32.14 7.69
N TRP B 341 -4.60 -33.40 8.00
CA TRP B 341 -5.97 -33.81 8.38
C TRP B 341 -6.51 -32.94 9.52
N SER B 342 -5.67 -32.67 10.53
CA SER B 342 -6.08 -31.86 11.66
C SER B 342 -6.62 -30.50 11.22
N ASP B 343 -5.95 -29.86 10.27
CA ASP B 343 -6.41 -28.53 9.81
C ASP B 343 -7.76 -28.57 9.09
N LEU B 344 -8.06 -29.72 8.49
CA LEU B 344 -9.32 -29.96 7.77
C LEU B 344 -10.46 -30.39 8.69
N GLY B 345 -10.19 -30.53 9.98
CA GLY B 345 -11.25 -30.96 10.91
C GLY B 345 -11.51 -32.45 10.81
N LEU B 346 -10.50 -33.21 10.41
CA LEU B 346 -10.54 -34.67 10.42
C LEU B 346 -9.66 -35.15 11.57
N THR B 347 -9.95 -36.33 12.11
CA THR B 347 -9.02 -36.93 13.07
C THR B 347 -7.86 -37.52 12.27
N ASN B 348 -6.83 -37.96 13.00
CA ASN B 348 -5.70 -38.64 12.38
C ASN B 348 -6.01 -40.10 12.08
N ALA B 349 -6.97 -40.31 11.19
CA ALA B 349 -7.36 -41.63 10.73
C ALA B 349 -7.22 -41.71 9.21
N SER B 350 -7.08 -42.93 8.69
CA SER B 350 -6.78 -43.12 7.28
C SER B 350 -7.83 -42.48 6.37
N ALA B 351 -7.36 -41.79 5.33
CA ALA B 351 -8.20 -41.23 4.28
C ALA B 351 -7.49 -41.34 2.93
N THR B 352 -8.27 -41.37 1.84
CA THR B 352 -7.73 -41.51 0.48
C THR B 352 -7.62 -40.17 -0.24
N VAL B 353 -6.47 -39.94 -0.86
CA VAL B 353 -6.19 -38.69 -1.59
C VAL B 353 -6.28 -38.95 -3.10
N ARG B 354 -7.00 -38.05 -3.79
CA ARG B 354 -7.18 -38.16 -5.24
C ARG B 354 -6.84 -36.83 -5.88
N ASP B 355 -6.07 -36.88 -6.97
CA ASP B 355 -5.72 -35.70 -7.75
C ASP B 355 -6.76 -35.56 -8.86
N LEU B 356 -7.49 -34.45 -8.86
CA LEU B 356 -8.66 -34.28 -9.73
C LEU B 356 -8.32 -33.92 -11.16
N TRP B 357 -7.08 -33.50 -11.42
CA TRP B 357 -6.64 -33.27 -12.81
C TRP B 357 -5.91 -34.49 -13.39
N ALA B 358 -5.14 -35.18 -12.56
CA ALA B 358 -4.51 -36.45 -12.93
C ALA B 358 -5.52 -37.61 -13.02
N ARG B 359 -6.70 -37.42 -12.42
CA ARG B 359 -7.77 -38.44 -12.34
C ARG B 359 -7.24 -39.73 -11.72
N GLN B 360 -6.60 -39.60 -10.58
CA GLN B 360 -5.80 -40.68 -10.02
C GLN B 360 -5.80 -40.59 -8.51
N ASN B 361 -6.09 -41.73 -7.87
CA ASN B 361 -5.86 -41.87 -6.45
C ASN B 361 -4.35 -41.88 -6.19
N VAL B 362 -3.88 -40.95 -5.37
CA VAL B 362 -2.43 -40.75 -5.21
C VAL B 362 -1.87 -41.21 -3.86
N GLY B 363 -2.70 -41.87 -3.07
CA GLY B 363 -2.22 -42.48 -1.83
C GLY B 363 -3.22 -42.37 -0.70
N THR B 364 -2.87 -42.95 0.44
CA THR B 364 -3.66 -42.85 1.64
C THR B 364 -2.76 -42.34 2.75
N SER B 365 -3.36 -41.73 3.77
CA SER B 365 -2.62 -41.25 4.94
C SER B 365 -3.56 -41.08 6.11
N ALA B 366 -3.02 -41.25 7.32
CA ALA B 366 -3.73 -40.92 8.54
C ALA B 366 -3.34 -39.55 9.09
N THR B 367 -2.47 -38.82 8.39
CA THR B 367 -2.01 -37.52 8.91
C THR B 367 -2.11 -36.34 7.93
N GLY B 368 -1.83 -36.58 6.65
CA GLY B 368 -1.73 -35.47 5.71
C GLY B 368 -1.20 -35.85 4.35
N TYR B 369 -1.00 -34.86 3.49
CA TYR B 369 -0.54 -35.11 2.13
C TYR B 369 0.27 -33.92 1.63
N THR B 370 1.34 -34.23 0.90
CA THR B 370 2.25 -33.22 0.36
C THR B 370 2.43 -33.39 -1.14
N ALA B 371 2.39 -32.28 -1.87
CA ALA B 371 2.58 -32.33 -3.31
C ALA B 371 3.45 -31.18 -3.75
N SER B 372 4.21 -31.41 -4.83
CA SER B 372 4.98 -30.37 -5.47
C SER B 372 4.03 -29.50 -6.29
N VAL B 373 4.10 -28.20 -6.10
CA VAL B 373 3.22 -27.27 -6.82
C VAL B 373 4.07 -26.23 -7.57
N PRO B 374 3.83 -26.08 -8.89
CA PRO B 374 4.63 -25.13 -9.69
C PRO B 374 4.42 -23.67 -9.26
N ALA B 375 5.40 -22.82 -9.56
CA ALA B 375 5.27 -21.37 -9.32
C ALA B 375 3.98 -20.86 -9.96
N GLY B 376 3.16 -20.16 -9.18
CA GLY B 376 1.89 -19.61 -9.68
C GLY B 376 0.83 -20.67 -9.95
N GLY B 377 1.17 -21.92 -9.66
CA GLY B 377 0.30 -23.06 -9.99
C GLY B 377 -0.53 -23.57 -8.83
N SER B 378 -1.28 -24.64 -9.09
CA SER B 378 -2.13 -25.24 -8.06
C SER B 378 -2.36 -26.71 -8.30
N VAL B 379 -2.68 -27.43 -7.23
CA VAL B 379 -3.06 -28.82 -7.32
C VAL B 379 -4.43 -28.95 -6.66
N MET B 380 -5.31 -29.72 -7.28
CA MET B 380 -6.63 -29.95 -6.71
C MET B 380 -6.81 -31.41 -6.31
N LEU B 381 -7.27 -31.60 -5.08
CA LEU B 381 -7.38 -32.92 -4.47
C LEU B 381 -8.75 -33.12 -3.84
N THR B 382 -9.13 -34.38 -3.67
CA THR B 382 -10.08 -34.71 -2.62
C THR B 382 -9.42 -35.60 -1.57
N VAL B 383 -9.92 -35.50 -0.34
CA VAL B 383 -9.51 -36.36 0.75
C VAL B 383 -10.81 -36.98 1.22
N THR B 384 -10.97 -38.28 0.98
CA THR B 384 -12.25 -38.95 1.24
C THR B 384 -12.15 -40.18 2.14
N GLY B 385 -13.26 -40.53 2.77
CA GLY B 385 -13.33 -41.70 3.66
C GLY B 385 -12.62 -41.52 4.98
N GLY B 386 -12.40 -40.28 5.38
CA GLY B 386 -11.71 -39.97 6.62
C GLY B 386 -12.68 -40.00 7.79
N THR B 387 -12.16 -39.66 8.97
CA THR B 387 -13.00 -39.60 10.16
C THR B 387 -13.12 -38.16 10.64
N GLU B 388 -14.34 -37.72 10.87
CA GLU B 388 -14.61 -36.36 11.35
C GLU B 388 -14.07 -36.17 12.77
N ALA B 389 -13.58 -34.95 13.05
CA ALA B 389 -13.14 -34.61 14.40
C ALA B 389 -14.34 -34.71 15.33
N ALA B 390 -14.07 -35.02 16.61
CA ALA B 390 -15.12 -35.13 17.60
C ALA B 390 -15.94 -33.85 17.59
N GLY B 391 -17.25 -33.98 17.58
CA GLY B 391 -18.13 -32.82 17.56
C GLY B 391 -18.96 -32.73 18.82
N GLY B 392 -19.64 -31.62 19.00
CA GLY B 392 -20.57 -31.44 20.09
C GLY B 392 -21.98 -31.51 19.56
N ALA B 393 -22.84 -32.25 20.25
CA ALA B 393 -24.24 -32.33 19.89
C ALA B 393 -25.07 -31.59 20.93
N TYR B 394 -26.00 -30.76 20.46
CA TYR B 394 -26.80 -29.89 21.34
C TYR B 394 -28.27 -29.93 21.03
N ALA B 395 -29.09 -29.78 22.07
CA ALA B 395 -30.53 -29.56 21.95
C ALA B 395 -30.83 -28.14 22.45
N ALA B 396 -31.84 -27.50 21.85
CA ALA B 396 -32.21 -26.11 22.18
C ALA B 396 -32.63 -25.93 23.64
N THR B 397 -32.21 -24.81 24.25
CA THR B 397 -32.57 -24.53 25.64
C THR B 397 -33.84 -23.68 25.72
N SER B 398 -34.12 -22.93 24.66
CA SER B 398 -35.43 -22.34 24.44
C SER B 398 -35.71 -22.44 22.96
N THR B 399 -36.94 -22.11 22.55
CA THR B 399 -37.33 -22.23 21.16
C THR B 399 -36.35 -21.49 20.25
N GLY B 400 -35.71 -22.24 19.37
CA GLY B 400 -34.84 -21.68 18.35
C GLY B 400 -33.48 -21.23 18.87
N ARG B 401 -33.18 -21.53 20.13
CA ARG B 401 -31.96 -21.03 20.77
C ARG B 401 -31.09 -22.16 21.29
N TYR B 402 -29.87 -22.28 20.76
CA TYR B 402 -28.88 -23.25 21.24
C TYR B 402 -27.84 -22.50 22.06
N THR B 403 -27.66 -22.90 23.32
CA THR B 403 -26.75 -22.18 24.23
C THR B 403 -25.67 -23.11 24.76
N GLY B 404 -24.66 -22.53 25.39
CA GLY B 404 -23.53 -23.31 25.91
C GLY B 404 -22.73 -23.98 24.82
N VAL B 405 -22.83 -23.48 23.59
CA VAL B 405 -22.11 -24.08 22.46
C VAL B 405 -20.60 -23.85 22.61
N THR B 406 -19.83 -24.93 22.47
CA THR B 406 -18.42 -24.92 22.90
C THR B 406 -17.43 -25.00 21.75
N ALA B 407 -16.33 -24.25 21.88
CA ALA B 407 -15.24 -24.30 20.92
C ALA B 407 -13.93 -24.33 21.69
N ALA B 408 -13.03 -25.24 21.28
CA ALA B 408 -11.70 -25.35 21.87
C ALA B 408 -10.88 -24.10 21.55
N SER B 409 -11.19 -23.51 20.40
CA SER B 409 -10.53 -22.29 19.95
C SER B 409 -11.54 -21.36 19.27
N THR B 410 -11.25 -20.06 19.32
CA THR B 410 -11.92 -19.11 18.44
C THR B 410 -11.64 -19.51 16.99
N GLY B 411 -12.66 -19.50 16.14
CA GLY B 411 -12.45 -19.86 14.73
C GLY B 411 -13.70 -20.43 14.09
N LEU B 412 -13.54 -20.93 12.87
CA LEU B 412 -14.68 -21.37 12.07
C LEU B 412 -15.10 -22.80 12.39
N ASN B 413 -16.40 -23.03 12.40
CA ASN B 413 -16.96 -24.35 12.70
C ASN B 413 -18.01 -24.70 11.66
N VAL B 414 -18.16 -26.00 11.41
CA VAL B 414 -19.28 -26.51 10.62
C VAL B 414 -20.40 -26.92 11.58
N VAL B 415 -21.61 -26.41 11.34
CA VAL B 415 -22.77 -26.77 12.13
C VAL B 415 -23.80 -27.45 11.24
N ASP B 416 -24.21 -28.66 11.63
CA ASP B 416 -25.27 -29.36 10.93
C ASP B 416 -26.54 -29.19 11.74
N VAL B 417 -27.53 -28.56 11.13
CA VAL B 417 -28.76 -28.18 11.81
C VAL B 417 -29.84 -29.19 11.44
N ALA B 418 -30.29 -29.97 12.43
CA ALA B 418 -31.36 -30.97 12.20
C ALA B 418 -32.73 -30.32 12.20
N TYR B 419 -33.60 -30.74 11.27
CA TYR B 419 -34.90 -30.11 11.13
C TYR B 419 -35.83 -30.97 10.29
N THR B 420 -37.12 -30.64 10.35
CA THR B 420 -38.12 -31.21 9.46
C THR B 420 -38.84 -30.09 8.72
N ASN B 421 -38.87 -30.18 7.41
CA ASN B 421 -39.70 -29.29 6.59
C ASN B 421 -40.56 -30.18 5.70
N ASN B 422 -41.72 -30.54 6.24
CA ASN B 422 -42.62 -31.49 5.60
C ASN B 422 -43.63 -30.74 4.75
N THR B 423 -43.14 -29.79 3.96
CA THR B 423 -43.95 -29.01 3.04
C THR B 423 -43.31 -29.04 1.65
N SER B 424 -43.99 -28.45 0.68
CA SER B 424 -43.52 -28.48 -0.71
C SER B 424 -42.51 -27.40 -1.05
N SER B 425 -42.29 -26.44 -0.15
CA SER B 425 -41.38 -25.32 -0.42
C SER B 425 -40.30 -25.17 0.65
N ALA B 426 -39.14 -24.67 0.23
CA ALA B 426 -38.11 -24.28 1.20
C ALA B 426 -38.67 -23.22 2.13
N ARG B 427 -38.22 -23.25 3.39
CA ARG B 427 -38.55 -22.23 4.39
C ARG B 427 -37.26 -21.59 4.89
N THR B 428 -37.31 -20.30 5.19
CA THR B 428 -36.12 -19.60 5.68
C THR B 428 -36.21 -19.22 7.15
N ALA B 429 -35.04 -19.12 7.78
CA ALA B 429 -34.92 -18.61 9.16
C ALA B 429 -33.79 -17.59 9.19
N THR B 430 -33.89 -16.64 10.13
CA THR B 430 -32.73 -15.81 10.46
C THR B 430 -31.89 -16.54 11.51
N LEU B 431 -30.59 -16.64 11.24
CA LEU B 431 -29.64 -17.19 12.21
C LEU B 431 -28.75 -16.07 12.74
N GLN B 432 -28.56 -16.02 14.06
CA GLN B 432 -27.61 -15.10 14.65
C GLN B 432 -26.73 -15.83 15.66
N VAL B 433 -25.42 -15.75 15.44
CA VAL B 433 -24.45 -16.37 16.32
C VAL B 433 -23.96 -15.27 17.27
N ASN B 434 -24.13 -15.49 18.58
CA ASN B 434 -23.84 -14.45 19.57
C ASN B 434 -24.42 -13.10 19.14
N GLY B 435 -23.63 -12.03 19.21
CA GLY B 435 -24.09 -10.72 18.78
C GLY B 435 -23.56 -10.33 17.40
N GLN B 436 -23.16 -11.32 16.61
CA GLN B 436 -22.67 -11.08 15.25
C GLN B 436 -23.80 -10.63 14.33
N THR B 437 -23.40 -10.12 13.16
CA THR B 437 -24.33 -9.84 12.07
C THR B 437 -25.10 -11.14 11.74
N ALA B 438 -26.41 -11.01 11.58
CA ALA B 438 -27.26 -12.17 11.31
C ALA B 438 -27.19 -12.61 9.85
N THR B 439 -27.60 -13.85 9.59
CA THR B 439 -27.64 -14.37 8.23
C THR B 439 -28.97 -15.09 8.01
N THR B 440 -29.32 -15.31 6.75
CA THR B 440 -30.51 -16.09 6.45
C THR B 440 -30.12 -17.50 6.05
N VAL B 441 -30.88 -18.47 6.55
CA VAL B 441 -30.64 -19.88 6.24
C VAL B 441 -31.90 -20.45 5.58
N SER B 442 -31.71 -21.18 4.49
CA SER B 442 -32.81 -21.84 3.80
C SER B 442 -32.88 -23.34 4.11
N PHE B 443 -34.10 -23.84 4.34
CA PHE B 443 -34.34 -25.21 4.72
C PHE B 443 -35.19 -25.91 3.66
N PRO B 444 -34.55 -26.66 2.74
CA PRO B 444 -35.31 -27.34 1.69
C PRO B 444 -36.29 -28.38 2.24
N PRO B 445 -37.31 -28.77 1.44
CA PRO B 445 -38.23 -29.82 1.86
C PRO B 445 -37.50 -31.12 2.26
N THR B 446 -38.00 -31.76 3.32
CA THR B 446 -37.43 -32.99 3.85
C THR B 446 -38.34 -34.21 3.71
N GLY B 447 -39.63 -33.97 3.54
CA GLY B 447 -40.62 -35.02 3.72
C GLY B 447 -40.85 -35.17 5.22
N ALA B 448 -41.41 -36.31 5.63
CA ALA B 448 -41.88 -36.45 7.01
C ALA B 448 -40.77 -36.65 8.04
N SER B 449 -39.63 -37.16 7.59
CA SER B 449 -38.50 -37.39 8.49
C SER B 449 -37.45 -36.27 8.40
N ALA B 450 -36.65 -36.14 9.46
CA ALA B 450 -35.66 -35.07 9.58
C ALA B 450 -34.47 -35.22 8.64
N GLY B 451 -33.79 -34.09 8.44
CA GLY B 451 -32.52 -34.06 7.73
C GLY B 451 -31.70 -32.90 8.29
N THR B 452 -30.50 -32.70 7.76
CA THR B 452 -29.70 -31.54 8.16
C THR B 452 -29.38 -30.65 6.97
N VAL B 453 -29.24 -29.35 7.23
CA VAL B 453 -28.47 -28.47 6.36
C VAL B 453 -27.27 -28.02 7.17
N SER B 454 -26.22 -27.57 6.48
CA SER B 454 -25.00 -27.16 7.14
C SER B 454 -24.71 -25.69 6.94
N VAL B 455 -24.14 -25.07 7.96
CA VAL B 455 -23.65 -23.71 7.85
C VAL B 455 -22.24 -23.65 8.44
N GLU B 456 -21.43 -22.73 7.95
CA GLU B 456 -20.19 -22.40 8.63
C GLU B 456 -20.42 -21.17 9.47
N VAL B 457 -19.97 -21.22 10.73
CA VAL B 457 -20.12 -20.13 11.68
C VAL B 457 -18.79 -19.88 12.38
N SER B 458 -18.57 -18.65 12.83
CA SER B 458 -17.37 -18.32 13.58
C SER B 458 -17.76 -18.27 15.06
N LEU B 459 -17.01 -18.98 15.90
CA LEU B 459 -17.32 -19.10 17.34
C LEU B 459 -16.19 -18.54 18.18
N SER B 460 -16.51 -18.05 19.37
CA SER B 460 -15.51 -17.63 20.37
C SER B 460 -15.07 -18.84 21.19
N LYS B 461 -13.78 -18.88 21.52
CA LYS B 461 -13.27 -19.90 22.42
C LYS B 461 -14.12 -19.94 23.70
N GLY B 462 -14.50 -21.15 24.10
CA GLY B 462 -15.22 -21.35 25.35
C GLY B 462 -16.59 -21.91 25.08
N SER B 463 -17.47 -21.83 26.07
CA SER B 463 -18.79 -22.44 25.98
C SER B 463 -19.91 -21.44 26.21
N ALA B 464 -19.68 -20.19 25.81
CA ALA B 464 -20.69 -19.15 25.92
C ALA B 464 -21.30 -18.76 24.56
N ASN B 465 -21.15 -19.63 23.56
CA ASN B 465 -21.70 -19.34 22.24
C ASN B 465 -23.18 -19.67 22.17
N THR B 466 -23.94 -18.81 21.50
CA THR B 466 -25.37 -19.01 21.27
C THR B 466 -25.65 -18.93 19.78
N LEU B 467 -26.48 -19.87 19.30
CA LEU B 467 -27.00 -19.81 17.94
C LEU B 467 -28.51 -19.67 18.05
N ALA B 468 -29.03 -18.52 17.60
CA ALA B 468 -30.45 -18.21 17.72
C ALA B 468 -31.08 -18.16 16.33
N LEU B 469 -32.14 -18.95 16.16
CA LEU B 469 -32.91 -18.95 14.92
C LEU B 469 -34.27 -18.31 15.11
N SER B 470 -34.66 -17.46 14.16
CA SER B 470 -35.96 -16.81 14.18
C SER B 470 -36.70 -17.11 12.90
N GLY B 471 -37.94 -17.60 13.02
CA GLY B 471 -38.72 -18.02 11.86
C GLY B 471 -38.29 -19.39 11.38
N GLY B 472 -38.98 -19.91 10.36
CA GLY B 472 -38.64 -21.20 9.77
C GLY B 472 -39.09 -22.40 10.54
N PRO B 473 -38.65 -23.60 10.11
CA PRO B 473 -39.04 -24.87 10.72
C PRO B 473 -38.45 -25.03 12.11
N ALA B 474 -39.12 -25.82 12.96
CA ALA B 474 -38.54 -26.24 14.22
C ALA B 474 -37.30 -27.05 13.92
N THR B 475 -36.18 -26.68 14.55
CA THR B 475 -34.95 -27.44 14.44
C THR B 475 -34.86 -28.41 15.62
N GLU B 476 -34.17 -29.52 15.43
CA GLU B 476 -34.23 -30.66 16.36
C GLU B 476 -32.86 -31.07 16.89
N GLY B 477 -31.96 -30.09 16.98
CA GLY B 477 -30.60 -30.35 17.43
C GLY B 477 -29.58 -29.81 16.45
N ILE B 478 -28.36 -29.62 16.96
CA ILE B 478 -27.24 -29.23 16.13
C ILE B 478 -26.01 -30.06 16.48
N THR B 479 -25.16 -30.30 15.48
CA THR B 479 -23.84 -30.88 15.69
C THR B 479 -22.81 -29.85 15.26
N VAL B 480 -21.82 -29.62 16.11
CA VAL B 480 -20.79 -28.61 15.89
C VAL B 480 -19.42 -29.27 15.80
N ARG B 481 -18.71 -29.03 14.71
CA ARG B 481 -17.33 -29.51 14.55
C ARG B 481 -16.39 -28.40 14.09
N PRO B 482 -15.19 -28.31 14.71
CA PRO B 482 -14.28 -27.23 14.33
C PRO B 482 -13.54 -27.48 13.02
N LEU B 483 -13.08 -26.39 12.41
CA LEU B 483 -12.11 -26.46 11.32
C LEU B 483 -10.84 -25.82 11.86
N PRO B 484 -9.95 -26.63 12.47
CA PRO B 484 -8.80 -26.06 13.20
C PRO B 484 -7.84 -25.23 12.35
N GLY B 485 -7.77 -25.49 11.05
CA GLY B 485 -6.95 -24.68 10.14
C GLY B 485 -7.30 -23.21 10.19
N THR B 486 -8.55 -22.91 10.57
CA THR B 486 -9.05 -21.53 10.62
C THR B 486 -8.92 -20.89 12.01
N ASN B 487 -8.29 -21.59 12.95
CA ASN B 487 -8.21 -21.11 14.34
C ASN B 487 -7.62 -19.70 14.44
N GLY B 488 -8.23 -18.88 15.27
CA GLY B 488 -7.72 -17.56 15.58
C GLY B 488 -7.90 -17.31 17.07
N ALA B 489 -7.97 -16.05 17.43
CA ALA B 489 -8.18 -15.66 18.81
C ALA B 489 -8.81 -14.29 18.86
N LEU B 490 -9.64 -14.08 19.87
CA LEU B 490 -10.14 -12.74 20.18
C LEU B 490 -8.98 -11.98 20.80
N VAL B 491 -8.92 -10.68 20.53
CA VAL B 491 -7.93 -9.83 21.17
C VAL B 491 -8.76 -8.89 22.03
N THR B 492 -8.82 -9.14 23.34
CA THR B 492 -9.75 -8.43 24.21
C THR B 492 -9.04 -7.40 25.09
N GLY B 493 -9.53 -6.16 25.05
CA GLY B 493 -8.95 -5.07 25.85
C GLY B 493 -9.23 -5.22 27.33
N LYS B 494 -8.18 -5.15 28.15
CA LYS B 494 -8.33 -5.29 29.60
C LYS B 494 -9.30 -4.26 30.18
N GLN B 495 -9.08 -2.98 29.86
CA GLN B 495 -9.92 -1.89 30.41
C GLN B 495 -11.39 -1.98 29.97
N SER B 496 -11.60 -2.25 28.68
CA SER B 496 -12.94 -2.19 28.09
C SER B 496 -13.72 -3.49 28.17
N GLY B 497 -12.99 -4.61 28.16
CA GLY B 497 -13.62 -5.92 28.02
C GLY B 497 -14.19 -6.11 26.62
N ARG B 498 -13.74 -5.27 25.69
CA ARG B 498 -14.17 -5.33 24.29
C ARG B 498 -13.07 -5.84 23.37
N CYS B 499 -13.47 -6.29 22.17
CA CYS B 499 -12.58 -7.00 21.27
C CYS B 499 -12.08 -6.14 20.11
N ALA B 500 -10.86 -6.40 19.63
CA ALA B 500 -10.35 -5.74 18.42
C ALA B 500 -11.20 -6.23 17.26
N ASP B 501 -11.76 -5.28 16.50
CA ASP B 501 -12.88 -5.54 15.61
C ASP B 501 -12.70 -4.71 14.35
N ILE B 502 -13.07 -5.26 13.19
CA ILE B 502 -13.14 -4.43 11.99
C ILE B 502 -14.61 -4.23 11.64
N TYR B 503 -15.02 -2.97 11.61
CA TYR B 503 -16.44 -2.61 11.49
C TYR B 503 -17.21 -3.35 10.38
N ASN B 504 -18.31 -4.00 10.77
CA ASN B 504 -19.30 -4.49 9.81
C ASN B 504 -18.71 -5.49 8.79
N ASN B 505 -17.65 -6.21 9.19
CA ASN B 505 -16.99 -7.20 8.31
C ASN B 505 -16.43 -6.59 7.02
N THR B 506 -15.96 -5.35 7.14
CA THR B 506 -15.30 -4.65 6.03
C THR B 506 -13.95 -5.28 5.75
N ILE B 507 -13.55 -5.30 4.47
CA ILE B 507 -12.27 -5.89 4.09
C ILE B 507 -11.32 -4.89 3.44
N THR B 508 -11.79 -3.66 3.25
CA THR B 508 -11.05 -2.63 2.53
C THR B 508 -9.72 -2.28 3.18
N ASN B 509 -8.65 -2.30 2.39
CA ASN B 509 -7.35 -1.79 2.85
C ASN B 509 -7.50 -0.42 3.50
N GLY B 510 -6.94 -0.27 4.70
CA GLY B 510 -6.89 1.01 5.39
C GLY B 510 -7.99 1.20 6.42
N THR B 511 -8.88 0.21 6.52
CA THR B 511 -9.97 0.26 7.52
C THR B 511 -9.36 0.15 8.91
N GLN B 512 -9.67 1.13 9.76
CA GLN B 512 -9.04 1.21 11.09
C GLN B 512 -9.72 0.27 12.09
N ALA B 513 -8.90 -0.44 12.86
CA ALA B 513 -9.41 -1.33 13.92
C ALA B 513 -10.10 -0.53 15.02
N GLU B 514 -11.03 -1.18 15.73
CA GLU B 514 -11.84 -0.53 16.77
C GLU B 514 -12.12 -1.52 17.90
N LEU B 515 -12.58 -1.01 19.04
CA LEU B 515 -13.19 -1.86 20.04
C LEU B 515 -14.64 -2.15 19.66
N TRP B 516 -15.07 -3.39 19.86
CA TRP B 516 -16.48 -3.75 19.77
C TRP B 516 -16.81 -4.86 20.74
N ASP B 517 -18.05 -4.88 21.23
CA ASP B 517 -18.59 -6.00 22.00
C ASP B 517 -18.10 -7.29 21.37
N CYS B 518 -17.53 -8.17 22.19
CA CYS B 518 -16.98 -9.45 21.72
C CYS B 518 -18.12 -10.33 21.24
N ASN B 519 -17.98 -10.86 20.02
CA ASN B 519 -19.02 -11.72 19.43
C ASN B 519 -18.48 -12.93 18.67
N GLY B 520 -17.16 -12.96 18.46
CA GLY B 520 -16.50 -14.11 17.85
C GLY B 520 -16.67 -14.24 16.34
N GLY B 521 -17.16 -13.17 15.70
CA GLY B 521 -17.31 -13.13 14.24
C GLY B 521 -15.97 -13.16 13.53
N PRO B 522 -15.97 -13.33 12.20
CA PRO B 522 -14.73 -13.41 11.42
C PRO B 522 -13.93 -12.11 11.50
N ASN B 523 -14.62 -11.00 11.73
CA ASN B 523 -13.99 -9.68 11.88
C ASN B 523 -13.38 -9.43 13.27
N GLN B 524 -13.34 -10.47 14.11
CA GLN B 524 -12.76 -10.41 15.46
C GLN B 524 -11.80 -11.57 15.74
N SER B 525 -11.65 -12.49 14.79
CA SER B 525 -10.84 -13.70 14.98
C SER B 525 -9.47 -13.52 14.33
N TRP B 526 -8.48 -13.19 15.16
CA TRP B 526 -7.13 -12.87 14.70
C TRP B 526 -6.21 -14.08 14.81
N THR B 527 -5.59 -14.45 13.69
CA THR B 527 -4.66 -15.57 13.68
C THR B 527 -3.22 -15.05 13.74
N TYR B 528 -2.54 -15.42 14.82
CA TYR B 528 -1.14 -15.02 15.02
C TYR B 528 -0.21 -16.02 14.35
N THR B 529 0.60 -15.56 13.41
CA THR B 529 1.42 -16.47 12.58
C THR B 529 2.86 -16.54 13.05
N SER B 530 3.61 -17.51 12.51
CA SER B 530 5.04 -17.66 12.84
C SER B 530 5.84 -16.44 12.38
N ARG B 531 5.22 -15.64 11.50
CA ARG B 531 5.81 -14.41 10.98
C ARG B 531 5.41 -13.19 11.81
N LYS B 532 4.76 -13.43 12.96
CA LYS B 532 4.31 -12.38 13.89
C LYS B 532 3.19 -11.49 13.35
N GLU B 533 2.50 -11.97 12.32
CA GLU B 533 1.37 -11.24 11.76
C GLU B 533 0.13 -11.56 12.57
N LEU B 534 -0.81 -10.60 12.63
CA LEU B 534 -2.13 -10.85 13.17
C LEU B 534 -3.13 -10.75 12.02
N VAL B 535 -3.61 -11.92 11.58
CA VAL B 535 -4.33 -12.08 10.32
C VAL B 535 -5.84 -12.23 10.50
N LEU B 536 -6.59 -11.47 9.71
CA LEU B 536 -8.03 -11.45 9.75
C LEU B 536 -8.53 -11.93 8.40
N TYR B 537 -9.62 -12.72 8.42
CA TYR B 537 -10.25 -13.26 7.22
C TYR B 537 -9.33 -14.18 6.42
N GLY B 538 -8.22 -14.61 7.02
CA GLY B 538 -7.21 -15.41 6.31
C GLY B 538 -6.28 -14.66 5.36
N ASN B 539 -6.54 -13.36 5.13
CA ASN B 539 -5.82 -12.63 4.09
C ASN B 539 -5.61 -11.12 4.32
N LYS B 540 -5.95 -10.62 5.50
CA LYS B 540 -5.68 -9.22 5.83
C LYS B 540 -4.80 -9.20 7.07
N CYS B 541 -3.87 -8.24 7.14
CA CYS B 541 -2.95 -8.16 8.28
C CYS B 541 -3.15 -6.90 9.09
N LEU B 542 -3.12 -7.03 10.42
CA LEU B 542 -3.14 -5.87 11.30
C LEU B 542 -1.87 -5.07 11.01
N ASP B 543 -2.03 -3.76 10.84
CA ASP B 543 -1.02 -2.98 10.14
C ASP B 543 -0.90 -1.59 10.76
N ALA B 544 0.32 -1.17 11.10
CA ALA B 544 0.57 0.21 11.54
C ALA B 544 0.69 1.05 10.29
N TYR B 545 -0.29 1.93 10.10
CA TYR B 545 -0.53 2.56 8.81
C TYR B 545 0.67 3.36 8.32
N ASN B 546 1.05 3.09 7.08
CA ASN B 546 2.18 3.73 6.40
C ASN B 546 3.49 3.66 7.20
N LEU B 547 3.68 2.54 7.91
CA LEU B 547 4.85 2.33 8.77
C LEU B 547 5.07 3.46 9.78
N GLY B 548 3.97 3.99 10.30
CA GLY B 548 4.01 5.07 11.27
C GLY B 548 4.73 4.64 12.55
N THR B 549 5.56 5.53 13.10
CA THR B 549 6.36 5.17 14.27
C THR B 549 6.12 6.07 15.48
N THR B 550 5.16 6.98 15.38
CA THR B 550 4.88 7.89 16.49
C THR B 550 3.46 7.75 17.05
N ASN B 551 3.26 8.29 18.26
CA ASN B 551 1.95 8.27 18.93
C ASN B 551 0.79 8.68 18.04
N GLY B 552 -0.24 7.82 17.99
CA GLY B 552 -1.45 8.14 17.24
C GLY B 552 -1.49 7.51 15.87
N THR B 553 -0.42 6.83 15.48
CA THR B 553 -0.39 6.10 14.20
C THR B 553 -1.60 5.17 14.17
N LYS B 554 -2.38 5.22 13.09
CA LYS B 554 -3.59 4.41 13.00
C LYS B 554 -3.25 2.94 12.85
N VAL B 555 -4.01 2.08 13.52
CA VAL B 555 -3.85 0.64 13.32
C VAL B 555 -5.02 0.17 12.45
N VAL B 556 -4.69 -0.40 11.28
CA VAL B 556 -5.67 -0.70 10.23
C VAL B 556 -5.52 -2.15 9.79
N ILE B 557 -6.40 -2.63 8.90
CA ILE B 557 -6.09 -3.87 8.19
C ILE B 557 -5.54 -3.51 6.81
N TRP B 558 -4.63 -4.34 6.31
CA TRP B 558 -4.06 -4.18 4.98
C TRP B 558 -3.68 -5.55 4.45
N ASP B 559 -3.72 -5.71 3.13
CA ASP B 559 -3.19 -6.92 2.50
C ASP B 559 -1.81 -7.22 3.10
N CYS B 560 -1.59 -8.48 3.46
CA CYS B 560 -0.33 -8.88 4.07
C CYS B 560 0.83 -8.73 3.07
N ASN B 561 1.91 -8.06 3.49
CA ASN B 561 3.01 -7.72 2.58
C ASN B 561 4.40 -8.03 3.11
N GLY B 562 4.47 -8.70 4.26
CA GLY B 562 5.74 -9.09 4.87
C GLY B 562 6.51 -7.98 5.58
N GLN B 563 5.95 -6.78 5.64
CA GLN B 563 6.65 -5.62 6.21
C GLN B 563 6.62 -5.61 7.74
N ALA B 564 7.60 -4.91 8.34
CA ALA B 564 7.75 -4.88 9.79
C ALA B 564 6.60 -4.16 10.51
N ASN B 565 5.89 -3.27 9.80
CA ASN B 565 4.73 -2.61 10.39
C ASN B 565 3.53 -3.55 10.51
N GLN B 566 3.67 -4.76 9.96
CA GLN B 566 2.64 -5.80 10.09
C GLN B 566 3.06 -6.91 11.07
N LYS B 567 4.14 -6.67 11.81
CA LYS B 567 4.63 -7.67 12.76
C LYS B 567 4.40 -7.21 14.18
N TRP B 568 4.02 -8.14 15.05
CA TRP B 568 3.59 -7.78 16.41
C TRP B 568 4.15 -8.75 17.43
N ASN B 569 4.57 -8.20 18.56
CA ASN B 569 5.00 -9.01 19.70
C ASN B 569 3.89 -9.09 20.74
N ILE B 570 3.57 -10.31 21.16
CA ILE B 570 2.57 -10.53 22.20
C ILE B 570 3.33 -10.75 23.51
N ASN B 571 3.41 -9.71 24.33
CA ASN B 571 4.34 -9.69 25.46
C ASN B 571 3.76 -10.24 26.75
N SER B 572 4.65 -10.65 27.66
CA SER B 572 4.23 -11.25 28.93
C SER B 572 3.46 -10.29 29.83
N ASP B 573 3.68 -8.99 29.66
CA ASP B 573 3.00 -8.00 30.49
C ASP B 573 1.60 -7.62 29.98
N GLY B 574 1.15 -8.26 28.91
CA GLY B 574 -0.20 -8.01 28.41
C GLY B 574 -0.27 -7.00 27.28
N THR B 575 0.87 -6.38 26.97
CA THR B 575 0.94 -5.45 25.84
C THR B 575 1.13 -6.19 24.52
N ILE B 576 0.73 -5.53 23.44
CA ILE B 576 0.97 -6.02 22.09
C ILE B 576 1.68 -4.89 21.35
N THR B 577 2.93 -5.12 20.97
CA THR B 577 3.76 -4.05 20.42
C THR B 577 4.04 -4.28 18.95
N ASN B 578 4.08 -3.18 18.20
CA ASN B 578 4.44 -3.20 16.79
C ASN B 578 5.96 -3.36 16.65
N VAL B 579 6.40 -4.28 15.80
CA VAL B 579 7.83 -4.58 15.67
C VAL B 579 8.61 -3.41 15.08
N ASN B 580 8.05 -2.80 14.04
CA ASN B 580 8.71 -1.70 13.34
C ASN B 580 9.00 -0.52 14.26
N ALA B 581 8.02 -0.23 15.11
CA ALA B 581 7.97 1.02 15.84
C ALA B 581 8.25 0.88 17.33
N GLY B 582 7.99 -0.31 17.89
CA GLY B 582 8.13 -0.53 19.32
C GLY B 582 6.95 -0.06 20.17
N LEU B 583 5.98 0.60 19.54
CA LEU B 583 4.83 1.16 20.24
C LEU B 583 3.74 0.11 20.53
N CYS B 584 2.90 0.40 21.51
CA CYS B 584 1.84 -0.49 21.98
C CYS B 584 0.51 -0.29 21.25
N LEU B 585 -0.17 -1.40 20.96
CA LEU B 585 -1.57 -1.35 20.52
C LEU B 585 -2.39 -0.72 21.65
N ASP B 586 -3.19 0.28 21.31
CA ASP B 586 -3.75 1.23 22.28
C ASP B 586 -5.19 1.62 21.91
N ALA B 587 -6.13 1.47 22.86
CA ALA B 587 -7.49 1.98 22.66
C ALA B 587 -7.50 3.47 22.92
N TYR B 588 -7.72 4.25 21.87
CA TYR B 588 -7.49 5.70 21.87
C TYR B 588 -8.18 6.45 23.02
N ASN B 589 -7.40 7.26 23.73
CA ASN B 589 -7.83 8.07 24.89
C ASN B 589 -8.46 7.27 26.04
N ALA B 590 -8.09 5.99 26.12
CA ALA B 590 -8.65 5.05 27.11
C ALA B 590 -10.18 5.09 27.13
N ALA B 591 -10.78 5.28 25.96
CA ALA B 591 -12.22 5.11 25.80
C ALA B 591 -12.51 3.61 25.76
N THR B 592 -13.74 3.22 26.13
CA THR B 592 -14.11 1.80 26.24
C THR B 592 -15.29 1.44 25.34
N ALA B 593 -15.93 2.45 24.77
CA ALA B 593 -17.17 2.29 24.00
C ALA B 593 -16.97 1.53 22.70
N ASN B 594 -18.04 0.89 22.21
CA ASN B 594 -18.08 0.38 20.85
C ASN B 594 -17.63 1.47 19.89
N GLY B 595 -16.69 1.15 19.02
CA GLY B 595 -16.24 2.10 18.00
C GLY B 595 -14.99 2.89 18.34
N THR B 596 -14.46 2.71 19.55
CA THR B 596 -13.21 3.36 19.97
C THR B 596 -12.09 2.90 19.04
N SER B 597 -11.35 3.86 18.49
CA SER B 597 -10.29 3.56 17.53
C SER B 597 -9.05 2.95 18.18
N LEU B 598 -8.40 2.03 17.47
CA LEU B 598 -7.12 1.50 17.91
C LEU B 598 -5.98 2.22 17.19
N VAL B 599 -4.99 2.63 17.98
CA VAL B 599 -3.81 3.33 17.47
C VAL B 599 -2.56 2.71 18.08
N LEU B 600 -1.39 3.19 17.63
CA LEU B 600 -0.14 2.92 18.34
C LEU B 600 0.15 4.07 19.29
N TRP B 601 0.67 3.74 20.47
CA TRP B 601 1.04 4.75 21.46
C TRP B 601 2.18 4.21 22.29
N SER B 602 3.02 5.11 22.78
CA SER B 602 4.13 4.73 23.66
C SER B 602 3.59 3.90 24.81
N CYS B 603 4.26 2.78 25.08
CA CYS B 603 3.82 1.83 26.10
C CYS B 603 3.97 2.38 27.51
N GLY B 604 2.93 2.19 28.30
N GLY B 604 2.95 2.15 28.34
CA GLY B 604 2.93 2.53 29.73
CA GLY B 604 3.01 2.47 29.77
C GLY B 604 2.33 1.35 30.47
C GLY B 604 1.97 3.44 30.29
N THR B 605 1.65 1.64 31.57
N THR B 605 0.83 3.55 29.59
CA THR B 605 1.01 0.59 32.37
CA THR B 605 -0.18 4.53 29.97
C THR B 605 -0.51 0.64 32.27
C THR B 605 -1.34 3.95 30.77
N GLY B 606 -1.02 1.60 31.51
N GLY B 606 -1.54 2.64 30.66
CA GLY B 606 -2.46 1.83 31.35
CA GLY B 606 -2.63 1.99 31.38
C GLY B 606 -3.16 0.63 30.75
C GLY B 606 -3.19 0.72 30.77
N ASP B 607 -4.35 0.31 31.27
CA ASP B 607 -5.04 -0.92 30.87
C ASP B 607 -5.69 -0.86 29.48
N ASN B 608 -5.74 0.33 28.89
CA ASN B 608 -6.13 0.47 27.47
C ASN B 608 -5.03 0.01 26.52
N GLN B 609 -3.90 -0.42 27.08
CA GLN B 609 -2.81 -1.00 26.29
C GLN B 609 -2.56 -2.47 26.66
N LYS B 610 -3.46 -3.03 27.46
CA LYS B 610 -3.33 -4.42 27.91
C LYS B 610 -4.41 -5.22 27.25
N TRP B 611 -4.05 -6.43 26.82
CA TRP B 611 -4.93 -7.25 26.01
C TRP B 611 -4.82 -8.69 26.44
N THR B 612 -5.92 -9.43 26.27
CA THR B 612 -5.92 -10.86 26.41
C THR B 612 -6.15 -11.48 25.04
N VAL B 613 -5.38 -12.51 24.76
CA VAL B 613 -5.59 -13.29 23.55
C VAL B 613 -6.45 -14.49 23.97
N THR B 614 -7.66 -14.59 23.38
CA THR B 614 -8.58 -15.67 23.73
C THR B 614 -8.90 -16.56 22.52
C1 GAL C . 14.38 10.16 18.04
C2 GAL C . 15.43 10.64 17.04
C3 GAL C . 16.64 9.70 17.16
C4 GAL C . 17.19 9.75 18.59
C5 GAL C . 16.08 9.44 19.59
C6 GAL C . 16.50 9.69 21.05
O1 GAL C . 13.26 11.03 17.95
O2 GAL C . 14.88 10.68 15.75
O3 GAL C . 17.64 10.05 16.22
O4 GAL C . 17.71 11.05 18.78
O5 GAL C . 14.92 10.21 19.35
O6 GAL C . 15.54 9.29 22.03
C1 GOL D . 1.23 24.02 -4.24
O1 GOL D . 1.38 22.65 -3.88
C2 GOL D . 2.51 24.63 -4.80
O2 GOL D . 2.90 23.97 -5.97
C3 GOL D . 3.65 24.60 -3.77
O3 GOL D . 4.82 25.21 -4.29
C1 GOL E . -2.52 2.37 -3.40
O1 GOL E . -3.66 2.55 -4.20
C2 GOL E . -1.78 1.07 -3.75
O2 GOL E . -1.37 1.09 -5.09
C3 GOL E . -2.70 -0.13 -3.56
O3 GOL E . -2.03 -1.35 -3.76
C1 GOL F . -17.83 14.58 -11.83
O1 GOL F . -18.58 15.78 -11.96
C2 GOL F . -16.69 14.60 -12.85
O2 GOL F . -15.75 15.58 -12.43
C3 GOL F . -17.25 14.99 -14.22
O3 GOL F . -16.26 14.97 -15.23
C1 GOL G . 9.76 2.43 -10.59
O1 GOL G . 9.34 1.63 -11.69
C2 GOL G . 9.66 3.90 -10.95
O2 GOL G . 10.39 4.18 -12.12
C3 GOL G . 10.14 4.80 -9.82
O3 GOL G . 11.12 4.17 -9.04
C1 GOL H . 40.71 36.20 -6.17
O1 GOL H . 39.97 35.04 -6.46
C2 GOL H . 40.20 36.76 -4.84
O2 GOL H . 38.83 37.05 -4.94
C3 GOL H . 40.94 38.06 -4.56
O3 GOL H . 40.54 38.54 -3.29
C1 GOL I . 10.89 23.55 -1.45
O1 GOL I . 10.76 22.20 -1.03
C2 GOL I . 12.26 24.11 -1.08
O2 GOL I . 12.12 25.24 -0.23
C3 GOL I . 13.05 24.51 -2.31
O3 GOL I . 12.27 25.19 -3.29
C1 GOL J . 19.23 0.09 -17.19
O1 GOL J . 20.63 0.10 -17.40
C2 GOL J . 18.92 0.64 -15.81
O2 GOL J . 17.56 0.43 -15.48
C3 GOL J . 19.23 2.13 -15.69
O3 GOL J . 18.51 2.84 -16.68
C1 GOL K . 27.12 2.13 -22.41
O1 GOL K . 28.05 1.39 -21.66
C2 GOL K . 27.88 3.05 -23.38
O2 GOL K . 26.93 3.93 -23.94
C3 GOL K . 28.56 2.22 -24.45
O3 GOL K . 28.84 2.99 -25.59
C1 GOL L . 11.20 9.70 15.60
O1 GOL L . 11.38 9.19 14.29
C2 GOL L . 10.92 8.62 16.65
O2 GOL L . 10.00 7.72 16.10
C3 GOL L . 10.31 9.27 17.89
O3 GOL L . 11.23 9.28 18.97
C1 GOL M . 11.68 2.79 -5.17
O1 GOL M . 12.74 2.84 -6.11
C2 GOL M . 10.34 2.72 -5.87
O2 GOL M . 10.46 2.36 -7.23
C3 GOL M . 9.71 4.10 -5.84
O3 GOL M . 8.54 4.05 -5.08
C1 GOL N . 25.88 30.34 12.59
O1 GOL N . 25.33 29.95 11.34
C2 GOL N . 24.92 29.92 13.70
O2 GOL N . 23.95 30.92 13.86
C3 GOL N . 25.66 29.67 15.02
O3 GOL N . 27.03 29.36 14.85
C1 GOL O . 5.56 30.52 -15.57
O1 GOL O . 5.80 30.64 -14.18
C2 GOL O . 5.70 29.07 -16.00
O2 GOL O . 6.97 28.85 -16.57
C3 GOL O . 5.48 28.11 -14.83
O3 GOL O . 4.99 26.89 -15.31
C2 1PG P . 18.37 26.04 -23.10
O1 1PG P . 17.50 25.63 -24.17
O2 1PG P . 19.40 28.24 -22.92
C3 1PG P . 19.43 27.01 -23.64
C4 1PG P . 19.67 29.38 -23.74
C5 1PG P . 18.58 30.43 -23.59
O3 1PG P . 17.65 30.36 -24.67
C6 1PG P . 16.97 31.60 -24.93
C7 1PG P . 16.11 31.49 -26.19
O4 1PG P . 16.48 30.38 -27.01
C8 1PG P . 15.41 29.91 -27.82
C9 1PG P . 15.88 28.87 -28.82
O5 1PG P . 16.44 27.74 -28.15
C10 1PG P . 15.70 26.53 -28.39
C11 1PG P . 16.06 25.45 -27.37
O6 1PG P . 15.32 25.62 -26.16
S SO4 Q . 31.54 4.84 -26.82
O1 SO4 Q . 30.32 5.51 -27.27
O2 SO4 Q . 31.30 4.11 -25.56
O3 SO4 Q . 31.96 3.88 -27.82
O4 SO4 Q . 32.59 5.84 -26.61
S SO4 R . 26.05 44.53 -2.35
O1 SO4 R . 25.00 44.72 -3.35
O2 SO4 R . 25.44 44.60 -1.02
O3 SO4 R . 26.69 43.24 -2.56
O4 SO4 R . 27.03 45.59 -2.50
S SO4 S . 21.99 41.48 3.44
O1 SO4 S . 20.64 41.02 3.12
O2 SO4 S . 22.93 40.35 3.42
O3 SO4 S . 22.42 42.47 2.46
O4 SO4 S . 21.98 42.07 4.77
C1 GAL T . -20.32 -3.90 -14.51
C2 GAL T . -20.46 -5.36 -14.02
C3 GAL T . -19.96 -6.28 -15.14
C4 GAL T . -20.78 -6.05 -16.41
C5 GAL T . -20.70 -4.56 -16.78
C6 GAL T . -21.62 -4.24 -17.95
O1 GAL T . -20.80 -3.01 -13.53
O2 GAL T . -19.73 -5.54 -12.82
O3 GAL T . -20.05 -7.63 -14.76
O4 GAL T . -22.12 -6.45 -16.19
O5 GAL T . -21.08 -3.72 -15.70
O6 GAL T . -21.62 -2.86 -18.23
C1 GAL U . -4.32 8.98 26.61
C2 GAL U . -4.06 7.49 26.89
C3 GAL U . -3.05 6.92 25.89
C4 GAL U . -3.51 7.20 24.46
C5 GAL U . -3.78 8.70 24.29
C6 GAL U . -4.31 9.04 22.92
O1 GAL U . -5.36 9.43 27.47
O2 GAL U . -3.59 7.33 28.21
O3 GAL U . -2.89 5.54 26.08
O4 GAL U . -4.68 6.46 24.15
O5 GAL U . -4.71 9.16 25.26
O6 GAL U . -4.61 10.42 22.85
C1 GOL V . -19.24 -4.71 14.47
O1 GOL V . -18.12 -4.69 13.59
C2 GOL V . -19.75 -6.13 14.70
O2 GOL V . -18.71 -7.00 15.13
C3 GOL V . -20.36 -6.66 13.40
O3 GOL V . -20.79 -7.99 13.60
C1 GOL W . -0.03 0.06 4.81
O1 GOL W . 0.33 0.63 6.05
C2 GOL W . 1.18 -0.58 4.15
O2 GOL W . 1.68 -1.62 4.97
C3 GOL W . 2.24 0.48 3.91
O3 GOL W . 3.27 -0.03 3.11
C1 GOL X . 3.67 -25.48 3.74
O1 GOL X . 3.37 -26.80 3.34
C2 GOL X . 2.62 -24.51 3.23
O2 GOL X . 2.89 -23.20 3.67
C3 GOL X . 1.21 -24.90 3.67
O3 GOL X . 1.13 -24.83 5.08
C1 GOL Y . -1.72 -14.36 5.16
O1 GOL Y . -2.01 -14.42 3.78
C2 GOL Y . -0.34 -14.94 5.39
O2 GOL Y . -0.16 -15.17 6.78
C3 GOL Y . 0.72 -13.98 4.86
O3 GOL Y . 2.01 -14.35 5.31
C1 GOL Z . -28.02 -9.26 -36.89
O1 GOL Z . -27.40 -8.06 -36.50
C2 GOL Z . -29.26 -9.45 -36.02
O2 GOL Z . -28.88 -9.59 -34.68
C3 GOL Z . -30.02 -10.68 -36.47
O3 GOL Z . -30.73 -10.39 -37.66
C1 GOL AA . -2.21 -13.04 -0.36
O1 GOL AA . -2.14 -14.43 -0.17
C2 GOL AA . -2.61 -12.41 0.95
O2 GOL AA . -1.62 -12.64 1.93
C3 GOL AA . -2.78 -10.90 0.79
O3 GOL AA . -3.07 -10.41 2.07
C1 GOL BA . -0.97 -11.63 -15.30
O1 GOL BA . -1.32 -13.01 -15.21
C2 GOL BA . -0.15 -11.19 -14.10
O2 GOL BA . -0.88 -11.40 -12.92
C3 GOL BA . 0.16 -9.71 -14.25
O3 GOL BA . -0.89 -8.92 -13.73
N1 EPE CA . -15.69 -27.61 -28.67
C2 EPE CA . -16.36 -27.98 -29.95
C3 EPE CA . -17.18 -26.82 -30.50
N4 EPE CA . -16.44 -25.56 -30.51
C5 EPE CA . -15.66 -25.24 -29.32
C6 EPE CA . -14.83 -26.42 -28.82
C7 EPE CA . -16.98 -24.40 -31.21
C8 EPE CA . -17.49 -24.71 -32.63
O8 EPE CA . -18.85 -24.36 -32.72
C9 EPE CA . -14.85 -28.71 -28.19
C10 EPE CA . -15.72 -29.72 -27.47
S EPE CA . -14.77 -31.10 -26.80
O1S EPE CA . -13.98 -30.63 -25.67
O2S EPE CA . -15.70 -32.13 -26.36
O3S EPE CA . -13.88 -31.59 -27.86
C2 1PG DA . -41.14 -14.31 -38.01
O1 1PG DA . -41.54 -15.42 -38.82
O2 1PG DA . -39.33 -13.80 -36.49
C3 1PG DA . -39.64 -14.35 -37.78
C4 1PG DA . -38.02 -13.27 -36.43
C5 1PG DA . -37.29 -13.74 -35.18
O3 1PG DA . -36.21 -14.60 -35.52
C6 1PG DA . -34.93 -13.96 -35.51
C7 1PG DA . -34.10 -14.44 -36.70
O4 1PG DA . -33.39 -13.37 -37.33
C8 1PG DA . -34.07 -12.78 -38.45
C9 1PG DA . -33.83 -13.58 -39.73
O5 1PG DA . -34.54 -12.98 -40.82
C10 1PG DA . -35.77 -13.61 -41.15
C11 1PG DA . -35.54 -14.79 -42.11
O6 1PG DA . -36.36 -15.90 -41.70
S SO4 EA . -42.07 -19.76 8.35
O1 SO4 EA . -43.14 -19.05 7.65
O2 SO4 EA . -42.62 -20.54 9.46
O3 SO4 EA . -41.40 -20.67 7.42
O4 SO4 EA . -41.12 -18.78 8.88
S SO4 FA . -7.88 -28.64 -29.95
O1 SO4 FA . -9.15 -28.01 -30.33
O2 SO4 FA . -7.52 -28.28 -28.56
O3 SO4 FA . -7.90 -30.09 -30.15
O4 SO4 FA . -6.85 -28.07 -30.83
#